data_5G2P
#
_entry.id   5G2P
#
_cell.length_a   64.398
_cell.length_b   142.662
_cell.length_c   99.681
_cell.angle_alpha   90.00
_cell.angle_beta   105.33
_cell.angle_gamma   90.00
#
_symmetry.space_group_name_H-M   'P 1 21 1'
#
loop_
_entity.id
_entity.type
_entity.pdbx_description
1 polymer TRANSAMINASE
2 non-polymer 'CHLORIDE ION'
3 non-polymer "PYRIDOXAL-5'-PHOSPHATE"
4 water water
#
_entity_poly.entity_id   1
_entity_poly.type   'polypeptide(L)'
_entity_poly.pdbx_seq_one_letter_code
;MGLTVQKINWEQVKEWDRKYLMRTFSTQNEYQPVPIESTEGDYLITPGGTRLLDFFNQLCCVNLGQKNQKVNAAIKEALD
RYGFVWDTYATDYKAKAAKIIIEDILGDEDWPGKVRFVSTGSEAVETALNIARLYTNRPLVVTREHDYHGWTGGAATVTR
LRSFRSGLVGENSESFSAQIPGSSCSSAVLMAPSSNTFQDSNGNYLKDENGELLSVKYTRRMIENYGPEQVAAVITEVSQ
GVGSTMPPYEYVPQIRKMTKELGVLWISDEVLTGFGRTGKWFGYQHYGVQPDIITMGKGLSSSSLPAGAVVVSKEIAAFM
DKHRWESVSTYAGHPVAMAAVCANLEVMMEENLVEQAKNSGEYIRSKLELLQEKHKSIGNFDGYGLLWIVDIVNAKTKTP
YVKLDRNFRHGMNPNQIPTQIIMEKALEKGVLIGGAMPNTMRIGASLNVSRGDIDKAMDALDYALDYLESGEWQQSALEH
HHHHH
;
_entity_poly.pdbx_strand_id   A,B,C,D
#
# COMPACT_ATOMS: atom_id res chain seq x y z
N LYS A 7 45.48 21.66 -17.82
CA LYS A 7 46.17 20.46 -17.23
C LYS A 7 45.35 19.94 -16.05
N ILE A 8 45.13 18.64 -16.03
CA ILE A 8 44.30 18.02 -15.00
C ILE A 8 45.20 17.29 -13.99
N ASN A 9 45.02 17.60 -12.72
CA ASN A 9 45.71 16.88 -11.66
C ASN A 9 44.87 15.64 -11.30
N TRP A 10 45.16 14.52 -11.96
CA TRP A 10 44.35 13.31 -11.78
C TRP A 10 44.43 12.69 -10.37
N GLU A 11 45.53 12.96 -9.68
CA GLU A 11 45.67 12.54 -8.27
C GLU A 11 44.73 13.30 -7.38
N GLN A 12 44.59 14.59 -7.63
CA GLN A 12 43.58 15.37 -6.93
C GLN A 12 42.16 14.94 -7.26
N VAL A 13 41.88 14.64 -8.54
CA VAL A 13 40.58 14.11 -8.98
C VAL A 13 40.20 12.84 -8.19
N LYS A 14 41.15 11.93 -8.01
CA LYS A 14 40.89 10.70 -7.25
C LYS A 14 40.60 10.97 -5.77
N GLU A 15 41.32 11.93 -5.17
CA GLU A 15 41.10 12.28 -3.77
C GLU A 15 39.70 12.86 -3.62
N TRP A 16 39.33 13.78 -4.50
CA TRP A 16 37.97 14.37 -4.49
C TRP A 16 36.89 13.30 -4.71
N ASP A 17 37.14 12.42 -5.67
CA ASP A 17 36.23 11.32 -5.97
C ASP A 17 36.01 10.40 -4.75
N ARG A 18 37.11 9.94 -4.12
CA ARG A 18 37.03 9.22 -2.85
C ARG A 18 36.25 9.96 -1.79
N LYS A 19 36.59 11.23 -1.56
CA LYS A 19 36.11 11.94 -0.38
C LYS A 19 34.66 12.43 -0.52
N TYR A 20 34.28 12.83 -1.73
CA TYR A 20 33.05 13.64 -1.89
C TYR A 20 31.88 13.00 -2.62
N LEU A 21 32.08 11.81 -3.16
CA LEU A 21 31.02 11.18 -3.94
C LEU A 21 30.51 9.96 -3.20
N MET A 22 29.18 9.80 -3.22
CA MET A 22 28.58 8.59 -2.66
C MET A 22 28.99 7.37 -3.45
N ARG A 23 29.35 6.31 -2.74
CA ARG A 23 29.66 5.02 -3.33
C ARG A 23 28.41 4.24 -3.77
N THR A 24 28.55 3.48 -4.85
CA THR A 24 27.55 2.45 -5.18
C THR A 24 28.30 1.17 -5.48
N PHE A 25 27.72 0.03 -5.13
CA PHE A 25 28.32 -1.32 -5.33
C PHE A 25 29.60 -1.68 -4.54
N SER A 26 30.46 -0.69 -4.27
CA SER A 26 31.67 -0.85 -3.45
C SER A 26 31.53 -0.09 -2.19
N THR A 27 32.10 -0.60 -1.10
CA THR A 27 32.17 0.18 0.11
C THR A 27 33.31 1.19 -0.06
N GLN A 28 33.32 2.23 0.78
CA GLN A 28 34.41 3.20 0.83
C GLN A 28 35.73 2.47 1.14
N ASN A 29 35.68 1.50 2.06
CA ASN A 29 36.87 0.74 2.45
C ASN A 29 37.53 0.02 1.27
N GLU A 30 36.74 -0.63 0.41
CA GLU A 30 37.32 -1.41 -0.69
C GLU A 30 37.48 -0.62 -1.98
N TYR A 31 36.88 0.56 -2.04
CA TYR A 31 36.81 1.35 -3.26
C TYR A 31 38.17 1.77 -3.79
N GLN A 32 38.37 1.58 -5.08
CA GLN A 32 39.49 2.23 -5.77
C GLN A 32 38.94 2.92 -7.02
N PRO A 33 39.11 4.24 -7.12
CA PRO A 33 38.58 4.98 -8.28
C PRO A 33 39.19 4.48 -9.58
N VAL A 34 38.42 4.46 -10.65
CA VAL A 34 38.96 4.09 -11.97
C VAL A 34 38.71 5.27 -12.92
N PRO A 35 39.68 6.21 -12.99
CA PRO A 35 39.45 7.39 -13.81
C PRO A 35 39.56 7.09 -15.32
N ILE A 36 38.65 7.69 -16.06
CA ILE A 36 38.64 7.65 -17.52
C ILE A 36 38.73 9.10 -18.03
N GLU A 37 39.78 9.38 -18.78
CA GLU A 37 40.05 10.74 -19.23
C GLU A 37 39.30 11.07 -20.51
N SER A 38 39.15 10.09 -21.40
CA SER A 38 38.44 10.33 -22.67
C SER A 38 37.95 9.02 -23.23
N THR A 39 37.11 9.08 -24.25
CA THR A 39 36.65 7.87 -24.90
C THR A 39 36.62 8.07 -26.42
N GLU A 40 36.58 6.96 -27.17
CA GLU A 40 36.45 6.98 -28.64
C GLU A 40 36.10 5.60 -29.17
N GLY A 41 35.05 5.53 -29.98
CA GLY A 41 34.64 4.27 -30.59
C GLY A 41 34.26 3.25 -29.52
N ASP A 42 34.98 2.11 -29.49
CA ASP A 42 34.77 1.13 -28.44
C ASP A 42 35.77 1.16 -27.30
N TYR A 43 36.50 2.26 -27.18
CA TYR A 43 37.60 2.37 -26.22
C TYR A 43 37.41 3.45 -25.17
N LEU A 44 37.88 3.14 -23.97
CA LEU A 44 37.98 4.08 -22.89
C LEU A 44 39.45 4.35 -22.71
N ILE A 45 39.80 5.61 -22.50
CA ILE A 45 41.21 6.00 -22.32
C ILE A 45 41.48 6.54 -20.92
N THR A 46 42.40 5.88 -20.20
CA THR A 46 42.77 6.29 -18.85
C THR A 46 43.66 7.54 -18.88
N PRO A 47 43.86 8.20 -17.73
CA PRO A 47 44.69 9.41 -17.72
C PRO A 47 46.10 9.11 -18.24
N GLY A 48 46.61 7.92 -17.94
CA GLY A 48 47.91 7.49 -18.41
C GLY A 48 47.98 7.10 -19.87
N GLY A 49 46.86 7.12 -20.59
CA GLY A 49 46.90 6.79 -22.00
C GLY A 49 46.63 5.32 -22.35
N THR A 50 46.37 4.48 -21.35
CA THR A 50 45.99 3.08 -21.59
C THR A 50 44.60 3.02 -22.22
N ARG A 51 44.48 2.24 -23.30
CA ARG A 51 43.24 2.10 -24.04
C ARG A 51 42.56 0.80 -23.64
N LEU A 52 41.34 0.90 -23.14
CA LEU A 52 40.60 -0.29 -22.70
C LEU A 52 39.43 -0.56 -23.63
N LEU A 53 39.37 -1.79 -24.16
CA LEU A 53 38.27 -2.20 -25.04
C LEU A 53 37.01 -2.52 -24.22
N ASP A 54 35.95 -1.75 -24.45
CA ASP A 54 34.79 -1.82 -23.59
C ASP A 54 33.70 -2.74 -24.11
N PHE A 55 33.79 -4.03 -23.77
CA PHE A 55 32.73 -4.95 -24.14
C PHE A 55 31.61 -5.08 -23.10
N PHE A 56 31.38 -3.99 -22.35
CA PHE A 56 30.11 -3.76 -21.68
C PHE A 56 29.36 -2.66 -22.40
N ASN A 57 30.07 -1.92 -23.27
CA ASN A 57 29.51 -0.74 -23.93
C ASN A 57 28.88 0.17 -22.85
N GLN A 58 29.63 0.33 -21.77
CA GLN A 58 29.16 0.96 -20.52
C GLN A 58 28.04 0.12 -19.90
N LEU A 59 26.79 0.46 -20.18
CA LEU A 59 25.61 -0.36 -19.77
C LEU A 59 24.77 -0.73 -21.02
N CYS A 60 25.44 -1.27 -22.04
CA CYS A 60 24.84 -1.54 -23.36
C CYS A 60 24.04 -0.31 -23.81
N CYS A 61 24.72 0.83 -23.83
CA CYS A 61 24.02 2.10 -23.99
C CYS A 61 24.72 3.12 -24.85
N VAL A 62 25.87 2.77 -25.40
CA VAL A 62 26.61 3.70 -26.27
C VAL A 62 26.58 3.11 -27.69
N ASN A 63 25.35 2.93 -28.18
CA ASN A 63 25.09 2.17 -29.38
C ASN A 63 25.90 2.65 -30.59
N LEU A 64 25.91 3.96 -30.82
CA LEU A 64 26.57 4.56 -32.00
C LEU A 64 28.07 4.49 -31.89
N GLY A 65 28.58 4.17 -30.70
CA GLY A 65 30.00 4.29 -30.41
C GLY A 65 30.31 5.54 -29.63
N GLN A 66 31.44 5.51 -28.91
CA GLN A 66 31.83 6.63 -28.05
C GLN A 66 32.22 7.90 -28.82
N LYS A 67 31.63 9.04 -28.45
CA LYS A 67 32.12 10.35 -28.92
C LYS A 67 32.07 10.44 -30.45
N ASN A 68 30.91 10.13 -31.02
CA ASN A 68 30.74 10.23 -32.47
C ASN A 68 30.90 11.67 -32.88
N GLN A 69 31.74 11.91 -33.89
CA GLN A 69 32.06 13.29 -34.30
C GLN A 69 30.82 14.07 -34.80
N LYS A 70 29.93 13.40 -35.52
CA LYS A 70 28.74 14.09 -36.03
C LYS A 70 27.74 14.44 -34.94
N VAL A 71 27.57 13.53 -33.99
CA VAL A 71 26.72 13.82 -32.83
C VAL A 71 27.26 15.02 -32.06
N ASN A 72 28.56 14.99 -31.72
CA ASN A 72 29.17 16.09 -30.99
C ASN A 72 29.11 17.42 -31.74
N ALA A 73 29.29 17.38 -33.06
CA ALA A 73 29.16 18.57 -33.89
C ALA A 73 27.71 19.11 -33.89
N ALA A 74 26.73 18.22 -33.92
CA ALA A 74 25.31 18.61 -33.79
C ALA A 74 24.95 19.22 -32.42
N ILE A 75 25.51 18.66 -31.35
CA ILE A 75 25.32 19.27 -30.03
C ILE A 75 25.94 20.68 -29.99
N LYS A 76 27.15 20.83 -30.51
CA LYS A 76 27.78 22.12 -30.54
C LYS A 76 26.93 23.14 -31.32
N GLU A 77 26.32 22.73 -32.44
CA GLU A 77 25.45 23.65 -33.20
C GLU A 77 24.22 24.08 -32.40
N ALA A 78 23.56 23.12 -31.73
CA ALA A 78 22.38 23.43 -30.94
C ALA A 78 22.70 24.46 -29.86
N LEU A 79 23.90 24.36 -29.30
CA LEU A 79 24.36 25.32 -28.30
C LEU A 79 24.61 26.73 -28.82
N ASP A 80 24.57 26.94 -30.14
CA ASP A 80 24.58 28.30 -30.67
C ASP A 80 23.20 28.94 -30.47
N ARG A 81 22.16 28.11 -30.33
CA ARG A 81 20.79 28.63 -30.22
C ARG A 81 20.19 28.54 -28.81
N TYR A 82 20.53 27.46 -28.09
CA TYR A 82 19.99 27.16 -26.75
C TYR A 82 21.14 26.94 -25.75
N GLY A 83 20.92 27.15 -24.44
CA GLY A 83 19.65 27.56 -23.90
C GLY A 83 18.79 26.37 -23.45
N PHE A 84 17.61 26.70 -22.91
CA PHE A 84 16.67 25.71 -22.38
C PHE A 84 15.25 26.28 -22.46
N VAL A 85 14.33 25.47 -23.00
CA VAL A 85 12.91 25.73 -22.83
C VAL A 85 12.32 24.42 -22.35
N TRP A 86 11.31 24.55 -21.49
CA TRP A 86 10.53 23.41 -21.04
C TRP A 86 9.47 22.94 -22.05
N ASP A 87 8.77 21.85 -21.71
CA ASP A 87 7.93 21.12 -22.64
C ASP A 87 6.77 21.94 -23.23
N THR A 88 6.35 22.98 -22.54
CA THR A 88 5.28 23.84 -23.05
C THR A 88 5.64 24.54 -24.39
N TYR A 89 6.94 24.75 -24.63
CA TYR A 89 7.43 25.44 -25.82
C TYR A 89 7.90 24.45 -26.87
N ALA A 90 7.67 24.76 -28.14
CA ALA A 90 8.09 23.88 -29.22
C ALA A 90 9.49 24.22 -29.73
N THR A 91 10.27 23.20 -30.08
CA THR A 91 11.52 23.44 -30.80
C THR A 91 11.57 22.54 -32.04
N ASP A 92 12.43 22.91 -32.98
CA ASP A 92 12.71 22.05 -34.15
C ASP A 92 13.32 20.69 -33.70
N TYR A 93 14.26 20.72 -32.75
CA TYR A 93 14.92 19.47 -32.33
C TYR A 93 13.96 18.47 -31.69
N LYS A 94 13.06 18.94 -30.83
CA LYS A 94 12.09 18.02 -30.16
C LYS A 94 11.08 17.45 -31.14
N ALA A 95 10.51 18.30 -32.00
CA ALA A 95 9.54 17.84 -33.00
C ALA A 95 10.21 16.89 -33.98
N LYS A 96 11.43 17.22 -34.41
CA LYS A 96 12.09 16.38 -35.39
C LYS A 96 12.45 14.99 -34.78
N ALA A 97 12.75 14.94 -33.47
CA ALA A 97 13.13 13.68 -32.87
C ALA A 97 11.90 12.77 -32.82
N ALA A 98 10.73 13.36 -32.57
CA ALA A 98 9.46 12.62 -32.53
C ALA A 98 9.12 12.08 -33.92
N LYS A 99 9.22 12.96 -34.91
CA LYS A 99 9.01 12.62 -36.33
C LYS A 99 9.95 11.49 -36.79
N ILE A 100 11.23 11.57 -36.44
CA ILE A 100 12.18 10.52 -36.82
C ILE A 100 11.70 9.16 -36.30
N ILE A 101 11.30 9.14 -35.04
CA ILE A 101 10.88 7.91 -34.40
C ILE A 101 9.62 7.31 -35.05
N ILE A 102 8.57 8.11 -35.19
CA ILE A 102 7.27 7.65 -35.69
C ILE A 102 7.30 7.46 -37.20
N GLU A 103 7.80 8.46 -37.94
CA GLU A 103 7.74 8.40 -39.40
C GLU A 103 8.87 7.58 -40.00
N ASP A 104 10.07 7.73 -39.47
CA ASP A 104 11.23 7.16 -40.18
C ASP A 104 11.53 5.78 -39.66
N ILE A 105 11.88 5.70 -38.39
CA ILE A 105 12.22 4.41 -37.79
C ILE A 105 11.04 3.41 -37.73
N LEU A 106 9.88 3.86 -37.27
CA LEU A 106 8.67 3.02 -37.18
C LEU A 106 7.67 3.25 -38.31
N GLY A 107 8.14 3.89 -39.38
CA GLY A 107 7.32 4.21 -40.55
C GLY A 107 6.62 2.99 -41.14
N ASP A 108 7.22 1.81 -40.99
CA ASP A 108 6.62 0.59 -41.55
C ASP A 108 5.56 -0.06 -40.67
N GLU A 109 5.26 0.55 -39.51
CA GLU A 109 4.26 -0.03 -38.59
C GLU A 109 3.15 0.98 -38.37
N ASP A 110 1.92 0.51 -38.19
CA ASP A 110 0.85 1.50 -38.13
C ASP A 110 0.19 1.71 -36.75
N TRP A 111 0.69 1.02 -35.73
CA TRP A 111 0.24 1.23 -34.35
C TRP A 111 0.78 2.53 -33.63
N PRO A 112 2.02 3.00 -33.98
CA PRO A 112 2.59 4.12 -33.20
C PRO A 112 1.83 5.44 -33.38
N GLY A 113 1.57 6.15 -32.28
CA GLY A 113 0.86 7.43 -32.35
C GLY A 113 1.69 8.65 -31.99
N LYS A 114 2.09 8.75 -30.72
CA LYS A 114 2.82 9.89 -30.22
C LYS A 114 3.97 9.49 -29.29
N VAL A 115 4.86 10.44 -29.04
CA VAL A 115 6.06 10.26 -28.23
C VAL A 115 5.97 11.27 -27.09
N ARG A 116 6.42 10.88 -25.90
CA ARG A 116 6.78 11.86 -24.87
C ARG A 116 8.29 11.66 -24.49
N PHE A 117 9.05 12.75 -24.52
CA PHE A 117 10.45 12.70 -24.15
C PHE A 117 10.63 13.04 -22.67
N VAL A 118 11.49 12.28 -22.00
CA VAL A 118 11.92 12.53 -20.60
C VAL A 118 13.45 12.43 -20.57
N SER A 119 14.09 12.37 -19.39
CA SER A 119 15.56 12.46 -19.37
C SER A 119 16.24 11.12 -19.18
N THR A 120 15.50 10.10 -18.71
CA THR A 120 16.15 8.81 -18.41
C THR A 120 15.22 7.65 -18.69
N GLY A 121 15.78 6.44 -18.73
CA GLY A 121 14.95 5.22 -18.87
C GLY A 121 13.96 4.95 -17.73
N SER A 122 14.37 5.23 -16.49
CA SER A 122 13.45 5.08 -15.35
C SER A 122 12.29 6.07 -15.50
N GLU A 123 12.59 7.33 -15.83
CA GLU A 123 11.51 8.28 -16.10
C GLU A 123 10.54 7.82 -17.23
N ALA A 124 11.08 7.15 -18.25
CA ALA A 124 10.28 6.65 -19.37
C ALA A 124 9.31 5.57 -18.88
N VAL A 125 9.84 4.66 -18.06
CA VAL A 125 9.05 3.59 -17.47
C VAL A 125 7.97 4.20 -16.56
N GLU A 126 8.32 5.19 -15.72
CA GLU A 126 7.34 5.85 -14.81
C GLU A 126 6.21 6.41 -15.67
N THR A 127 6.60 7.05 -16.77
CA THR A 127 5.62 7.67 -17.68
C THR A 127 4.67 6.60 -18.28
N ALA A 128 5.23 5.48 -18.78
CA ALA A 128 4.45 4.37 -19.33
C ALA A 128 3.49 3.73 -18.34
N LEU A 129 3.96 3.55 -17.12
CA LEU A 129 3.10 3.01 -16.07
C LEU A 129 1.91 3.97 -15.83
N ASN A 130 2.20 5.28 -15.75
CA ASN A 130 1.16 6.31 -15.56
C ASN A 130 0.12 6.28 -16.69
N ILE A 131 0.61 6.29 -17.95
CA ILE A 131 -0.28 6.24 -19.12
C ILE A 131 -1.12 4.96 -19.17
N ALA A 132 -0.48 3.81 -18.97
CA ALA A 132 -1.24 2.54 -18.96
C ALA A 132 -2.40 2.50 -17.96
N ARG A 133 -2.11 2.89 -16.73
CA ARG A 133 -3.13 2.89 -15.68
C ARG A 133 -4.23 3.94 -15.98
N LEU A 134 -3.84 5.12 -16.49
CA LEU A 134 -4.83 6.16 -16.82
C LEU A 134 -5.73 5.73 -17.98
N TYR A 135 -5.12 5.15 -19.01
CA TYR A 135 -5.87 4.79 -20.25
C TYR A 135 -6.90 3.68 -19.93
N THR A 136 -6.46 2.69 -19.17
CA THR A 136 -7.35 1.57 -18.85
C THR A 136 -8.21 1.88 -17.63
N ASN A 137 -7.83 2.89 -16.87
CA ASN A 137 -8.44 3.16 -15.56
C ASN A 137 -8.35 1.94 -14.61
N ARG A 138 -7.21 1.24 -14.64
CA ARG A 138 -6.96 0.07 -13.83
C ARG A 138 -5.67 0.18 -13.03
N PRO A 139 -5.65 -0.36 -11.79
CA PRO A 139 -4.47 -0.15 -10.94
C PRO A 139 -3.30 -1.13 -11.15
N LEU A 140 -3.55 -2.40 -11.50
CA LEU A 140 -2.47 -3.42 -11.43
C LEU A 140 -1.62 -3.49 -12.71
N VAL A 141 -0.32 -3.69 -12.49
CA VAL A 141 0.61 -3.90 -13.58
C VAL A 141 1.35 -5.22 -13.29
N VAL A 142 1.48 -6.07 -14.31
CA VAL A 142 2.18 -7.36 -14.18
C VAL A 142 3.61 -7.21 -14.69
N THR A 143 4.57 -7.69 -13.89
CA THR A 143 5.99 -7.73 -14.27
C THR A 143 6.48 -9.19 -14.22
N ARG A 144 7.78 -9.42 -14.39
CA ARG A 144 8.28 -10.80 -14.28
C ARG A 144 9.47 -10.89 -13.33
N GLU A 145 9.59 -12.05 -12.70
CA GLU A 145 10.76 -12.44 -11.97
C GLU A 145 12.03 -12.08 -12.77
N HIS A 146 12.94 -11.36 -12.12
CA HIS A 146 14.23 -10.91 -12.67
C HIS A 146 14.17 -9.77 -13.66
N ASP A 147 12.99 -9.20 -13.87
CA ASP A 147 12.92 -7.97 -14.70
C ASP A 147 13.68 -6.81 -14.05
N TYR A 148 14.32 -6.00 -14.88
CA TYR A 148 14.84 -4.72 -14.45
C TYR A 148 14.20 -3.62 -15.29
N HIS A 149 13.51 -2.68 -14.64
CA HIS A 149 12.84 -1.59 -15.38
C HIS A 149 13.21 -0.22 -14.83
N GLY A 150 14.24 -0.15 -13.99
CA GLY A 150 14.73 1.14 -13.48
C GLY A 150 14.72 1.18 -11.96
N TRP A 151 15.04 2.35 -11.38
CA TRP A 151 15.36 2.44 -9.94
C TRP A 151 14.48 3.46 -9.18
N THR A 152 13.82 4.38 -9.90
CA THR A 152 12.92 5.36 -9.27
C THR A 152 11.68 4.60 -8.76
N GLY A 153 10.98 5.20 -7.79
CA GLY A 153 9.83 4.56 -7.12
C GLY A 153 8.89 3.67 -7.95
N GLY A 154 8.29 4.21 -9.00
CA GLY A 154 7.36 3.40 -9.81
C GLY A 154 8.09 2.33 -10.63
N ALA A 155 9.20 2.73 -11.25
CA ALA A 155 9.98 1.80 -12.06
C ALA A 155 10.52 0.68 -11.16
N ALA A 156 10.86 1.01 -9.91
CA ALA A 156 11.41 0.02 -9.00
C ALA A 156 10.37 -1.03 -8.60
N THR A 157 9.09 -0.64 -8.51
CA THR A 157 8.04 -1.58 -8.10
C THR A 157 7.90 -2.75 -9.09
N VAL A 158 8.27 -2.53 -10.38
CA VAL A 158 8.17 -3.57 -11.40
C VAL A 158 9.54 -4.22 -11.63
N THR A 159 10.51 -3.87 -10.80
CA THR A 159 11.85 -4.46 -10.88
C THR A 159 11.91 -5.59 -9.88
N ARG A 160 12.23 -6.77 -10.37
CA ARG A 160 12.24 -7.96 -9.54
C ARG A 160 13.61 -8.64 -9.49
N LEU A 161 14.63 -7.84 -9.20
CA LEU A 161 15.98 -8.32 -8.91
C LEU A 161 16.35 -7.77 -7.55
N ARG A 162 16.55 -8.65 -6.57
CA ARG A 162 16.79 -8.20 -5.20
C ARG A 162 18.19 -7.61 -5.03
N SER A 163 19.04 -7.81 -6.03
CA SER A 163 20.40 -7.29 -6.06
C SER A 163 20.48 -5.91 -6.66
N PHE A 164 19.36 -5.38 -7.15
CA PHE A 164 19.36 -4.07 -7.85
C PHE A 164 18.20 -3.17 -7.44
N ARG A 165 17.73 -3.33 -6.19
CA ARG A 165 16.59 -2.54 -5.70
C ARG A 165 17.02 -1.37 -4.78
N SER A 166 18.27 -0.95 -4.93
CA SER A 166 18.82 0.20 -4.20
C SER A 166 18.90 -0.05 -2.69
N GLY A 167 18.93 -1.32 -2.30
CA GLY A 167 19.16 -1.64 -0.90
C GLY A 167 20.65 -1.72 -0.59
N LEU A 168 20.95 -2.18 0.63
CA LEU A 168 22.33 -2.21 1.10
C LEU A 168 22.76 -3.62 1.45
N VAL A 169 24.03 -3.93 1.19
CA VAL A 169 24.64 -5.18 1.68
C VAL A 169 26.00 -4.89 2.29
N GLY A 170 26.53 -5.88 3.00
CA GLY A 170 27.85 -5.74 3.62
C GLY A 170 29.01 -6.01 2.68
N GLU A 171 30.21 -5.71 3.19
CA GLU A 171 31.44 -6.02 2.46
C GLU A 171 31.84 -7.47 2.76
N ASN A 172 31.62 -8.39 1.81
CA ASN A 172 31.99 -9.81 1.97
C ASN A 172 31.41 -10.38 3.23
N SER A 173 30.13 -10.08 3.45
CA SER A 173 29.43 -10.47 4.68
C SER A 173 27.94 -10.61 4.42
N GLU A 174 27.29 -11.48 5.17
CA GLU A 174 25.85 -11.57 5.09
C GLU A 174 25.11 -10.75 6.16
N SER A 175 25.84 -10.01 7.00
CA SER A 175 25.25 -9.41 8.20
C SER A 175 24.68 -7.99 8.16
N PHE A 176 24.91 -7.24 7.08
CA PHE A 176 24.51 -5.83 7.08
C PHE A 176 23.63 -5.51 5.87
N SER A 177 22.67 -6.41 5.63
CA SER A 177 21.87 -6.31 4.43
C SER A 177 20.48 -5.77 4.77
N ALA A 178 19.99 -4.89 3.91
CA ALA A 178 18.68 -4.32 4.11
C ALA A 178 18.11 -3.95 2.76
N GLN A 179 16.79 -4.05 2.63
CA GLN A 179 16.10 -3.41 1.50
C GLN A 179 15.48 -2.11 2.04
N ILE A 180 15.13 -1.19 1.14
CA ILE A 180 14.54 0.10 1.54
C ILE A 180 13.23 -0.18 2.30
N PRO A 181 13.10 0.32 3.56
CA PRO A 181 11.84 0.14 4.31
C PRO A 181 10.62 0.64 3.51
N GLY A 182 9.53 -0.12 3.54
CA GLY A 182 8.35 0.18 2.75
C GLY A 182 8.30 -0.60 1.45
N SER A 183 9.42 -0.70 0.77
CA SER A 183 9.50 -1.46 -0.48
C SER A 183 9.12 -2.91 -0.24
N SER A 187 2.69 -3.66 -4.50
CA SER A 187 2.35 -2.23 -4.47
C SER A 187 1.65 -1.85 -5.79
N ALA A 188 0.44 -2.37 -5.97
CA ALA A 188 -0.27 -2.39 -7.29
C ALA A 188 0.51 -3.09 -8.42
N VAL A 189 1.39 -4.02 -8.06
CA VAL A 189 2.18 -4.78 -9.04
C VAL A 189 2.03 -6.27 -8.75
N LEU A 190 1.97 -7.08 -9.80
CA LEU A 190 2.02 -8.54 -9.66
C LEU A 190 3.25 -9.11 -10.33
N MET A 191 3.93 -10.06 -9.70
CA MET A 191 5.05 -10.74 -10.36
C MET A 191 4.60 -12.07 -10.99
N ALA A 192 4.79 -12.20 -12.30
CA ALA A 192 4.55 -13.45 -13.01
C ALA A 192 5.91 -14.13 -13.23
N PRO A 193 5.93 -15.43 -13.59
CA PRO A 193 7.21 -16.12 -13.82
C PRO A 193 7.95 -15.49 -14.99
N SER A 194 9.29 -15.45 -14.99
CA SER A 194 9.94 -15.03 -16.23
C SER A 194 9.75 -16.11 -17.29
N SER A 195 10.17 -15.80 -18.52
CA SER A 195 10.06 -16.72 -19.63
C SER A 195 10.96 -17.95 -19.40
N ASN A 196 11.95 -17.77 -18.54
CA ASN A 196 12.90 -18.83 -18.25
C ASN A 196 12.47 -19.71 -17.08
N THR A 197 11.18 -19.91 -16.89
CA THR A 197 10.70 -20.81 -15.83
C THR A 197 10.03 -22.04 -16.45
N PHE A 198 10.07 -23.14 -15.72
CA PHE A 198 9.40 -24.39 -16.07
C PHE A 198 10.02 -25.11 -17.28
N GLN A 199 11.19 -25.69 -17.02
CA GLN A 199 11.86 -26.61 -17.95
C GLN A 199 12.11 -28.01 -17.38
N ASN A 204 14.81 -26.41 -22.14
CA ASN A 204 13.61 -27.07 -22.68
C ASN A 204 12.29 -26.66 -21.98
N TYR A 205 11.40 -25.95 -22.68
CA TYR A 205 10.24 -25.34 -22.02
C TYR A 205 8.96 -26.12 -22.15
N LEU A 206 8.28 -26.33 -21.04
CA LEU A 206 7.04 -27.09 -21.02
C LEU A 206 5.88 -26.23 -21.49
N LYS A 207 4.89 -26.88 -22.10
CA LYS A 207 3.74 -26.20 -22.68
C LYS A 207 2.41 -26.81 -22.22
N ASP A 208 1.35 -25.98 -22.24
CA ASP A 208 -0.03 -26.37 -21.93
C ASP A 208 -0.57 -27.31 -22.97
N GLU A 209 0.13 -27.35 -24.11
CA GLU A 209 -0.23 -28.14 -25.29
C GLU A 209 -1.63 -27.82 -25.88
N ASN A 210 -2.35 -26.88 -25.25
CA ASN A 210 -3.16 -25.95 -26.01
C ASN A 210 -2.12 -25.01 -26.66
N GLY A 211 -0.85 -25.33 -26.36
CA GLY A 211 0.32 -24.76 -27.00
C GLY A 211 1.04 -23.78 -26.07
N GLU A 212 0.41 -23.46 -24.95
CA GLU A 212 0.83 -22.31 -24.16
C GLU A 212 2.00 -22.65 -23.23
N LEU A 213 3.09 -21.89 -23.33
CA LEU A 213 4.21 -22.03 -22.38
C LEU A 213 3.67 -21.93 -20.96
N LEU A 214 4.20 -22.75 -20.03
CA LEU A 214 3.70 -22.72 -18.64
C LEU A 214 3.89 -21.35 -17.97
N SER A 215 4.93 -20.63 -18.38
CA SER A 215 5.15 -19.30 -17.85
C SER A 215 3.97 -18.41 -18.24
N VAL A 216 3.55 -18.48 -19.51
CA VAL A 216 2.47 -17.65 -20.04
C VAL A 216 1.13 -18.11 -19.47
N LYS A 217 0.95 -19.43 -19.41
CA LYS A 217 -0.25 -20.03 -18.80
C LYS A 217 -0.51 -19.51 -17.39
N TYR A 218 0.52 -19.54 -16.54
CA TYR A 218 0.38 -19.04 -15.19
C TYR A 218 0.15 -17.53 -15.12
N THR A 219 0.77 -16.78 -16.03
CA THR A 219 0.59 -15.31 -16.09
C THR A 219 -0.90 -15.02 -16.36
N ARG A 220 -1.44 -15.78 -17.33
CA ARG A 220 -2.85 -15.72 -17.68
C ARG A 220 -3.73 -15.99 -16.47
N ARG A 221 -3.44 -17.08 -15.77
CA ARG A 221 -4.17 -17.45 -14.54
C ARG A 221 -4.19 -16.35 -13.48
N MET A 222 -3.02 -15.70 -13.29
CA MET A 222 -2.90 -14.60 -12.35
C MET A 222 -3.79 -13.45 -12.75
N ILE A 223 -3.76 -13.09 -14.02
CA ILE A 223 -4.64 -12.02 -14.51
C ILE A 223 -6.10 -12.38 -14.35
N GLU A 224 -6.48 -13.61 -14.70
CA GLU A 224 -7.85 -14.05 -14.52
C GLU A 224 -8.24 -14.14 -13.04
N ASN A 225 -7.29 -14.50 -12.19
CA ASN A 225 -7.57 -14.66 -10.76
C ASN A 225 -7.85 -13.32 -10.13
N TYR A 226 -7.05 -12.29 -10.48
CA TYR A 226 -7.32 -10.94 -9.96
C TYR A 226 -8.52 -10.34 -10.66
N GLY A 227 -8.71 -10.71 -11.92
CA GLY A 227 -9.73 -10.10 -12.78
C GLY A 227 -9.06 -9.22 -13.82
N PRO A 228 -9.29 -9.50 -15.13
CA PRO A 228 -8.69 -8.67 -16.15
C PRO A 228 -9.10 -7.20 -16.05
N GLU A 229 -10.28 -6.92 -15.49
CA GLU A 229 -10.72 -5.53 -15.31
C GLU A 229 -9.92 -4.79 -14.20
N GLN A 230 -9.05 -5.52 -13.48
CA GLN A 230 -8.14 -4.92 -12.48
C GLN A 230 -6.73 -4.65 -13.02
N VAL A 231 -6.43 -5.17 -14.22
CA VAL A 231 -5.06 -5.24 -14.71
C VAL A 231 -4.87 -4.32 -15.91
N ALA A 232 -4.04 -3.31 -15.72
CA ALA A 232 -3.78 -2.28 -16.74
C ALA A 232 -2.88 -2.82 -17.83
N ALA A 233 -1.79 -3.49 -17.43
CA ALA A 233 -0.73 -3.83 -18.39
C ALA A 233 0.15 -4.96 -17.87
N VAL A 234 0.84 -5.62 -18.81
CA VAL A 234 2.02 -6.43 -18.52
C VAL A 234 3.23 -5.67 -19.08
N ILE A 235 4.24 -5.45 -18.25
CA ILE A 235 5.48 -4.81 -18.73
C ILE A 235 6.52 -5.92 -18.86
N THR A 236 7.20 -5.98 -20.01
CA THR A 236 8.26 -6.97 -20.21
C THR A 236 9.56 -6.35 -20.71
N GLU A 237 10.62 -7.15 -20.61
CA GLU A 237 11.80 -6.98 -21.41
C GLU A 237 11.78 -8.13 -22.40
N VAL A 238 11.93 -7.81 -23.69
CA VAL A 238 11.97 -8.83 -24.73
C VAL A 238 13.17 -9.79 -24.48
N SER A 239 14.28 -9.23 -24.01
CA SER A 239 15.40 -10.00 -23.50
C SER A 239 15.75 -9.33 -22.17
N GLN A 240 15.66 -10.06 -21.07
CA GLN A 240 16.02 -9.48 -19.76
C GLN A 240 17.47 -8.99 -19.78
N GLY A 241 17.65 -7.69 -19.51
CA GLY A 241 18.96 -7.01 -19.65
C GLY A 241 19.86 -7.26 -18.45
N VAL A 242 19.58 -6.58 -17.35
CA VAL A 242 20.38 -6.76 -16.14
C VAL A 242 20.24 -8.23 -15.70
N GLY A 243 19.01 -8.72 -15.73
CA GLY A 243 18.70 -10.10 -15.30
C GLY A 243 19.28 -11.17 -16.21
N SER A 244 19.66 -10.77 -17.42
CA SER A 244 20.55 -11.58 -18.29
C SER A 244 19.97 -12.93 -18.78
N THR A 245 18.86 -12.86 -19.53
CA THR A 245 18.29 -14.05 -20.13
C THR A 245 17.85 -13.78 -21.57
N MET A 246 17.52 -14.86 -22.29
CA MET A 246 16.84 -14.80 -23.58
C MET A 246 15.60 -15.67 -23.45
N PRO A 247 14.49 -15.29 -24.10
CA PRO A 247 13.28 -16.07 -24.00
C PRO A 247 13.24 -17.22 -25.00
N PRO A 248 12.38 -18.24 -24.74
CA PRO A 248 12.01 -19.21 -25.75
C PRO A 248 11.35 -18.45 -26.87
N TYR A 249 11.47 -18.91 -28.11
CA TYR A 249 10.95 -18.13 -29.22
C TYR A 249 9.47 -17.76 -29.11
N GLU A 250 8.65 -18.66 -28.58
CA GLU A 250 7.19 -18.45 -28.59
C GLU A 250 6.71 -17.45 -27.53
N TYR A 251 7.58 -17.11 -26.58
CA TYR A 251 7.16 -16.34 -25.40
C TYR A 251 6.58 -14.96 -25.77
N VAL A 252 7.36 -14.16 -26.50
CA VAL A 252 6.95 -12.81 -26.87
C VAL A 252 5.61 -12.77 -27.67
N PRO A 253 5.47 -13.63 -28.73
CA PRO A 253 4.14 -13.66 -29.40
C PRO A 253 3.01 -14.14 -28.46
N GLN A 254 3.31 -15.08 -27.56
CA GLN A 254 2.27 -15.63 -26.68
C GLN A 254 1.77 -14.64 -25.65
N ILE A 255 2.69 -13.83 -25.13
CA ILE A 255 2.33 -12.74 -24.21
C ILE A 255 1.50 -11.68 -24.93
N ARG A 256 1.88 -11.33 -26.16
CA ARG A 256 1.09 -10.38 -26.95
C ARG A 256 -0.34 -10.89 -27.18
N LYS A 257 -0.44 -12.14 -27.61
CA LYS A 257 -1.73 -12.78 -27.83
C LYS A 257 -2.58 -12.84 -26.56
N MET A 258 -2.00 -13.26 -25.44
CA MET A 258 -2.74 -13.38 -24.17
C MET A 258 -3.22 -12.02 -23.69
N THR A 259 -2.36 -10.99 -23.76
CA THR A 259 -2.80 -9.68 -23.24
C THR A 259 -3.93 -9.13 -24.11
N LYS A 260 -3.80 -9.31 -25.43
CA LYS A 260 -4.87 -8.88 -26.33
C LYS A 260 -6.18 -9.58 -26.01
N GLU A 261 -6.12 -10.89 -25.78
CA GLU A 261 -7.34 -11.65 -25.44
C GLU A 261 -7.99 -11.19 -24.16
N LEU A 262 -7.20 -10.78 -23.18
CA LEU A 262 -7.75 -10.35 -21.90
C LEU A 262 -8.03 -8.84 -21.80
N GLY A 263 -7.75 -8.10 -22.87
CA GLY A 263 -8.01 -6.65 -22.89
C GLY A 263 -7.01 -5.89 -22.02
N VAL A 264 -5.78 -6.39 -21.98
CA VAL A 264 -4.71 -5.81 -21.17
C VAL A 264 -3.62 -5.27 -22.11
N LEU A 265 -3.01 -4.13 -21.75
CA LEU A 265 -1.92 -3.56 -22.54
C LEU A 265 -0.59 -4.32 -22.37
N TRP A 266 0.25 -4.22 -23.38
CA TRP A 266 1.61 -4.73 -23.26
C TRP A 266 2.56 -3.56 -23.47
N ILE A 267 3.39 -3.33 -22.46
CA ILE A 267 4.47 -2.33 -22.51
C ILE A 267 5.77 -3.10 -22.83
N SER A 268 6.42 -2.81 -23.96
CA SER A 268 7.72 -3.42 -24.21
C SER A 268 8.73 -2.41 -23.71
N ASP A 269 9.49 -2.79 -22.67
CA ASP A 269 10.54 -1.91 -22.17
C ASP A 269 11.76 -2.14 -23.05
N GLU A 270 11.99 -1.18 -23.95
CA GLU A 270 13.06 -1.25 -24.95
C GLU A 270 14.20 -0.31 -24.59
N VAL A 271 14.31 0.05 -23.30
CA VAL A 271 15.37 0.97 -22.87
C VAL A 271 16.73 0.42 -23.28
N LEU A 272 16.91 -0.87 -23.07
CA LEU A 272 18.16 -1.53 -23.43
C LEU A 272 18.15 -2.18 -24.85
N THR A 273 17.09 -2.92 -25.17
CA THR A 273 17.02 -3.62 -26.47
C THR A 273 16.73 -2.72 -27.67
N GLY A 274 16.33 -1.47 -27.42
CA GLY A 274 15.98 -0.57 -28.52
C GLY A 274 17.17 0.01 -29.29
N PHE A 275 16.86 0.54 -30.49
CA PHE A 275 17.83 1.26 -31.32
C PHE A 275 19.01 0.41 -31.77
N GLY A 276 18.71 -0.72 -32.39
CA GLY A 276 19.71 -1.49 -33.09
C GLY A 276 20.42 -2.53 -32.26
N ARG A 277 20.26 -2.47 -30.93
CA ARG A 277 20.98 -3.34 -29.98
C ARG A 277 20.88 -4.83 -30.36
N THR A 278 19.72 -5.25 -30.85
CA THR A 278 19.45 -6.66 -31.15
C THR A 278 19.51 -7.01 -32.67
N GLY A 279 19.94 -6.06 -33.51
CA GLY A 279 20.05 -6.34 -34.93
C GLY A 279 18.77 -6.05 -35.68
N LYS A 280 17.84 -5.38 -35.01
CA LYS A 280 16.61 -4.81 -35.59
C LYS A 280 16.44 -3.50 -34.86
N TRP A 281 15.58 -2.62 -35.35
CA TRP A 281 15.35 -1.35 -34.65
C TRP A 281 14.91 -1.64 -33.20
N PHE A 282 13.96 -2.54 -33.00
CA PHE A 282 13.55 -2.88 -31.59
C PHE A 282 13.51 -4.38 -31.35
N GLY A 283 13.76 -4.80 -30.11
CA GLY A 283 13.71 -6.21 -29.79
C GLY A 283 12.42 -6.92 -30.18
N TYR A 284 11.30 -6.28 -29.95
CA TYR A 284 9.99 -6.90 -30.25
C TYR A 284 9.84 -7.27 -31.75
N GLN A 285 10.64 -6.63 -32.58
CA GLN A 285 10.51 -6.80 -34.03
C GLN A 285 11.09 -8.16 -34.50
N HIS A 286 11.82 -8.85 -33.62
CA HIS A 286 12.15 -10.23 -33.90
C HIS A 286 10.96 -11.19 -33.89
N TYR A 287 9.80 -10.76 -33.42
CA TYR A 287 8.73 -11.69 -33.03
C TYR A 287 7.40 -11.51 -33.73
N GLY A 288 7.35 -10.62 -34.71
CA GLY A 288 6.18 -10.39 -35.54
C GLY A 288 4.98 -9.82 -34.79
N VAL A 289 5.23 -9.10 -33.69
CA VAL A 289 4.17 -8.53 -32.86
C VAL A 289 4.39 -7.02 -32.72
N GLN A 290 3.40 -6.32 -32.19
CA GLN A 290 3.53 -4.89 -31.93
C GLN A 290 2.96 -4.56 -30.51
N PRO A 291 3.72 -3.79 -29.71
CA PRO A 291 3.27 -3.53 -28.36
C PRO A 291 2.26 -2.36 -28.34
N ASP A 292 1.76 -2.01 -27.14
CA ASP A 292 0.86 -0.84 -27.01
C ASP A 292 1.62 0.41 -26.66
N ILE A 293 2.73 0.22 -25.95
CA ILE A 293 3.60 1.29 -25.43
C ILE A 293 5.03 0.76 -25.47
N ILE A 294 5.97 1.60 -25.89
CA ILE A 294 7.39 1.29 -25.78
C ILE A 294 8.06 2.31 -24.85
N THR A 295 8.99 1.84 -24.01
CA THR A 295 9.84 2.75 -23.23
C THR A 295 11.27 2.72 -23.77
N MET A 296 11.91 3.89 -23.76
CA MET A 296 13.23 4.13 -24.38
C MET A 296 14.18 4.92 -23.49
N GLY A 297 15.47 4.61 -23.65
CA GLY A 297 16.61 5.34 -23.08
C GLY A 297 17.85 4.85 -23.81
N LYS A 298 19.00 4.87 -23.14
CA LYS A 298 20.28 4.31 -23.68
C LYS A 298 20.56 4.62 -25.15
N GLY A 299 20.21 3.69 -26.05
CA GLY A 299 20.49 3.84 -27.49
C GLY A 299 19.70 4.96 -28.17
N LEU A 300 18.64 5.42 -27.50
CA LEU A 300 17.89 6.63 -27.92
C LEU A 300 18.81 7.85 -28.27
N SER A 301 19.78 8.13 -27.41
CA SER A 301 20.80 9.12 -27.66
C SER A 301 22.24 8.51 -27.75
N SER A 302 22.34 7.18 -27.60
CA SER A 302 23.63 6.47 -27.34
C SER A 302 24.41 7.14 -26.20
N SER A 303 23.67 7.56 -25.15
CA SER A 303 24.26 8.20 -23.95
C SER A 303 25.01 9.48 -24.23
N SER A 304 24.92 10.02 -25.44
CA SER A 304 25.63 11.28 -25.73
C SER A 304 25.16 12.40 -24.77
N LEU A 305 23.83 12.48 -24.53
CA LEU A 305 23.23 13.31 -23.49
C LEU A 305 22.05 12.55 -22.89
N PRO A 306 21.67 12.86 -21.62
CA PRO A 306 20.52 12.14 -21.05
C PRO A 306 19.21 12.40 -21.79
N ALA A 307 18.59 11.30 -22.25
CA ALA A 307 17.26 11.32 -22.87
C ALA A 307 16.57 9.99 -22.60
N GLY A 308 15.26 10.04 -22.41
CA GLY A 308 14.42 8.84 -22.42
C GLY A 308 13.14 9.19 -23.19
N ALA A 309 12.30 8.21 -23.46
CA ALA A 309 11.05 8.49 -24.19
C ALA A 309 10.05 7.36 -24.02
N VAL A 310 8.78 7.71 -24.17
CA VAL A 310 7.74 6.72 -24.36
C VAL A 310 7.05 6.92 -25.71
N VAL A 311 6.76 5.83 -26.40
CA VAL A 311 5.90 5.84 -27.57
C VAL A 311 4.61 5.11 -27.27
N VAL A 312 3.49 5.77 -27.50
CA VAL A 312 2.19 5.15 -27.24
C VAL A 312 1.46 4.92 -28.56
N SER A 313 0.54 3.95 -28.56
CA SER A 313 -0.23 3.63 -29.77
C SER A 313 -1.18 4.77 -30.13
N LYS A 314 -1.66 4.74 -31.36
CA LYS A 314 -2.69 5.67 -31.83
C LYS A 314 -3.90 5.75 -30.90
N GLU A 315 -4.43 4.60 -30.47
CA GLU A 315 -5.60 4.56 -29.60
C GLU A 315 -5.31 5.27 -28.29
N ILE A 316 -4.18 4.93 -27.69
CA ILE A 316 -3.76 5.56 -26.42
C ILE A 316 -3.52 7.08 -26.58
N ALA A 317 -2.86 7.47 -27.67
CA ALA A 317 -2.61 8.88 -27.93
C ALA A 317 -3.92 9.62 -28.11
N ALA A 318 -4.88 9.01 -28.81
CA ALA A 318 -6.19 9.67 -29.03
C ALA A 318 -6.94 9.90 -27.70
N PHE A 319 -6.85 8.95 -26.79
CA PHE A 319 -7.42 9.09 -25.44
C PHE A 319 -6.72 10.22 -24.66
N MET A 320 -5.39 10.15 -24.56
CA MET A 320 -4.64 11.19 -23.84
C MET A 320 -4.93 12.59 -24.42
N ASP A 321 -4.98 12.69 -25.76
CA ASP A 321 -5.28 13.95 -26.46
C ASP A 321 -6.60 14.60 -26.05
N LYS A 322 -7.56 13.81 -25.55
CA LYS A 322 -8.86 14.38 -25.17
C LYS A 322 -8.81 15.06 -23.80
N HIS A 323 -7.70 14.92 -23.07
CA HIS A 323 -7.61 15.45 -21.70
C HIS A 323 -6.48 16.47 -21.51
N ARG A 324 -6.55 17.22 -20.42
CA ARG A 324 -5.46 18.05 -19.98
C ARG A 324 -4.66 17.21 -18.96
N TRP A 325 -3.42 16.90 -19.30
CA TRP A 325 -2.61 16.00 -18.51
C TRP A 325 -1.71 16.82 -17.59
N GLU A 326 -1.93 16.67 -16.27
CA GLU A 326 -1.32 17.52 -15.24
C GLU A 326 0.05 17.00 -14.75
N SER A 327 0.95 16.81 -15.70
CA SER A 327 2.26 16.21 -15.46
C SER A 327 3.34 17.14 -15.98
N VAL A 328 4.27 17.52 -15.11
CA VAL A 328 5.43 18.32 -15.55
C VAL A 328 6.75 17.70 -15.09
N SER A 329 7.72 17.67 -16.02
CA SER A 329 9.11 17.26 -15.72
C SER A 329 10.00 18.39 -16.25
N THR A 330 10.76 19.05 -15.37
CA THR A 330 11.50 20.26 -15.78
C THR A 330 12.26 20.05 -17.09
N TYR A 331 13.11 19.03 -17.16
CA TYR A 331 14.01 18.86 -18.29
C TYR A 331 13.44 18.02 -19.44
N ALA A 332 12.22 17.51 -19.32
CA ALA A 332 11.61 16.74 -20.41
C ALA A 332 11.60 17.58 -21.72
N GLY A 333 12.16 17.03 -22.79
CA GLY A 333 12.18 17.64 -24.12
C GLY A 333 13.34 18.62 -24.31
N HIS A 334 14.24 18.68 -23.33
CA HIS A 334 15.41 19.57 -23.36
C HIS A 334 15.97 19.68 -24.79
N PRO A 335 15.95 20.91 -25.37
CA PRO A 335 16.27 21.09 -26.81
C PRO A 335 17.66 20.55 -27.21
N VAL A 336 18.64 20.67 -26.31
CA VAL A 336 20.00 20.23 -26.62
C VAL A 336 20.09 18.70 -26.56
N ALA A 337 19.45 18.07 -25.56
CA ALA A 337 19.35 16.58 -25.58
C ALA A 337 18.60 16.09 -26.83
N MET A 338 17.60 16.84 -27.25
CA MET A 338 16.82 16.49 -28.44
C MET A 338 17.68 16.61 -29.71
N ALA A 339 18.57 17.61 -29.75
CA ALA A 339 19.50 17.78 -30.89
C ALA A 339 20.40 16.54 -30.97
N ALA A 340 20.89 16.10 -29.80
CA ALA A 340 21.70 14.86 -29.70
C ALA A 340 20.93 13.62 -30.17
N VAL A 341 19.69 13.45 -29.73
CA VAL A 341 18.84 12.34 -30.21
C VAL A 341 18.69 12.39 -31.75
N CYS A 342 18.39 13.57 -32.27
CA CYS A 342 18.28 13.75 -33.72
C CYS A 342 19.55 13.26 -34.42
N ALA A 343 20.71 13.75 -34.03
CA ALA A 343 21.96 13.42 -34.73
C ALA A 343 22.28 11.93 -34.57
N ASN A 344 22.05 11.42 -33.36
CA ASN A 344 22.24 9.98 -33.08
C ASN A 344 21.41 9.11 -34.02
N LEU A 345 20.13 9.44 -34.22
CA LEU A 345 19.22 8.60 -35.01
C LEU A 345 19.53 8.74 -36.51
N GLU A 346 19.82 9.95 -36.94
CA GLU A 346 20.22 10.18 -38.34
C GLU A 346 21.50 9.42 -38.69
N VAL A 347 22.48 9.42 -37.80
CA VAL A 347 23.72 8.62 -38.05
C VAL A 347 23.42 7.11 -38.09
N MET A 348 22.66 6.62 -37.09
CA MET A 348 22.20 5.23 -37.12
C MET A 348 21.55 4.82 -38.43
N MET A 349 20.66 5.68 -38.93
CA MET A 349 19.94 5.39 -40.18
C MET A 349 20.90 5.43 -41.36
N GLU A 350 21.66 6.50 -41.48
CA GLU A 350 22.45 6.72 -42.68
C GLU A 350 23.63 5.74 -42.78
N GLU A 351 24.17 5.34 -41.64
CA GLU A 351 25.26 4.35 -41.61
C GLU A 351 24.76 2.90 -41.61
N ASN A 352 23.44 2.69 -41.69
CA ASN A 352 22.90 1.30 -41.68
C ASN A 352 23.41 0.47 -40.47
N LEU A 353 23.39 1.07 -39.27
CA LEU A 353 23.99 0.42 -38.08
C LEU A 353 23.16 -0.78 -37.58
N VAL A 354 21.86 -0.74 -37.83
CA VAL A 354 21.00 -1.88 -37.52
C VAL A 354 21.46 -3.14 -38.27
N GLU A 355 21.63 -3.04 -39.59
CA GLU A 355 22.13 -4.16 -40.40
C GLU A 355 23.54 -4.58 -39.97
N GLN A 356 24.40 -3.60 -39.71
CA GLN A 356 25.75 -3.89 -39.26
C GLN A 356 25.75 -4.70 -37.94
N ALA A 357 24.86 -4.32 -37.03
CA ALA A 357 24.72 -5.01 -35.73
C ALA A 357 24.22 -6.44 -35.93
N LYS A 358 23.21 -6.59 -36.79
CA LYS A 358 22.72 -7.91 -37.16
C LYS A 358 23.87 -8.80 -37.66
N ASN A 359 24.72 -8.26 -38.54
CA ASN A 359 25.86 -9.01 -39.12
C ASN A 359 26.98 -9.30 -38.13
N SER A 360 27.29 -8.33 -37.28
CA SER A 360 28.26 -8.61 -36.21
C SER A 360 27.76 -9.66 -35.20
N GLY A 361 26.46 -9.70 -34.92
CA GLY A 361 25.90 -10.72 -34.06
C GLY A 361 26.04 -12.13 -34.62
N GLU A 362 25.79 -12.28 -35.92
CA GLU A 362 26.05 -13.56 -36.60
C GLU A 362 27.51 -13.99 -36.46
N TYR A 363 28.44 -13.04 -36.64
CA TYR A 363 29.85 -13.25 -36.38
C TYR A 363 30.14 -13.66 -34.92
N ILE A 364 29.64 -12.89 -33.96
CA ILE A 364 29.74 -13.24 -32.52
C ILE A 364 29.22 -14.66 -32.20
N ARG A 365 28.06 -15.01 -32.75
CA ARG A 365 27.52 -16.35 -32.59
C ARG A 365 28.56 -17.42 -32.97
N SER A 366 29.21 -17.25 -34.12
CA SER A 366 30.16 -18.25 -34.62
C SER A 366 31.41 -18.30 -33.73
N LYS A 367 31.80 -17.15 -33.20
CA LYS A 367 32.89 -17.09 -32.23
C LYS A 367 32.53 -17.80 -30.92
N LEU A 368 31.29 -17.64 -30.47
CA LEU A 368 30.83 -18.27 -29.22
C LEU A 368 30.67 -19.78 -29.32
N GLU A 369 30.19 -20.26 -30.48
CA GLU A 369 30.12 -21.72 -30.73
C GLU A 369 31.51 -22.36 -30.62
N LEU A 370 32.53 -21.69 -31.16
CA LEU A 370 33.90 -22.17 -31.03
C LEU A 370 34.40 -22.12 -29.58
N LEU A 371 34.08 -21.06 -28.84
CA LEU A 371 34.44 -21.01 -27.44
C LEU A 371 33.69 -22.05 -26.60
N GLN A 372 32.42 -22.31 -26.89
CA GLN A 372 31.65 -23.32 -26.15
C GLN A 372 32.21 -24.75 -26.38
N GLU A 373 32.52 -25.05 -27.64
CA GLU A 373 33.17 -26.30 -28.05
C GLU A 373 34.49 -26.50 -27.28
N LYS A 374 35.17 -25.40 -27.02
CA LYS A 374 36.45 -25.44 -26.35
C LYS A 374 36.38 -25.31 -24.80
N HIS A 375 35.27 -24.81 -24.26
CA HIS A 375 35.18 -24.51 -22.83
C HIS A 375 33.94 -25.07 -22.20
N LYS A 376 34.12 -26.12 -21.39
CA LYS A 376 32.98 -26.78 -20.77
C LYS A 376 32.37 -25.93 -19.66
N SER A 377 33.03 -24.85 -19.27
CA SER A 377 32.37 -23.90 -18.37
C SER A 377 31.28 -23.04 -19.06
N ILE A 378 31.19 -23.08 -20.39
CA ILE A 378 30.06 -22.43 -21.07
C ILE A 378 28.92 -23.45 -21.16
N GLY A 379 27.92 -23.30 -20.29
CA GLY A 379 26.78 -24.20 -20.27
C GLY A 379 25.84 -23.85 -21.42
N ASN A 380 25.82 -22.57 -21.78
CA ASN A 380 24.85 -22.08 -22.74
C ASN A 380 25.12 -20.62 -23.13
N PHE A 381 24.77 -20.27 -24.37
CA PHE A 381 24.78 -18.88 -24.81
C PHE A 381 23.65 -18.60 -25.80
N ASP A 382 23.23 -17.33 -25.86
CA ASP A 382 22.21 -16.90 -26.83
C ASP A 382 22.25 -15.38 -26.90
N GLY A 383 21.58 -14.83 -27.89
CA GLY A 383 21.57 -13.38 -28.11
C GLY A 383 21.37 -13.04 -29.58
N TYR A 384 21.70 -11.81 -29.92
CA TYR A 384 21.48 -11.27 -31.27
C TYR A 384 22.15 -9.91 -31.33
N GLY A 385 22.50 -9.46 -32.52
CA GLY A 385 23.10 -8.13 -32.64
C GLY A 385 24.27 -7.96 -31.67
N LEU A 386 24.23 -6.92 -30.84
CA LEU A 386 25.32 -6.68 -29.87
C LEU A 386 24.86 -6.87 -28.42
N LEU A 387 24.08 -7.92 -28.20
CA LEU A 387 23.54 -8.22 -26.88
C LEU A 387 23.57 -9.71 -26.70
N TRP A 388 24.49 -10.20 -25.87
CA TRP A 388 24.73 -11.63 -25.69
C TRP A 388 24.74 -12.03 -24.22
N ILE A 389 24.18 -13.20 -23.91
CA ILE A 389 24.34 -13.81 -22.57
C ILE A 389 25.21 -15.06 -22.70
N VAL A 390 26.06 -15.30 -21.72
CA VAL A 390 26.79 -16.57 -21.69
C VAL A 390 26.62 -17.11 -20.27
N ASP A 391 25.87 -18.20 -20.15
CA ASP A 391 25.75 -18.87 -18.84
C ASP A 391 26.98 -19.72 -18.57
N ILE A 392 27.56 -19.49 -17.41
CA ILE A 392 28.80 -20.12 -16.97
C ILE A 392 28.44 -21.18 -15.91
N VAL A 393 29.09 -22.34 -16.02
CA VAL A 393 28.89 -23.41 -15.05
C VAL A 393 30.25 -24.00 -14.64
N ASN A 394 30.21 -24.75 -13.56
CA ASN A 394 31.37 -25.56 -13.17
C ASN A 394 31.49 -26.67 -14.22
N ALA A 395 32.61 -26.69 -14.96
CA ALA A 395 32.83 -27.68 -16.04
C ALA A 395 32.70 -29.14 -15.58
N LYS A 396 32.89 -29.38 -14.28
CA LYS A 396 32.85 -30.72 -13.72
C LYS A 396 31.44 -31.16 -13.39
N THR A 397 30.74 -30.35 -12.62
CA THR A 397 29.42 -30.71 -12.12
C THR A 397 28.33 -30.32 -13.11
N LYS A 398 28.67 -29.42 -14.04
CA LYS A 398 27.73 -28.86 -15.03
C LYS A 398 26.62 -27.96 -14.44
N THR A 399 26.82 -27.54 -13.19
CA THR A 399 25.89 -26.65 -12.49
C THR A 399 26.58 -25.32 -12.14
N PRO A 400 25.77 -24.25 -11.95
CA PRO A 400 26.34 -22.95 -11.61
C PRO A 400 27.17 -22.99 -10.33
N TYR A 401 28.25 -22.20 -10.28
CA TYR A 401 29.03 -22.03 -9.06
C TYR A 401 28.22 -21.35 -7.94
N VAL A 402 27.36 -20.39 -8.29
CA VAL A 402 26.71 -19.54 -7.29
C VAL A 402 25.25 -19.95 -7.24
N LYS A 403 24.88 -20.68 -6.18
CA LYS A 403 23.61 -21.37 -6.11
C LYS A 403 22.42 -20.39 -6.25
N LEU A 404 22.52 -19.22 -5.63
CA LEU A 404 21.39 -18.26 -5.67
C LEU A 404 21.19 -17.64 -7.04
N ASP A 405 22.25 -17.70 -7.87
CA ASP A 405 22.16 -17.27 -9.25
C ASP A 405 21.58 -15.82 -9.36
N ARG A 406 20.48 -15.67 -10.11
CA ARG A 406 19.90 -14.33 -10.36
C ARG A 406 19.14 -13.76 -9.16
N ASN A 407 18.96 -14.58 -8.13
CA ASN A 407 18.47 -14.11 -6.84
C ASN A 407 19.54 -13.83 -5.77
N PHE A 408 20.80 -13.75 -6.18
CA PHE A 408 21.91 -13.35 -5.29
C PHE A 408 21.75 -11.89 -4.84
N ARG A 409 22.60 -11.47 -3.88
CA ARG A 409 22.87 -10.06 -3.66
C ARG A 409 24.36 -9.82 -3.55
N HIS A 410 24.76 -8.55 -3.50
CA HIS A 410 26.18 -8.20 -3.65
C HIS A 410 27.01 -8.29 -2.35
N GLY A 411 26.47 -8.94 -1.33
CA GLY A 411 27.18 -9.10 -0.06
C GLY A 411 28.29 -10.16 -0.18
N MET A 412 28.21 -11.02 -1.19
CA MET A 412 29.21 -12.11 -1.30
C MET A 412 30.56 -11.60 -1.79
N ASN A 413 31.60 -12.40 -1.57
CA ASN A 413 32.93 -12.03 -1.99
C ASN A 413 33.05 -12.18 -3.51
N PRO A 414 33.51 -11.11 -4.20
CA PRO A 414 33.66 -11.20 -5.67
C PRO A 414 34.67 -12.27 -6.12
N ASN A 415 35.56 -12.73 -5.23
CA ASN A 415 36.48 -13.82 -5.58
C ASN A 415 35.80 -15.20 -5.66
N GLN A 416 34.51 -15.24 -5.35
CA GLN A 416 33.69 -16.43 -5.47
C GLN A 416 32.78 -16.35 -6.67
N ILE A 417 32.80 -15.22 -7.39
CA ILE A 417 31.79 -14.97 -8.43
C ILE A 417 32.38 -15.13 -9.83
N PRO A 418 31.89 -16.13 -10.60
CA PRO A 418 32.51 -16.39 -11.91
C PRO A 418 32.66 -15.19 -12.88
N THR A 419 31.66 -14.31 -12.96
CA THR A 419 31.73 -13.16 -13.87
C THR A 419 32.69 -12.08 -13.37
N GLN A 420 32.97 -12.05 -12.06
CA GLN A 420 34.02 -11.18 -11.50
C GLN A 420 35.44 -11.72 -11.81
N ILE A 421 35.62 -13.03 -11.62
CA ILE A 421 36.83 -13.75 -11.99
C ILE A 421 37.17 -13.49 -13.46
N ILE A 422 36.22 -13.77 -14.33
CA ILE A 422 36.38 -13.58 -15.78
C ILE A 422 36.76 -12.13 -16.11
N MET A 423 36.08 -11.20 -15.46
CA MET A 423 36.34 -9.78 -15.67
C MET A 423 37.75 -9.40 -15.26
N GLU A 424 38.18 -9.77 -14.05
CA GLU A 424 39.54 -9.43 -13.61
C GLU A 424 40.58 -10.01 -14.58
N LYS A 425 40.37 -11.25 -15.01
CA LYS A 425 41.30 -11.91 -15.90
C LYS A 425 41.40 -11.29 -17.29
N ALA A 426 40.24 -10.95 -17.87
CA ALA A 426 40.18 -10.35 -19.21
C ALA A 426 40.81 -8.96 -19.23
N LEU A 427 40.81 -8.32 -18.08
CA LEU A 427 41.39 -7.01 -17.95
C LEU A 427 42.91 -7.08 -18.16
N GLU A 428 43.51 -8.24 -17.88
CA GLU A 428 44.94 -8.44 -18.16
C GLU A 428 45.24 -8.37 -19.68
N LYS A 429 44.21 -8.57 -20.50
CA LYS A 429 44.31 -8.39 -21.95
C LYS A 429 43.85 -6.99 -22.44
N GLY A 430 43.60 -6.06 -21.52
CA GLY A 430 43.09 -4.71 -21.88
C GLY A 430 41.63 -4.70 -22.33
N VAL A 431 40.85 -5.68 -21.90
CA VAL A 431 39.46 -5.86 -22.34
C VAL A 431 38.55 -5.84 -21.10
N LEU A 432 37.49 -5.05 -21.21
CA LEU A 432 36.42 -4.97 -20.21
C LEU A 432 35.27 -5.87 -20.63
N ILE A 433 35.04 -6.93 -19.86
CA ILE A 433 34.02 -7.91 -20.22
C ILE A 433 33.58 -8.65 -18.96
N GLY A 434 32.31 -9.04 -18.89
CA GLY A 434 31.77 -9.69 -17.68
C GLY A 434 30.26 -9.74 -17.67
N GLY A 435 29.67 -9.47 -16.50
CA GLY A 435 28.21 -9.49 -16.37
C GLY A 435 27.77 -8.91 -15.03
N ALA A 436 26.49 -8.57 -14.92
CA ALA A 436 25.89 -8.15 -13.66
C ALA A 436 25.53 -9.35 -12.79
N MET A 437 25.10 -10.43 -13.43
CA MET A 437 24.67 -11.66 -12.73
C MET A 437 25.91 -12.55 -12.47
N PRO A 438 25.90 -13.30 -11.34
CA PRO A 438 27.11 -14.00 -10.92
C PRO A 438 27.54 -15.12 -11.89
N ASN A 439 26.57 -15.79 -12.49
CA ASN A 439 26.84 -16.95 -13.34
C ASN A 439 26.61 -16.63 -14.82
N THR A 440 26.41 -15.36 -15.18
CA THR A 440 25.98 -15.06 -16.55
C THR A 440 26.67 -13.83 -17.11
N MET A 441 27.35 -13.99 -18.24
CA MET A 441 27.99 -12.85 -18.91
C MET A 441 26.90 -12.03 -19.58
N ARG A 442 27.08 -10.70 -19.62
CA ARG A 442 26.22 -9.82 -20.43
C ARG A 442 27.15 -9.00 -21.31
N ILE A 443 27.21 -9.35 -22.60
CA ILE A 443 28.24 -8.84 -23.51
C ILE A 443 27.63 -7.90 -24.56
N GLY A 444 28.18 -6.69 -24.68
CA GLY A 444 27.68 -5.69 -25.62
C GLY A 444 28.81 -4.78 -26.07
N ALA A 445 28.77 -4.37 -27.33
CA ALA A 445 29.68 -3.34 -27.82
C ALA A 445 28.87 -2.37 -28.69
N SER A 446 29.54 -1.39 -29.30
CA SER A 446 28.86 -0.49 -30.21
C SER A 446 28.34 -1.24 -31.43
N LEU A 447 27.29 -0.73 -32.05
CA LEU A 447 26.70 -1.41 -33.22
C LEU A 447 27.72 -1.51 -34.38
N ASN A 448 28.69 -0.57 -34.40
CA ASN A 448 29.73 -0.50 -35.43
C ASN A 448 31.08 -1.03 -34.96
N VAL A 449 31.08 -1.84 -33.91
CA VAL A 449 32.31 -2.48 -33.43
C VAL A 449 32.97 -3.25 -34.59
N SER A 450 34.28 -3.13 -34.70
CA SER A 450 35.03 -3.78 -35.78
C SER A 450 35.17 -5.27 -35.49
N ARG A 451 35.34 -6.06 -36.54
CA ARG A 451 35.66 -7.47 -36.41
C ARG A 451 36.93 -7.71 -35.60
N GLY A 452 37.94 -6.86 -35.77
CA GLY A 452 39.20 -6.97 -35.02
C GLY A 452 38.96 -6.88 -33.51
N ASP A 453 38.12 -5.93 -33.11
CA ASP A 453 37.80 -5.72 -31.68
C ASP A 453 36.97 -6.88 -31.13
N ILE A 454 36.03 -7.39 -31.92
CA ILE A 454 35.31 -8.60 -31.52
C ILE A 454 36.28 -9.79 -31.28
N ASP A 455 37.22 -9.99 -32.20
CA ASP A 455 38.24 -11.05 -32.05
C ASP A 455 39.06 -10.83 -30.78
N LYS A 456 39.40 -9.57 -30.52
CA LYS A 456 40.18 -9.22 -29.34
C LYS A 456 39.44 -9.46 -28.00
N ALA A 457 38.17 -9.10 -27.94
CA ALA A 457 37.33 -9.41 -26.77
C ALA A 457 37.16 -10.91 -26.58
N MET A 458 36.89 -11.61 -27.67
CA MET A 458 36.65 -13.08 -27.65
C MET A 458 37.90 -13.85 -27.22
N ASP A 459 39.06 -13.33 -27.64
CA ASP A 459 40.36 -13.88 -27.22
C ASP A 459 40.61 -13.64 -25.72
N ALA A 460 40.16 -12.49 -25.24
CA ALA A 460 40.31 -12.19 -23.80
C ALA A 460 39.40 -13.11 -22.98
N LEU A 461 38.23 -13.40 -23.54
CA LEU A 461 37.26 -14.26 -22.87
C LEU A 461 37.76 -15.71 -22.83
N ASP A 462 38.30 -16.17 -23.95
CA ASP A 462 38.95 -17.48 -24.04
C ASP A 462 40.04 -17.63 -22.94
N TYR A 463 40.93 -16.65 -22.85
CA TYR A 463 41.95 -16.56 -21.82
C TYR A 463 41.35 -16.61 -20.41
N ALA A 464 40.25 -15.89 -20.22
CA ALA A 464 39.64 -15.79 -18.89
C ALA A 464 39.00 -17.11 -18.50
N LEU A 465 38.41 -17.82 -19.46
CA LEU A 465 37.76 -19.10 -19.18
C LEU A 465 38.78 -20.22 -18.91
N ASP A 466 39.96 -20.12 -19.52
CA ASP A 466 41.05 -21.06 -19.22
C ASP A 466 41.40 -20.93 -17.75
N TYR A 467 41.50 -19.69 -17.28
CA TYR A 467 41.81 -19.45 -15.89
C TYR A 467 40.69 -19.98 -14.98
N LEU A 468 39.44 -19.73 -15.35
CA LEU A 468 38.30 -20.12 -14.52
C LEU A 468 38.29 -21.65 -14.39
N GLU A 469 38.48 -22.33 -15.52
CA GLU A 469 38.48 -23.79 -15.59
C GLU A 469 39.66 -24.47 -14.90
N SER A 470 40.77 -23.76 -14.74
CA SER A 470 41.94 -24.24 -14.02
C SER A 470 41.67 -24.30 -12.50
N GLY A 471 40.61 -23.61 -12.06
CA GLY A 471 40.21 -23.59 -10.67
C GLY A 471 41.20 -23.00 -9.67
N GLU A 472 42.23 -22.32 -10.17
CA GLU A 472 43.25 -21.74 -9.30
C GLU A 472 42.69 -20.67 -8.35
N TRP A 473 41.58 -20.05 -8.73
CA TRP A 473 40.97 -18.97 -7.94
C TRP A 473 40.19 -19.49 -6.73
N GLN A 474 40.09 -20.82 -6.58
CA GLN A 474 39.33 -21.43 -5.48
C GLN A 474 40.18 -21.79 -4.27
N LYS B 7 18.17 26.36 -43.00
CA LYS B 7 16.83 27.03 -43.15
C LYS B 7 15.73 26.15 -42.58
N ILE B 8 15.24 26.51 -41.39
CA ILE B 8 14.25 25.70 -40.69
C ILE B 8 12.85 26.06 -41.17
N ASN B 9 12.08 25.04 -41.54
CA ASN B 9 10.67 25.20 -41.85
C ASN B 9 9.84 25.07 -40.58
N TRP B 10 9.54 26.21 -39.96
CA TRP B 10 8.86 26.23 -38.67
C TRP B 10 7.42 25.74 -38.73
N GLU B 11 6.80 25.82 -39.90
CA GLU B 11 5.45 25.29 -40.04
C GLU B 11 5.47 23.77 -39.97
N GLN B 12 6.43 23.16 -40.64
CA GLN B 12 6.62 21.73 -40.55
C GLN B 12 6.94 21.30 -39.10
N VAL B 13 7.84 22.05 -38.45
CA VAL B 13 8.10 21.83 -37.00
C VAL B 13 6.79 21.84 -36.20
N LYS B 14 5.97 22.88 -36.37
CA LYS B 14 4.68 22.96 -35.64
C LYS B 14 3.73 21.82 -35.96
N GLU B 15 3.70 21.39 -37.21
CA GLU B 15 2.90 20.19 -37.58
C GLU B 15 3.39 18.85 -36.93
N TRP B 16 4.69 18.62 -36.95
CA TRP B 16 5.26 17.45 -36.25
C TRP B 16 4.95 17.52 -34.76
N ASP B 17 5.08 18.71 -34.19
CA ASP B 17 4.81 18.93 -32.76
C ASP B 17 3.36 18.57 -32.40
N ARG B 18 2.41 19.13 -33.15
CA ARG B 18 1.00 18.78 -32.99
C ARG B 18 0.74 17.28 -33.10
N LYS B 19 1.25 16.65 -34.17
CA LYS B 19 0.88 15.27 -34.50
C LYS B 19 1.61 14.22 -33.66
N TYR B 20 2.88 14.46 -33.32
CA TYR B 20 3.71 13.37 -32.79
C TYR B 20 4.14 13.50 -31.33
N LEU B 21 3.80 14.61 -30.69
CA LEU B 21 4.15 14.79 -29.27
C LEU B 21 2.93 14.72 -28.37
N MET B 22 3.06 14.00 -27.25
CA MET B 22 1.98 13.96 -26.25
C MET B 22 1.79 15.35 -25.62
N ARG B 23 0.53 15.73 -25.45
CA ARG B 23 0.16 16.98 -24.81
C ARG B 23 0.27 16.89 -23.26
N THR B 24 0.61 18.02 -22.65
CA THR B 24 0.51 18.22 -21.22
C THR B 24 -0.19 19.58 -20.97
N PHE B 25 -1.09 19.61 -19.98
CA PHE B 25 -1.86 20.82 -19.56
C PHE B 25 -2.89 21.35 -20.56
N SER B 26 -2.84 20.87 -21.80
CA SER B 26 -3.72 21.32 -22.91
C SER B 26 -4.22 20.10 -23.64
N THR B 27 -5.49 20.09 -24.01
CA THR B 27 -6.00 19.07 -24.92
C THR B 27 -5.41 19.34 -26.30
N GLN B 28 -5.44 18.31 -27.15
CA GLN B 28 -5.01 18.44 -28.52
C GLN B 28 -5.92 19.46 -29.26
N ASN B 29 -7.22 19.39 -28.98
CA ASN B 29 -8.19 20.30 -29.57
C ASN B 29 -7.85 21.77 -29.33
N GLU B 30 -7.41 22.12 -28.12
CA GLU B 30 -7.21 23.53 -27.79
C GLU B 30 -5.78 23.99 -28.04
N TYR B 31 -4.89 23.03 -28.26
CA TYR B 31 -3.45 23.28 -28.26
C TYR B 31 -2.98 24.09 -29.45
N GLN B 32 -2.16 25.10 -29.19
CA GLN B 32 -1.45 25.79 -30.27
C GLN B 32 0.03 25.82 -29.92
N PRO B 33 0.88 25.18 -30.75
CA PRO B 33 2.31 25.19 -30.41
C PRO B 33 2.88 26.62 -30.30
N VAL B 34 3.80 26.85 -29.35
CA VAL B 34 4.50 28.13 -29.19
C VAL B 34 5.99 27.85 -29.46
N PRO B 35 6.43 28.02 -30.71
CA PRO B 35 7.84 27.69 -30.93
C PRO B 35 8.83 28.76 -30.44
N ILE B 36 9.97 28.29 -29.94
CA ILE B 36 11.05 29.19 -29.54
C ILE B 36 12.26 28.77 -30.33
N GLU B 37 12.82 29.72 -31.09
CA GLU B 37 13.91 29.39 -32.02
C GLU B 37 15.27 29.43 -31.30
N SER B 38 15.40 30.34 -30.33
CA SER B 38 16.64 30.47 -29.59
C SER B 38 16.36 31.25 -28.30
N THR B 39 17.35 31.28 -27.42
CA THR B 39 17.22 32.04 -26.18
C THR B 39 18.52 32.84 -25.92
N GLU B 40 18.40 33.88 -25.09
CA GLU B 40 19.57 34.68 -24.69
C GLU B 40 19.28 35.48 -23.45
N GLY B 41 20.06 35.26 -22.41
CA GLY B 41 19.86 35.97 -21.17
C GLY B 41 18.49 35.73 -20.57
N ASP B 42 17.68 36.80 -20.43
CA ASP B 42 16.31 36.66 -19.93
C ASP B 42 15.22 36.61 -21.01
N TYR B 43 15.65 36.35 -22.24
CA TYR B 43 14.78 36.40 -23.43
C TYR B 43 14.67 35.09 -24.18
N LEU B 44 13.46 34.83 -24.68
CA LEU B 44 13.19 33.76 -25.63
C LEU B 44 12.94 34.42 -26.96
N ILE B 45 13.43 33.83 -28.02
CA ILE B 45 13.30 34.44 -29.35
C ILE B 45 12.44 33.53 -30.22
N THR B 46 11.31 34.03 -30.70
CA THR B 46 10.41 33.24 -31.57
C THR B 46 11.02 33.11 -32.99
N PRO B 47 10.55 32.14 -33.78
CA PRO B 47 11.03 32.07 -35.17
C PRO B 47 10.93 33.39 -35.95
N GLY B 48 9.86 34.16 -35.73
CA GLY B 48 9.71 35.45 -36.43
C GLY B 48 10.62 36.56 -35.89
N GLY B 49 11.27 36.31 -34.76
CA GLY B 49 12.15 37.28 -34.15
C GLY B 49 11.55 38.12 -33.04
N THR B 50 10.34 37.78 -32.58
CA THR B 50 9.81 38.38 -31.36
C THR B 50 10.67 38.02 -30.14
N ARG B 51 11.02 39.04 -29.35
CA ARG B 51 11.74 38.87 -28.10
C ARG B 51 10.74 38.91 -26.96
N LEU B 52 10.74 37.85 -26.16
CA LEU B 52 9.85 37.70 -25.02
C LEU B 52 10.67 37.68 -23.74
N LEU B 53 10.42 38.64 -22.86
CA LEU B 53 11.10 38.68 -21.58
C LEU B 53 10.48 37.66 -20.64
N ASP B 54 11.28 36.68 -20.21
CA ASP B 54 10.75 35.51 -19.53
C ASP B 54 10.82 35.66 -17.98
N PHE B 55 9.80 36.26 -17.38
CA PHE B 55 9.76 36.36 -15.94
C PHE B 55 9.08 35.18 -15.27
N PHE B 56 9.11 34.03 -15.96
CA PHE B 56 8.97 32.72 -15.29
C PHE B 56 10.35 32.08 -15.12
N ASN B 57 11.36 32.60 -15.84
CA ASN B 57 12.70 31.98 -15.92
C ASN B 57 12.51 30.47 -16.25
N GLN B 58 11.65 30.20 -17.24
CA GLN B 58 11.14 28.86 -17.56
C GLN B 58 10.35 28.27 -16.36
N LEU B 59 11.05 27.55 -15.48
CA LEU B 59 10.44 27.01 -14.27
C LEU B 59 11.31 27.39 -13.09
N CYS B 60 11.68 28.68 -13.02
CA CYS B 60 12.63 29.19 -12.02
C CYS B 60 13.89 28.33 -12.00
N CYS B 61 14.41 28.07 -13.20
CA CYS B 61 15.44 27.03 -13.34
C CYS B 61 16.59 27.40 -14.27
N VAL B 62 16.60 28.65 -14.77
CA VAL B 62 17.70 29.12 -15.64
C VAL B 62 18.45 30.23 -14.89
N ASN B 63 18.97 29.86 -13.71
CA ASN B 63 19.53 30.83 -12.76
C ASN B 63 20.65 31.70 -13.35
N LEU B 64 21.55 31.07 -14.09
CA LEU B 64 22.68 31.81 -14.69
C LEU B 64 22.28 32.72 -15.87
N GLY B 65 21.03 32.61 -16.32
CA GLY B 65 20.67 33.20 -17.60
C GLY B 65 20.70 32.18 -18.72
N GLN B 66 19.93 32.46 -19.76
CA GLN B 66 19.87 31.59 -20.95
C GLN B 66 21.15 31.59 -21.77
N LYS B 67 21.63 30.39 -22.15
CA LYS B 67 22.69 30.24 -23.18
C LYS B 67 23.93 31.05 -22.77
N ASN B 68 24.39 30.82 -21.55
CA ASN B 68 25.63 31.43 -21.09
C ASN B 68 26.84 30.96 -21.89
N GLN B 69 27.63 31.92 -22.38
CA GLN B 69 28.75 31.67 -23.32
C GLN B 69 29.83 30.79 -22.66
N LYS B 70 30.09 31.04 -21.38
CA LYS B 70 31.15 30.31 -20.67
C LYS B 70 30.70 28.89 -20.39
N VAL B 71 29.45 28.72 -20.00
CA VAL B 71 28.90 27.37 -19.86
C VAL B 71 28.90 26.61 -21.18
N ASN B 72 28.41 27.25 -22.24
CA ASN B 72 28.41 26.56 -23.51
C ASN B 72 29.79 26.20 -24.01
N ALA B 73 30.76 27.10 -23.85
CA ALA B 73 32.15 26.80 -24.21
C ALA B 73 32.70 25.60 -23.42
N ALA B 74 32.38 25.51 -22.12
CA ALA B 74 32.84 24.38 -21.29
C ALA B 74 32.20 23.06 -21.73
N ILE B 75 30.93 23.09 -22.16
CA ILE B 75 30.28 21.91 -22.70
C ILE B 75 30.98 21.47 -23.96
N LYS B 76 31.29 22.43 -24.85
CA LYS B 76 32.02 22.10 -26.08
C LYS B 76 33.40 21.52 -25.79
N GLU B 77 34.12 22.05 -24.80
CA GLU B 77 35.42 21.50 -24.42
C GLU B 77 35.30 20.03 -23.96
N ALA B 78 34.30 19.74 -23.12
CA ALA B 78 34.06 18.37 -22.64
C ALA B 78 33.80 17.42 -23.79
N LEU B 79 33.09 17.90 -24.79
CA LEU B 79 32.79 17.07 -25.97
C LEU B 79 34.00 16.76 -26.85
N ASP B 80 35.15 17.38 -26.60
CA ASP B 80 36.38 16.93 -27.25
C ASP B 80 36.92 15.67 -26.59
N ARG B 81 36.49 15.40 -25.35
CA ARG B 81 36.97 14.22 -24.64
C ARG B 81 35.91 13.13 -24.50
N TYR B 82 34.64 13.53 -24.36
CA TYR B 82 33.53 12.58 -24.08
C TYR B 82 32.43 12.78 -25.12
N GLY B 83 31.64 11.76 -25.43
CA GLY B 83 31.71 10.42 -24.79
C GLY B 83 30.75 10.22 -23.60
N PHE B 84 30.79 9.02 -23.02
CA PHE B 84 29.97 8.71 -21.85
C PHE B 84 30.60 7.60 -21.03
N VAL B 85 30.68 7.80 -19.72
CA VAL B 85 30.99 6.73 -18.77
C VAL B 85 29.96 6.83 -17.68
N TRP B 86 29.54 5.68 -17.18
CA TRP B 86 28.64 5.61 -16.05
C TRP B 86 29.39 5.79 -14.71
N ASP B 87 28.62 5.75 -13.62
CA ASP B 87 29.07 6.20 -12.29
C ASP B 87 30.24 5.42 -11.71
N THR B 88 30.45 4.20 -12.21
CA THR B 88 31.52 3.35 -11.73
C THR B 88 32.92 3.91 -12.09
N TYR B 89 32.97 4.71 -13.16
CA TYR B 89 34.20 5.39 -13.57
C TYR B 89 34.34 6.82 -13.04
N ALA B 90 35.55 7.21 -12.64
CA ALA B 90 35.79 8.58 -12.20
C ALA B 90 36.13 9.48 -13.38
N THR B 91 35.67 10.73 -13.28
CA THR B 91 36.12 11.77 -14.19
C THR B 91 36.48 13.02 -13.41
N ASP B 92 37.25 13.91 -14.05
CA ASP B 92 37.56 15.21 -13.45
C ASP B 92 36.29 16.04 -13.24
N TYR B 93 35.40 16.09 -14.24
CA TYR B 93 34.19 16.92 -14.11
C TYR B 93 33.30 16.51 -12.95
N LYS B 94 33.10 15.21 -12.76
CA LYS B 94 32.20 14.72 -11.69
C LYS B 94 32.79 14.99 -10.30
N ALA B 95 34.08 14.69 -10.14
CA ALA B 95 34.73 14.88 -8.85
C ALA B 95 34.84 16.39 -8.54
N LYS B 96 35.18 17.18 -9.55
CA LYS B 96 35.22 18.64 -9.36
C LYS B 96 33.86 19.25 -8.97
N ALA B 97 32.79 18.82 -9.63
CA ALA B 97 31.45 19.32 -9.28
C ALA B 97 31.14 19.00 -7.80
N ALA B 98 31.49 17.79 -7.34
CA ALA B 98 31.20 17.44 -5.95
C ALA B 98 32.03 18.30 -4.99
N LYS B 99 33.30 18.52 -5.32
CA LYS B 99 34.21 19.34 -4.53
C LYS B 99 33.71 20.79 -4.46
N ILE B 100 33.28 21.34 -5.60
CA ILE B 100 32.73 22.72 -5.61
C ILE B 100 31.56 22.89 -4.63
N ILE B 101 30.64 21.93 -4.65
CA ILE B 101 29.48 21.96 -3.77
C ILE B 101 29.90 21.85 -2.27
N ILE B 102 30.67 20.81 -1.91
CA ILE B 102 31.00 20.53 -0.50
C ILE B 102 32.00 21.53 0.05
N GLU B 103 33.09 21.73 -0.70
CA GLU B 103 34.25 22.46 -0.21
C GLU B 103 34.14 23.98 -0.47
N ASP B 104 33.61 24.37 -1.61
CA ASP B 104 33.56 25.81 -1.95
C ASP B 104 32.24 26.47 -1.60
N ILE B 105 31.15 26.01 -2.18
CA ILE B 105 29.84 26.60 -1.91
C ILE B 105 29.39 26.43 -0.45
N LEU B 106 29.52 25.22 0.09
CA LEU B 106 29.08 24.92 1.44
C LEU B 106 30.25 24.86 2.41
N GLY B 107 31.40 25.42 2.00
CA GLY B 107 32.65 25.35 2.77
C GLY B 107 32.56 25.94 4.15
N ASP B 108 31.65 26.87 4.37
CA ASP B 108 31.49 27.49 5.70
C ASP B 108 30.58 26.69 6.63
N GLU B 109 30.09 25.51 6.20
CA GLU B 109 29.24 24.67 7.07
C GLU B 109 29.89 23.32 7.34
N ASP B 110 29.71 22.81 8.55
CA ASP B 110 30.36 21.56 8.99
C ASP B 110 29.63 20.27 8.66
N TRP B 111 28.33 20.35 8.38
CA TRP B 111 27.48 19.17 8.24
C TRP B 111 27.61 18.35 6.92
N PRO B 112 27.95 18.98 5.76
CA PRO B 112 27.87 18.24 4.49
C PRO B 112 28.98 17.18 4.34
N GLY B 113 28.60 16.00 3.88
CA GLY B 113 29.57 14.92 3.68
C GLY B 113 29.83 14.62 2.22
N LYS B 114 28.84 14.06 1.54
CA LYS B 114 29.02 13.60 0.16
C LYS B 114 27.87 14.00 -0.75
N VAL B 115 28.09 13.81 -2.06
CA VAL B 115 27.11 14.16 -3.10
C VAL B 115 26.90 12.93 -3.96
N ARG B 116 25.67 12.69 -4.37
CA ARG B 116 25.38 11.77 -5.46
C ARG B 116 24.71 12.59 -6.53
N PHE B 117 25.24 12.49 -7.75
CA PHE B 117 24.64 13.15 -8.91
C PHE B 117 23.69 12.22 -9.65
N VAL B 118 22.54 12.75 -10.05
CA VAL B 118 21.60 12.06 -10.93
C VAL B 118 21.19 13.07 -12.05
N SER B 119 20.09 12.83 -12.75
CA SER B 119 19.83 13.65 -13.95
C SER B 119 18.71 14.64 -13.80
N THR B 120 17.84 14.46 -12.78
CA THR B 120 16.65 15.35 -12.61
C THR B 120 16.37 15.62 -11.13
N GLY B 121 15.57 16.64 -10.83
CA GLY B 121 15.16 16.92 -9.47
C GLY B 121 14.30 15.81 -8.89
N SER B 122 13.43 15.22 -9.70
CA SER B 122 12.60 14.08 -9.24
C SER B 122 13.52 12.90 -8.89
N GLU B 123 14.53 12.61 -9.73
CA GLU B 123 15.52 11.57 -9.34
C GLU B 123 16.32 11.90 -8.06
N ALA B 124 16.66 13.18 -7.86
CA ALA B 124 17.33 13.62 -6.61
C ALA B 124 16.44 13.34 -5.38
N VAL B 125 15.15 13.68 -5.48
CA VAL B 125 14.19 13.45 -4.38
C VAL B 125 14.00 11.93 -4.15
N GLU B 126 13.86 11.15 -5.23
CA GLU B 126 13.83 9.68 -5.11
C GLU B 126 15.03 9.18 -4.33
N THR B 127 16.21 9.71 -4.65
CA THR B 127 17.44 9.27 -3.99
C THR B 127 17.46 9.64 -2.49
N ALA B 128 16.99 10.83 -2.16
CA ALA B 128 16.95 11.31 -0.76
C ALA B 128 15.99 10.47 0.08
N LEU B 129 14.83 10.16 -0.49
CA LEU B 129 13.83 9.32 0.20
C LEU B 129 14.40 7.92 0.48
N ASN B 130 15.09 7.34 -0.50
CA ASN B 130 15.75 6.04 -0.32
C ASN B 130 16.77 6.10 0.81
N ILE B 131 17.61 7.11 0.78
CA ILE B 131 18.68 7.26 1.74
C ILE B 131 18.15 7.49 3.16
N ALA B 132 17.19 8.39 3.32
CA ALA B 132 16.63 8.68 4.64
C ALA B 132 16.02 7.42 5.27
N ARG B 133 15.28 6.65 4.47
CA ARG B 133 14.65 5.42 4.94
C ARG B 133 15.69 4.33 5.27
N LEU B 134 16.73 4.19 4.43
CA LEU B 134 17.80 3.22 4.71
C LEU B 134 18.63 3.58 5.97
N TYR B 135 18.99 4.85 6.09
CA TYR B 135 19.76 5.36 7.22
C TYR B 135 19.04 5.20 8.54
N THR B 136 17.76 5.56 8.57
CA THR B 136 16.96 5.46 9.80
C THR B 136 16.38 4.06 9.99
N ASN B 137 16.27 3.31 8.91
CA ASN B 137 15.58 2.02 8.89
C ASN B 137 14.10 2.14 9.25
N ARG B 138 13.49 3.24 8.80
CA ARG B 138 12.07 3.53 9.09
C ARG B 138 11.31 3.80 7.79
N PRO B 139 10.01 3.47 7.75
CA PRO B 139 9.32 3.60 6.46
C PRO B 139 8.68 4.96 6.19
N LEU B 140 8.17 5.66 7.20
CA LEU B 140 7.31 6.82 6.89
C LEU B 140 8.08 8.10 6.61
N VAL B 141 7.61 8.88 5.63
CA VAL B 141 8.19 10.23 5.44
C VAL B 141 7.02 11.21 5.55
N VAL B 142 7.27 12.36 6.18
CA VAL B 142 6.25 13.40 6.36
C VAL B 142 6.47 14.48 5.28
N THR B 143 5.39 14.92 4.65
CA THR B 143 5.41 16.02 3.71
C THR B 143 4.36 17.03 4.16
N ARG B 144 4.13 18.08 3.39
CA ARG B 144 3.08 19.04 3.75
C ARG B 144 2.09 19.27 2.61
N GLU B 145 0.86 19.56 2.99
CA GLU B 145 -0.13 20.23 2.16
C GLU B 145 0.50 21.24 1.19
N HIS B 146 0.26 21.03 -0.11
CA HIS B 146 0.73 21.88 -1.23
C HIS B 146 2.19 21.79 -1.59
N ASP B 147 2.94 20.92 -0.93
CA ASP B 147 4.32 20.62 -1.38
C ASP B 147 4.35 20.05 -2.80
N TYR B 148 5.39 20.42 -3.56
CA TYR B 148 5.66 19.78 -4.84
C TYR B 148 7.09 19.23 -4.77
N HIS B 149 7.26 17.93 -4.85
CA HIS B 149 8.60 17.36 -4.79
C HIS B 149 8.99 16.54 -6.03
N GLY B 150 8.22 16.71 -7.10
CA GLY B 150 8.49 15.99 -8.34
C GLY B 150 7.36 15.07 -8.78
N TRP B 151 7.59 14.35 -9.88
CA TRP B 151 6.51 13.63 -10.56
C TRP B 151 6.69 12.11 -10.65
N THR B 152 7.91 11.59 -10.48
CA THR B 152 8.12 10.12 -10.51
C THR B 152 7.51 9.45 -9.27
N GLY B 153 7.28 8.13 -9.33
CA GLY B 153 6.53 7.41 -8.30
C GLY B 153 6.75 7.78 -6.84
N GLY B 154 8.01 7.79 -6.39
CA GLY B 154 8.34 8.14 -4.98
C GLY B 154 8.24 9.64 -4.67
N ALA B 155 8.73 10.47 -5.58
CA ALA B 155 8.65 11.91 -5.42
C ALA B 155 7.17 12.34 -5.47
N ALA B 156 6.35 11.64 -6.26
CA ALA B 156 4.92 11.95 -6.33
C ALA B 156 4.17 11.66 -5.01
N THR B 157 4.56 10.62 -4.29
CA THR B 157 3.90 10.30 -3.00
C THR B 157 4.04 11.48 -2.00
N VAL B 158 5.10 12.28 -2.12
CA VAL B 158 5.28 13.38 -1.15
C VAL B 158 4.82 14.74 -1.75
N THR B 159 4.24 14.67 -2.95
CA THR B 159 3.67 15.86 -3.60
C THR B 159 2.18 15.92 -3.23
N ARG B 160 1.76 17.04 -2.64
CA ARG B 160 0.38 17.17 -2.19
C ARG B 160 -0.31 18.35 -2.89
N LEU B 161 -0.25 18.37 -4.24
CA LEU B 161 -1.04 19.31 -5.05
C LEU B 161 -1.77 18.45 -6.05
N ARG B 162 -3.09 18.37 -5.92
CA ARG B 162 -3.89 17.48 -6.78
C ARG B 162 -3.93 17.97 -8.24
N SER B 163 -3.46 19.19 -8.50
CA SER B 163 -3.35 19.74 -9.88
C SER B 163 -2.04 19.36 -10.56
N PHE B 164 -1.15 18.67 -9.85
CA PHE B 164 0.18 18.38 -10.43
C PHE B 164 0.61 16.94 -10.16
N ARG B 165 -0.35 16.01 -10.04
CA ARG B 165 -0.01 14.59 -9.77
C ARG B 165 -0.19 13.71 -11.00
N SER B 166 -0.04 14.31 -12.17
CA SER B 166 0.00 13.57 -13.44
C SER B 166 -1.32 12.87 -13.79
N GLY B 167 -2.41 13.38 -13.24
CA GLY B 167 -3.75 12.91 -13.54
C GLY B 167 -4.31 13.66 -14.77
N LEU B 168 -5.58 13.37 -15.07
CA LEU B 168 -6.26 13.95 -16.22
C LEU B 168 -7.45 14.79 -15.80
N VAL B 169 -7.66 15.93 -16.48
CA VAL B 169 -8.89 16.73 -16.30
C VAL B 169 -9.46 17.07 -17.67
N GLY B 170 -10.69 17.59 -17.70
CA GLY B 170 -11.35 17.92 -18.95
C GLY B 170 -11.01 19.32 -19.44
N GLU B 171 -11.46 19.63 -20.65
CA GLU B 171 -11.24 20.97 -21.19
C GLU B 171 -12.39 21.87 -20.74
N ASN B 172 -12.11 22.80 -19.82
CA ASN B 172 -13.09 23.78 -19.35
C ASN B 172 -14.34 23.14 -18.76
N SER B 173 -14.14 21.99 -18.12
CA SER B 173 -15.23 21.23 -17.53
C SER B 173 -14.77 20.46 -16.31
N GLU B 174 -15.70 20.19 -15.39
CA GLU B 174 -15.47 19.38 -14.19
C GLU B 174 -15.73 17.90 -14.42
N SER B 175 -16.22 17.60 -15.61
CA SER B 175 -16.70 16.27 -15.97
C SER B 175 -15.63 15.17 -15.88
N PHE B 176 -14.64 15.23 -16.77
CA PHE B 176 -13.86 14.03 -17.11
C PHE B 176 -12.53 13.87 -16.36
N SER B 177 -12.56 14.00 -15.02
CA SER B 177 -11.31 13.99 -14.27
C SER B 177 -10.93 12.64 -13.65
N ALA B 178 -9.63 12.41 -13.48
CA ALA B 178 -9.12 11.15 -12.91
C ALA B 178 -7.76 11.41 -12.32
N GLN B 179 -7.45 10.73 -11.22
CA GLN B 179 -6.08 10.65 -10.77
C GLN B 179 -5.61 9.26 -11.17
N ILE B 180 -4.29 9.04 -11.14
CA ILE B 180 -3.73 7.75 -11.59
C ILE B 180 -4.22 6.64 -10.67
N PRO B 181 -4.84 5.58 -11.24
CA PRO B 181 -5.31 4.47 -10.41
C PRO B 181 -4.19 3.84 -9.62
N GLY B 182 -4.47 3.52 -8.36
CA GLY B 182 -3.48 2.87 -7.52
C GLY B 182 -2.72 3.77 -6.57
N SER B 183 -2.89 5.10 -6.69
CA SER B 183 -2.09 6.01 -5.87
C SER B 183 -2.73 6.31 -4.53
N SER B 187 0.72 3.62 0.87
CA SER B 187 1.45 4.86 0.96
C SER B 187 2.27 4.97 2.27
N ALA B 188 3.57 5.15 2.18
CA ALA B 188 4.40 5.29 3.39
C ALA B 188 4.69 6.75 3.66
N VAL B 189 3.65 7.58 3.48
CA VAL B 189 3.79 9.04 3.58
C VAL B 189 2.70 9.61 4.48
N LEU B 190 3.03 10.62 5.29
CA LEU B 190 2.02 11.33 6.06
C LEU B 190 2.04 12.79 5.62
N MET B 191 0.86 13.38 5.45
CA MET B 191 0.79 14.78 5.10
C MET B 191 0.51 15.61 6.35
N ALA B 192 1.44 16.53 6.63
CA ALA B 192 1.32 17.46 7.75
C ALA B 192 0.76 18.79 7.20
N PRO B 193 0.32 19.69 8.09
CA PRO B 193 -0.20 20.95 7.55
C PRO B 193 0.89 21.79 6.92
N SER B 194 0.52 22.51 5.87
CA SER B 194 1.34 23.60 5.35
C SER B 194 1.80 24.59 6.46
N SER B 195 2.96 25.23 6.30
CA SER B 195 3.34 26.38 7.16
C SER B 195 2.27 27.50 7.12
N ASN B 196 1.52 27.55 6.03
CA ASN B 196 0.51 28.59 5.80
C ASN B 196 -0.89 28.27 6.38
N THR B 197 -0.98 27.29 7.26
CA THR B 197 -2.24 26.95 7.92
C THR B 197 -2.31 27.57 9.33
N PHE B 198 -3.53 27.72 9.85
CA PHE B 198 -3.84 28.27 11.18
C PHE B 198 -3.47 29.75 11.34
N GLN B 199 -4.27 30.58 10.70
CA GLN B 199 -4.15 32.02 10.75
C GLN B 199 -5.37 32.57 11.47
N ASP B 200 -5.19 33.64 12.25
CA ASP B 200 -6.34 34.36 12.79
C ASP B 200 -6.95 35.26 11.71
N SER B 201 -7.99 36.02 12.09
CA SER B 201 -8.75 36.87 11.16
C SER B 201 -7.92 37.94 10.43
N ASN B 202 -6.94 38.51 11.14
CA ASN B 202 -6.01 39.50 10.56
C ASN B 202 -4.90 38.90 9.68
N GLY B 203 -4.87 37.58 9.54
CA GLY B 203 -3.84 36.91 8.74
C GLY B 203 -2.55 36.60 9.49
N ASN B 204 -2.57 36.77 10.81
CA ASN B 204 -1.44 36.39 11.64
C ASN B 204 -1.48 34.89 11.94
N TYR B 205 -0.32 34.24 11.90
CA TYR B 205 -0.19 32.81 12.18
C TYR B 205 -0.39 32.52 13.65
N LEU B 206 -1.22 31.54 13.94
CA LEU B 206 -1.52 31.19 15.32
C LEU B 206 -0.35 30.44 15.93
N LYS B 207 -0.05 30.77 17.19
CA LYS B 207 1.03 30.12 17.93
C LYS B 207 0.53 29.84 19.32
N ASP B 208 1.20 28.93 20.02
CA ASP B 208 0.86 28.67 21.43
C ASP B 208 1.55 29.73 22.29
N GLU B 209 1.42 29.62 23.61
CA GLU B 209 1.92 30.69 24.47
C GLU B 209 3.45 30.75 24.53
N ASN B 210 4.13 29.68 24.10
CA ASN B 210 5.60 29.67 23.95
C ASN B 210 6.11 30.06 22.57
N GLY B 211 5.20 30.47 21.70
CA GLY B 211 5.54 30.97 20.38
C GLY B 211 5.62 29.90 19.31
N GLU B 212 5.34 28.64 19.66
CA GLU B 212 5.38 27.56 18.66
C GLU B 212 4.18 27.65 17.72
N LEU B 213 4.43 27.66 16.42
CA LEU B 213 3.35 27.75 15.43
C LEU B 213 2.48 26.50 15.54
N LEU B 214 1.16 26.67 15.41
CA LEU B 214 0.24 25.54 15.51
C LEU B 214 0.46 24.51 14.40
N SER B 215 0.91 24.95 13.21
CA SER B 215 1.26 24.02 12.14
C SER B 215 2.37 23.07 12.60
N VAL B 216 3.39 23.61 13.28
CA VAL B 216 4.50 22.79 13.83
C VAL B 216 4.02 21.93 15.00
N LYS B 217 3.24 22.52 15.90
CA LYS B 217 2.74 21.79 17.06
C LYS B 217 1.94 20.56 16.59
N TYR B 218 1.10 20.75 15.58
CA TYR B 218 0.29 19.66 15.05
C TYR B 218 1.14 18.59 14.35
N THR B 219 2.14 19.03 13.58
CA THR B 219 3.10 18.15 12.92
C THR B 219 3.76 17.27 13.98
N ARG B 220 4.22 17.88 15.07
CA ARG B 220 4.85 17.07 16.12
C ARG B 220 3.89 16.01 16.67
N ARG B 221 2.64 16.40 16.93
CA ARG B 221 1.58 15.49 17.40
C ARG B 221 1.36 14.35 16.43
N MET B 222 1.36 14.70 15.14
CA MET B 222 1.21 13.66 14.12
C MET B 222 2.28 12.59 14.23
N ILE B 223 3.53 13.04 14.28
CA ILE B 223 4.63 12.12 14.36
C ILE B 223 4.53 11.27 15.64
N GLU B 224 4.15 11.91 16.73
CA GLU B 224 4.06 11.23 18.03
C GLU B 224 2.94 10.21 18.03
N ASN B 225 1.89 10.49 17.24
CA ASN B 225 0.77 9.58 17.09
C ASN B 225 1.13 8.30 16.36
N TYR B 226 1.90 8.41 15.27
CA TYR B 226 2.38 7.21 14.57
C TYR B 226 3.53 6.55 15.34
N GLY B 227 4.28 7.36 16.09
CA GLY B 227 5.50 6.94 16.77
C GLY B 227 6.71 7.41 15.95
N PRO B 228 7.60 8.18 16.60
CA PRO B 228 8.82 8.68 15.96
C PRO B 228 9.70 7.55 15.39
N GLU B 229 9.62 6.35 15.99
CA GLU B 229 10.38 5.19 15.53
C GLU B 229 9.90 4.68 14.16
N GLN B 230 8.79 5.22 13.67
CA GLN B 230 8.23 4.84 12.36
C GLN B 230 8.59 5.85 11.28
N VAL B 231 9.11 6.99 11.69
CA VAL B 231 9.24 8.15 10.82
C VAL B 231 10.69 8.45 10.47
N ALA B 232 11.04 8.23 9.20
CA ALA B 232 12.39 8.47 8.72
C ALA B 232 12.74 9.93 8.65
N ALA B 233 11.81 10.76 8.16
CA ALA B 233 12.18 12.07 7.66
C ALA B 233 10.98 12.98 7.49
N VAL B 234 11.20 14.29 7.61
CA VAL B 234 10.27 15.29 7.13
C VAL B 234 10.95 15.89 5.89
N ILE B 235 10.26 15.91 4.74
CA ILE B 235 10.77 16.63 3.56
C ILE B 235 9.98 17.94 3.42
N THR B 236 10.69 19.04 3.18
CA THR B 236 10.02 20.33 3.04
C THR B 236 10.52 21.08 1.82
N GLU B 237 9.78 22.11 1.41
CA GLU B 237 10.35 23.18 0.60
C GLU B 237 10.43 24.37 1.55
N VAL B 238 11.58 25.01 1.65
CA VAL B 238 11.75 26.20 2.49
C VAL B 238 10.75 27.32 2.08
N SER B 239 10.44 27.38 0.79
CA SER B 239 9.40 28.24 0.25
C SER B 239 8.77 27.36 -0.80
N GLN B 240 7.46 27.14 -0.68
CA GLN B 240 6.75 26.24 -1.62
C GLN B 240 6.81 26.83 -3.04
N GLY B 241 7.32 26.03 -3.97
CA GLY B 241 7.62 26.53 -5.33
C GLY B 241 6.39 26.58 -6.24
N VAL B 242 6.03 25.41 -6.78
CA VAL B 242 4.81 25.28 -7.58
C VAL B 242 3.60 25.75 -6.75
N GLY B 243 3.58 25.35 -5.49
CA GLY B 243 2.45 25.66 -4.59
C GLY B 243 2.40 27.14 -4.16
N SER B 244 3.49 27.87 -4.38
CA SER B 244 3.52 29.33 -4.36
C SER B 244 3.17 29.96 -2.99
N THR B 245 3.96 29.65 -1.97
CA THR B 245 3.85 30.33 -0.68
C THR B 245 5.22 30.71 -0.14
N MET B 246 5.19 31.53 0.88
CA MET B 246 6.34 31.82 1.73
C MET B 246 5.93 31.47 3.17
N PRO B 247 6.88 31.00 4.00
CA PRO B 247 6.51 30.58 5.34
C PRO B 247 6.50 31.73 6.36
N PRO B 248 5.75 31.55 7.47
CA PRO B 248 6.06 32.39 8.62
C PRO B 248 7.54 32.24 8.94
N TYR B 249 8.17 33.35 9.33
CA TYR B 249 9.61 33.38 9.61
C TYR B 249 10.12 32.23 10.50
N GLU B 250 9.35 31.84 11.50
CA GLU B 250 9.81 30.89 12.52
C GLU B 250 9.62 29.44 12.13
N TYR B 251 8.89 29.18 11.04
CA TYR B 251 8.54 27.83 10.67
C TYR B 251 9.78 26.95 10.45
N VAL B 252 10.73 27.43 9.64
CA VAL B 252 11.89 26.61 9.29
C VAL B 252 12.73 26.26 10.55
N PRO B 253 13.04 27.23 11.42
CA PRO B 253 13.79 26.79 12.61
C PRO B 253 12.98 25.89 13.51
N GLN B 254 11.67 26.11 13.58
CA GLN B 254 10.82 25.29 14.44
C GLN B 254 10.72 23.85 13.96
N ILE B 255 10.67 23.65 12.63
CA ILE B 255 10.70 22.28 12.11
C ILE B 255 12.07 21.64 12.32
N ARG B 256 13.16 22.38 12.16
CA ARG B 256 14.49 21.80 12.36
C ARG B 256 14.63 21.31 13.80
N LYS B 257 14.15 22.12 14.73
CA LYS B 257 14.25 21.81 16.16
C LYS B 257 13.33 20.63 16.50
N MET B 258 12.10 20.63 15.96
CA MET B 258 11.16 19.52 16.19
C MET B 258 11.72 18.18 15.70
N THR B 259 12.22 18.14 14.46
CA THR B 259 12.83 16.92 13.93
C THR B 259 14.02 16.44 14.77
N LYS B 260 14.88 17.35 15.18
CA LYS B 260 16.06 17.00 15.99
C LYS B 260 15.63 16.36 17.31
N GLU B 261 14.62 16.95 17.95
CA GLU B 261 14.11 16.44 19.21
C GLU B 261 13.42 15.09 19.07
N LEU B 262 12.89 14.78 17.88
CA LEU B 262 12.17 13.53 17.70
C LEU B 262 13.06 12.44 17.08
N GLY B 263 14.30 12.76 16.76
CA GLY B 263 15.22 11.80 16.14
C GLY B 263 14.83 11.51 14.69
N VAL B 264 14.25 12.51 14.02
CA VAL B 264 13.77 12.38 12.62
C VAL B 264 14.65 13.25 11.70
N LEU B 265 14.96 12.78 10.48
CA LEU B 265 15.75 13.59 9.57
C LEU B 265 14.98 14.76 8.96
N TRP B 266 15.71 15.80 8.56
CA TRP B 266 15.12 16.86 7.74
C TRP B 266 15.79 16.94 6.38
N ILE B 267 14.95 16.77 5.35
CA ILE B 267 15.38 16.90 3.95
C ILE B 267 14.88 18.25 3.48
N SER B 268 15.82 19.14 3.12
CA SER B 268 15.40 20.39 2.51
C SER B 268 15.40 20.14 1.01
N ASP B 269 14.23 20.18 0.39
CA ASP B 269 14.17 20.00 -1.05
C ASP B 269 14.48 21.37 -1.65
N GLU B 270 15.74 21.54 -2.04
CA GLU B 270 16.27 22.79 -2.63
C GLU B 270 16.32 22.76 -4.16
N VAL B 271 15.57 21.88 -4.79
CA VAL B 271 15.55 21.82 -6.27
C VAL B 271 15.28 23.20 -6.89
N LEU B 272 14.28 23.91 -6.37
CA LEU B 272 13.96 25.25 -6.85
C LEU B 272 14.69 26.37 -6.09
N THR B 273 14.67 26.32 -4.75
CA THR B 273 15.25 27.40 -3.96
C THR B 273 16.78 27.40 -3.95
N GLY B 274 17.41 26.34 -4.44
CA GLY B 274 18.87 26.28 -4.39
C GLY B 274 19.59 27.13 -5.42
N PHE B 275 20.89 27.27 -5.22
CA PHE B 275 21.81 27.94 -6.14
C PHE B 275 21.44 29.39 -6.47
N GLY B 276 21.30 30.18 -5.40
CA GLY B 276 21.21 31.65 -5.51
C GLY B 276 19.82 32.22 -5.70
N ARG B 277 18.86 31.33 -5.99
CA ARG B 277 17.43 31.69 -6.24
C ARG B 277 16.84 32.66 -5.21
N THR B 278 17.17 32.45 -3.94
CA THR B 278 16.60 33.23 -2.86
C THR B 278 17.53 34.33 -2.32
N GLY B 279 18.63 34.62 -3.02
CA GLY B 279 19.60 35.63 -2.55
C GLY B 279 20.55 35.08 -1.50
N LYS B 280 20.56 33.75 -1.34
CA LYS B 280 21.56 33.02 -0.56
C LYS B 280 21.89 31.78 -1.39
N TRP B 281 22.97 31.06 -1.07
CA TRP B 281 23.27 29.85 -1.82
C TRP B 281 22.08 28.89 -1.80
N PHE B 282 21.47 28.73 -0.63
CA PHE B 282 20.32 27.83 -0.47
C PHE B 282 19.25 28.49 0.37
N GLY B 283 18.00 28.13 0.11
CA GLY B 283 16.88 28.71 0.86
C GLY B 283 17.02 28.54 2.38
N TYR B 284 17.45 27.37 2.83
CA TYR B 284 17.55 27.14 4.28
C TYR B 284 18.46 28.15 5.01
N GLN B 285 19.37 28.78 4.27
CA GLN B 285 20.43 29.60 4.86
C GLN B 285 19.93 30.95 5.37
N HIS B 286 18.69 31.29 5.00
CA HIS B 286 18.01 32.46 5.53
C HIS B 286 17.61 32.24 6.98
N TYR B 287 17.66 31.00 7.44
CA TYR B 287 16.99 30.61 8.71
C TYR B 287 17.88 30.12 9.85
N GLY B 288 19.19 30.10 9.65
CA GLY B 288 20.12 29.76 10.73
C GLY B 288 20.15 28.31 11.13
N VAL B 289 19.77 27.43 10.20
CA VAL B 289 19.67 26.00 10.45
C VAL B 289 20.47 25.24 9.39
N GLN B 290 20.58 23.93 9.58
CA GLN B 290 21.26 23.09 8.61
C GLN B 290 20.47 21.78 8.48
N PRO B 291 20.19 21.32 7.24
CA PRO B 291 19.41 20.09 7.09
C PRO B 291 20.32 18.85 7.15
N ASP B 292 19.73 17.65 7.14
CA ASP B 292 20.47 16.40 7.04
C ASP B 292 20.78 16.03 5.60
N ILE B 293 19.89 16.43 4.71
CA ILE B 293 19.94 16.05 3.28
C ILE B 293 19.37 17.23 2.49
N ILE B 294 19.99 17.53 1.34
CA ILE B 294 19.46 18.50 0.39
C ILE B 294 19.24 17.80 -0.95
N THR B 295 18.11 18.08 -1.62
CA THR B 295 17.93 17.64 -3.00
C THR B 295 18.11 18.83 -3.94
N MET B 296 18.73 18.58 -5.08
CA MET B 296 19.11 19.65 -6.02
C MET B 296 18.67 19.32 -7.47
N GLY B 297 18.36 20.37 -8.22
CA GLY B 297 18.12 20.31 -9.67
C GLY B 297 18.16 21.75 -10.15
N LYS B 298 17.52 22.03 -11.28
CA LYS B 298 17.30 23.42 -11.79
C LYS B 298 18.58 24.26 -11.84
N GLY B 299 18.77 25.14 -10.85
CA GLY B 299 19.94 26.01 -10.75
C GLY B 299 21.27 25.28 -10.60
N LEU B 300 21.21 23.97 -10.25
CA LEU B 300 22.44 23.15 -10.23
C LEU B 300 23.26 23.22 -11.51
N SER B 301 22.58 23.21 -12.65
CA SER B 301 23.25 23.42 -13.93
C SER B 301 22.62 24.64 -14.66
N SER B 302 21.74 25.36 -13.97
CA SER B 302 20.86 26.37 -14.66
C SER B 302 20.22 25.83 -15.94
N SER B 303 19.88 24.52 -15.96
CA SER B 303 19.17 23.87 -17.06
C SER B 303 19.98 23.77 -18.33
N SER B 304 21.28 24.08 -18.25
CA SER B 304 22.15 24.04 -19.43
C SER B 304 22.14 22.60 -19.98
N LEU B 305 22.20 21.63 -19.06
CA LEU B 305 21.96 20.21 -19.35
C LEU B 305 21.28 19.57 -18.15
N PRO B 306 20.62 18.40 -18.34
CA PRO B 306 19.92 17.77 -17.21
C PRO B 306 20.92 17.29 -16.12
N ALA B 307 20.68 17.74 -14.90
CA ALA B 307 21.47 17.30 -13.74
C ALA B 307 20.61 17.47 -12.49
N GLY B 308 20.75 16.51 -11.59
CA GLY B 308 20.17 16.58 -10.22
C GLY B 308 21.22 16.10 -9.24
N ALA B 309 21.01 16.34 -7.95
CA ALA B 309 21.97 15.83 -6.95
C ALA B 309 21.31 15.75 -5.58
N VAL B 310 21.92 14.94 -4.72
CA VAL B 310 21.63 14.94 -3.31
C VAL B 310 22.94 15.19 -2.54
N VAL B 311 22.87 16.01 -1.50
CA VAL B 311 23.95 16.16 -0.53
C VAL B 311 23.50 15.58 0.80
N VAL B 312 24.33 14.68 1.36
CA VAL B 312 24.02 14.05 2.64
C VAL B 312 25.02 14.50 3.72
N SER B 313 24.57 14.54 4.97
CA SER B 313 25.43 14.93 6.07
C SER B 313 26.61 13.98 6.20
N LYS B 314 27.66 14.41 6.89
CA LYS B 314 28.78 13.52 7.25
C LYS B 314 28.35 12.22 7.89
N GLU B 315 27.41 12.24 8.83
CA GLU B 315 27.00 10.99 9.49
C GLU B 315 26.22 10.03 8.56
N ILE B 316 25.35 10.58 7.72
CA ILE B 316 24.67 9.77 6.74
C ILE B 316 25.69 9.18 5.75
N ALA B 317 26.61 10.00 5.25
CA ALA B 317 27.61 9.51 4.32
C ALA B 317 28.49 8.39 4.95
N ALA B 318 28.84 8.54 6.23
CA ALA B 318 29.64 7.50 6.94
C ALA B 318 28.87 6.18 7.01
N PHE B 319 27.55 6.25 7.23
CA PHE B 319 26.73 5.03 7.27
C PHE B 319 26.67 4.39 5.88
N MET B 320 26.37 5.19 4.87
CA MET B 320 26.29 4.67 3.49
C MET B 320 27.62 4.10 3.02
N ASP B 321 28.71 4.78 3.34
CA ASP B 321 30.08 4.32 3.01
C ASP B 321 30.43 2.92 3.54
N LYS B 322 29.75 2.48 4.60
CA LYS B 322 30.04 1.17 5.20
C LYS B 322 29.31 0.05 4.48
N HIS B 323 28.50 0.38 3.47
CA HIS B 323 27.71 -0.64 2.75
C HIS B 323 27.99 -0.60 1.24
N ARG B 324 27.72 -1.73 0.59
CA ARG B 324 27.60 -1.79 -0.86
C ARG B 324 26.16 -1.39 -1.22
N TRP B 325 26.02 -0.27 -1.94
CA TRP B 325 24.69 0.24 -2.28
C TRP B 325 24.28 -0.22 -3.67
N GLU B 326 23.19 -0.98 -3.72
CA GLU B 326 22.84 -1.73 -4.92
C GLU B 326 21.97 -0.88 -5.87
N SER B 327 22.46 0.29 -6.28
CA SER B 327 21.60 1.24 -6.99
C SER B 327 22.37 1.77 -8.16
N VAL B 328 21.76 1.67 -9.35
CA VAL B 328 22.36 2.16 -10.61
C VAL B 328 21.32 2.98 -11.37
N SER B 329 21.78 4.14 -11.86
CA SER B 329 21.08 5.01 -12.79
C SER B 329 22.02 5.19 -13.95
N THR B 330 21.60 4.85 -15.17
CA THR B 330 22.49 4.87 -16.32
C THR B 330 23.23 6.20 -16.45
N TYR B 331 22.49 7.31 -16.48
CA TYR B 331 23.10 8.61 -16.76
C TYR B 331 23.61 9.38 -15.54
N ALA B 332 23.43 8.83 -14.34
CA ALA B 332 23.94 9.49 -13.12
C ALA B 332 25.45 9.76 -13.27
N GLY B 333 25.81 11.03 -13.17
CA GLY B 333 27.20 11.48 -13.18
C GLY B 333 27.70 11.80 -14.57
N HIS B 334 26.81 11.76 -15.54
CA HIS B 334 27.15 11.98 -16.96
C HIS B 334 28.23 13.07 -17.11
N PRO B 335 29.40 12.72 -17.66
CA PRO B 335 30.51 13.69 -17.57
C PRO B 335 30.26 15.04 -18.27
N VAL B 336 29.46 15.05 -19.34
CA VAL B 336 29.22 16.31 -20.07
C VAL B 336 28.26 17.18 -19.28
N ALA B 337 27.25 16.53 -18.70
CA ALA B 337 26.36 17.17 -17.74
C ALA B 337 27.19 17.71 -16.55
N MET B 338 28.14 16.92 -16.06
CA MET B 338 29.00 17.37 -14.95
C MET B 338 29.90 18.56 -15.34
N ALA B 339 30.37 18.58 -16.60
CA ALA B 339 31.17 19.71 -17.07
C ALA B 339 30.32 20.99 -17.07
N ALA B 340 29.05 20.83 -17.46
CA ALA B 340 28.10 21.97 -17.42
C ALA B 340 27.86 22.47 -16.00
N VAL B 341 27.63 21.54 -15.07
CA VAL B 341 27.49 21.86 -13.63
C VAL B 341 28.70 22.66 -13.15
N CYS B 342 29.91 22.14 -13.37
CA CYS B 342 31.15 22.82 -13.00
C CYS B 342 31.19 24.27 -13.48
N ALA B 343 30.97 24.46 -14.78
CA ALA B 343 31.04 25.79 -15.37
C ALA B 343 29.94 26.68 -14.80
N ASN B 344 28.72 26.15 -14.73
CA ASN B 344 27.61 26.87 -14.10
C ASN B 344 28.00 27.36 -12.70
N LEU B 345 28.53 26.46 -11.87
CA LEU B 345 28.82 26.85 -10.47
C LEU B 345 29.97 27.86 -10.39
N GLU B 346 30.97 27.68 -11.25
CA GLU B 346 32.15 28.58 -11.27
C GLU B 346 31.77 30.01 -11.69
N VAL B 347 30.94 30.13 -12.72
CA VAL B 347 30.37 31.43 -13.09
C VAL B 347 29.60 32.05 -11.95
N MET B 348 28.70 31.28 -11.31
CA MET B 348 27.94 31.77 -10.16
C MET B 348 28.82 32.32 -9.06
N MET B 349 29.87 31.58 -8.71
CA MET B 349 30.84 32.01 -7.71
C MET B 349 31.61 33.26 -8.15
N GLU B 350 32.23 33.22 -9.33
CA GLU B 350 33.07 34.36 -9.74
C GLU B 350 32.28 35.64 -10.02
N GLU B 351 31.05 35.53 -10.50
CA GLU B 351 30.24 36.72 -10.75
C GLU B 351 29.53 37.21 -9.51
N ASN B 352 29.73 36.51 -8.39
CA ASN B 352 28.93 36.76 -7.18
C ASN B 352 27.42 36.95 -7.45
N LEU B 353 26.83 35.94 -8.06
CA LEU B 353 25.43 35.97 -8.43
C LEU B 353 24.50 35.84 -7.22
N VAL B 354 24.97 35.21 -6.14
CA VAL B 354 24.18 35.17 -4.89
C VAL B 354 23.88 36.62 -4.40
N GLU B 355 24.92 37.45 -4.34
CA GLU B 355 24.78 38.85 -3.92
C GLU B 355 23.94 39.63 -4.93
N GLN B 356 24.22 39.47 -6.23
CA GLN B 356 23.40 40.10 -7.27
C GLN B 356 21.90 39.79 -7.08
N ALA B 357 21.57 38.52 -6.84
CA ALA B 357 20.19 38.09 -6.62
C ALA B 357 19.61 38.75 -5.37
N LYS B 358 20.39 38.77 -4.30
CA LYS B 358 19.94 39.42 -3.09
C LYS B 358 19.57 40.89 -3.34
N ASN B 359 20.45 41.64 -4.02
CA ASN B 359 20.21 43.07 -4.24
C ASN B 359 19.04 43.27 -5.20
N SER B 360 18.96 42.41 -6.22
CA SER B 360 17.82 42.51 -7.14
C SER B 360 16.47 42.20 -6.47
N GLY B 361 16.48 41.27 -5.52
CA GLY B 361 15.28 41.01 -4.69
C GLY B 361 14.83 42.26 -3.95
N GLU B 362 15.78 42.96 -3.33
CA GLU B 362 15.49 44.21 -2.62
C GLU B 362 14.88 45.26 -3.56
N TYR B 363 15.40 45.39 -4.78
CA TYR B 363 14.83 46.26 -5.82
C TYR B 363 13.41 45.82 -6.18
N ILE B 364 13.24 44.51 -6.43
CA ILE B 364 11.91 43.95 -6.71
C ILE B 364 10.90 44.26 -5.59
N ARG B 365 11.32 44.11 -4.34
CA ARG B 365 10.45 44.44 -3.22
C ARG B 365 9.91 45.87 -3.34
N SER B 366 10.80 46.83 -3.64
CA SER B 366 10.42 48.24 -3.87
C SER B 366 9.41 48.45 -4.98
N LYS B 367 9.61 47.75 -6.10
CA LYS B 367 8.69 47.83 -7.23
C LYS B 367 7.34 47.25 -6.84
N LEU B 368 7.35 46.12 -6.13
CA LEU B 368 6.09 45.48 -5.68
C LEU B 368 5.32 46.32 -4.66
N GLU B 369 6.03 46.98 -3.75
CA GLU B 369 5.35 47.91 -2.81
C GLU B 369 4.61 49.01 -3.57
N LEU B 370 5.28 49.61 -4.56
CA LEU B 370 4.69 50.64 -5.41
C LEU B 370 3.50 50.12 -6.22
N LEU B 371 3.63 48.89 -6.75
CA LEU B 371 2.50 48.27 -7.45
C LEU B 371 1.31 48.02 -6.52
N GLN B 372 1.58 47.55 -5.30
CA GLN B 372 0.48 47.32 -4.34
C GLN B 372 -0.27 48.59 -3.87
N GLU B 373 0.42 49.73 -3.83
CA GLU B 373 -0.27 51.01 -3.60
C GLU B 373 -1.24 51.33 -4.73
N LYS B 374 -0.82 51.03 -5.96
CA LYS B 374 -1.57 51.33 -7.17
C LYS B 374 -2.69 50.31 -7.44
N HIS B 375 -2.56 49.11 -6.86
CA HIS B 375 -3.44 48.01 -7.23
C HIS B 375 -3.97 47.25 -6.03
N LYS B 376 -5.23 47.48 -5.71
CA LYS B 376 -5.90 46.80 -4.59
C LYS B 376 -6.13 45.29 -4.84
N SER B 377 -5.95 44.83 -6.08
CA SER B 377 -5.96 43.39 -6.34
C SER B 377 -4.70 42.68 -5.82
N ILE B 378 -3.64 43.42 -5.50
CA ILE B 378 -2.49 42.82 -4.78
C ILE B 378 -2.81 42.75 -3.28
N GLY B 379 -3.26 41.57 -2.84
CA GLY B 379 -3.57 41.34 -1.43
C GLY B 379 -2.35 41.26 -0.56
N ASN B 380 -1.33 40.59 -1.07
CA ASN B 380 -0.08 40.44 -0.34
C ASN B 380 1.04 40.04 -1.30
N PHE B 381 2.29 40.29 -0.91
CA PHE B 381 3.39 39.68 -1.63
C PHE B 381 4.52 39.38 -0.66
N ASP B 382 5.38 38.45 -1.06
CA ASP B 382 6.57 38.18 -0.28
C ASP B 382 7.54 37.41 -1.15
N GLY B 383 8.76 37.24 -0.65
CA GLY B 383 9.77 36.54 -1.41
C GLY B 383 11.14 37.03 -1.04
N TYR B 384 12.10 36.76 -1.92
CA TYR B 384 13.52 37.09 -1.72
C TYR B 384 14.28 36.73 -3.00
N GLY B 385 15.40 37.40 -3.26
CA GLY B 385 16.21 37.05 -4.43
C GLY B 385 15.39 37.17 -5.70
N LEU B 386 15.40 36.11 -6.50
CA LEU B 386 14.56 36.09 -7.70
C LEU B 386 13.42 35.09 -7.60
N LEU B 387 12.76 35.11 -6.46
CA LEU B 387 11.65 34.21 -6.20
C LEU B 387 10.59 34.94 -5.41
N TRP B 388 9.51 35.29 -6.09
CA TRP B 388 8.44 36.11 -5.48
C TRP B 388 7.08 35.48 -5.65
N ILE B 389 6.25 35.61 -4.61
CA ILE B 389 4.83 35.31 -4.72
C ILE B 389 4.05 36.62 -4.64
N VAL B 390 2.95 36.70 -5.39
CA VAL B 390 2.01 37.81 -5.25
C VAL B 390 0.61 37.23 -5.16
N ASP B 391 -0.04 37.41 -4.01
CA ASP B 391 -1.43 36.95 -3.89
C ASP B 391 -2.40 37.97 -4.45
N ILE B 392 -3.28 37.49 -5.31
CA ILE B 392 -4.20 38.34 -6.06
C ILE B 392 -5.56 38.13 -5.44
N VAL B 393 -6.26 39.24 -5.15
CA VAL B 393 -7.63 39.17 -4.63
C VAL B 393 -8.54 40.03 -5.50
N ASN B 394 -9.83 39.80 -5.37
CA ASN B 394 -10.81 40.75 -5.94
C ASN B 394 -10.66 42.05 -5.15
N ALA B 395 -10.35 43.14 -5.85
CA ALA B 395 -10.04 44.41 -5.21
C ALA B 395 -11.20 44.92 -4.34
N LYS B 396 -12.41 44.52 -4.74
CA LYS B 396 -13.67 44.87 -4.08
C LYS B 396 -14.03 44.01 -2.83
N THR B 397 -13.84 42.69 -2.90
CA THR B 397 -14.12 41.81 -1.77
C THR B 397 -12.92 41.53 -0.86
N LYS B 398 -11.69 41.76 -1.35
CA LYS B 398 -10.47 41.37 -0.61
C LYS B 398 -10.37 39.83 -0.44
N THR B 399 -11.08 39.11 -1.30
CA THR B 399 -11.17 37.66 -1.24
C THR B 399 -10.65 37.12 -2.59
N PRO B 400 -9.95 35.95 -2.58
CA PRO B 400 -9.52 35.38 -3.87
C PRO B 400 -10.68 35.14 -4.81
N TYR B 401 -10.47 35.34 -6.10
CA TYR B 401 -11.46 35.00 -7.10
C TYR B 401 -11.73 33.49 -7.14
N VAL B 402 -10.68 32.67 -7.04
CA VAL B 402 -10.86 31.22 -7.19
C VAL B 402 -10.84 30.56 -5.81
N LYS B 403 -12.05 30.18 -5.36
CA LYS B 403 -12.22 29.71 -4.00
C LYS B 403 -11.37 28.48 -3.64
N LEU B 404 -11.28 27.50 -4.54
CA LEU B 404 -10.51 26.27 -4.24
C LEU B 404 -9.02 26.54 -4.13
N ASP B 405 -8.59 27.66 -4.73
CA ASP B 405 -7.24 28.17 -4.55
C ASP B 405 -6.19 27.10 -4.89
N ARG B 406 -5.27 26.79 -3.96
CA ARG B 406 -4.19 25.82 -4.23
C ARG B 406 -4.63 24.34 -4.33
N ASN B 407 -5.92 24.10 -4.10
CA ASN B 407 -6.54 22.77 -4.27
C ASN B 407 -7.41 22.66 -5.52
N PHE B 408 -7.25 23.60 -6.45
CA PHE B 408 -7.93 23.57 -7.73
C PHE B 408 -7.33 22.45 -8.59
N ARG B 409 -7.94 22.21 -9.73
CA ARG B 409 -7.28 21.45 -10.78
C ARG B 409 -7.50 22.17 -12.11
N HIS B 410 -6.86 21.67 -13.16
CA HIS B 410 -6.77 22.39 -14.44
C HIS B 410 -7.99 22.24 -15.35
N GLY B 411 -9.09 21.69 -14.83
CA GLY B 411 -10.31 21.55 -15.61
C GLY B 411 -11.00 22.91 -15.74
N MET B 412 -10.66 23.83 -14.84
CA MET B 412 -11.21 25.19 -14.84
C MET B 412 -10.88 25.92 -16.14
N ASN B 413 -11.78 26.82 -16.53
CA ASN B 413 -11.56 27.64 -17.68
C ASN B 413 -10.52 28.72 -17.36
N PRO B 414 -9.47 28.82 -18.21
CA PRO B 414 -8.42 29.79 -17.96
C PRO B 414 -8.93 31.24 -18.00
N ASN B 415 -10.05 31.50 -18.67
CA ASN B 415 -10.61 32.86 -18.67
C ASN B 415 -11.25 33.27 -17.33
N GLN B 416 -11.24 32.35 -16.35
CA GLN B 416 -11.72 32.63 -15.01
C GLN B 416 -10.59 32.64 -13.99
N ILE B 417 -9.37 32.42 -14.47
CA ILE B 417 -8.20 32.32 -13.60
C ILE B 417 -7.36 33.62 -13.60
N PRO B 418 -7.28 34.31 -12.46
CA PRO B 418 -6.59 35.61 -12.46
C PRO B 418 -5.15 35.56 -12.95
N THR B 419 -4.39 34.54 -12.58
CA THR B 419 -3.01 34.39 -13.07
C THR B 419 -2.93 34.13 -14.59
N GLN B 420 -3.94 33.47 -15.14
CA GLN B 420 -4.04 33.31 -16.60
C GLN B 420 -4.35 34.66 -17.31
N ILE B 421 -5.36 35.38 -16.79
CA ILE B 421 -5.74 36.70 -17.33
C ILE B 421 -4.53 37.65 -17.34
N ILE B 422 -3.82 37.72 -16.20
CA ILE B 422 -2.58 38.49 -16.07
C ILE B 422 -1.53 38.13 -17.12
N MET B 423 -1.26 36.83 -17.29
CA MET B 423 -0.26 36.37 -18.26
C MET B 423 -0.65 36.82 -19.67
N GLU B 424 -1.92 36.59 -20.03
CA GLU B 424 -2.37 36.95 -21.39
C GLU B 424 -2.19 38.45 -21.66
N LYS B 425 -2.55 39.27 -20.68
CA LYS B 425 -2.40 40.74 -20.83
C LYS B 425 -0.96 41.24 -20.88
N ALA B 426 -0.14 40.78 -19.93
CA ALA B 426 1.30 41.06 -19.91
C ALA B 426 2.01 40.64 -21.21
N LEU B 427 1.51 39.58 -21.82
CA LEU B 427 2.07 39.11 -23.08
C LEU B 427 1.96 40.16 -24.17
N GLU B 428 0.91 40.99 -24.12
CA GLU B 428 0.77 42.11 -25.06
C GLU B 428 1.95 43.08 -25.03
N LYS B 429 2.61 43.17 -23.88
CA LYS B 429 3.81 43.99 -23.72
C LYS B 429 5.10 43.16 -23.96
N GLY B 430 4.92 41.93 -24.43
CA GLY B 430 6.06 41.04 -24.73
C GLY B 430 6.77 40.60 -23.45
N VAL B 431 6.01 40.41 -22.39
CA VAL B 431 6.54 39.89 -21.12
C VAL B 431 5.76 38.62 -20.77
N LEU B 432 6.50 37.58 -20.38
CA LEU B 432 5.93 36.34 -19.86
C LEU B 432 5.95 36.41 -18.34
N ILE B 433 4.76 36.38 -17.74
CA ILE B 433 4.68 36.53 -16.27
C ILE B 433 3.33 35.98 -15.82
N GLY B 434 3.25 35.43 -14.62
CA GLY B 434 2.03 34.70 -14.26
C GLY B 434 2.25 33.85 -13.03
N GLY B 435 1.70 32.64 -13.06
CA GLY B 435 1.86 31.71 -11.95
C GLY B 435 1.23 30.37 -12.27
N ALA B 436 1.61 29.35 -11.50
CA ALA B 436 1.01 28.01 -11.60
C ALA B 436 -0.33 27.92 -10.83
N MET B 437 -0.42 28.60 -9.69
CA MET B 437 -1.64 28.59 -8.86
C MET B 437 -2.60 29.69 -9.34
N PRO B 438 -3.93 29.50 -9.14
CA PRO B 438 -4.92 30.44 -9.74
C PRO B 438 -4.95 31.86 -9.17
N ASN B 439 -4.68 32.02 -7.88
CA ASN B 439 -4.70 33.33 -7.22
C ASN B 439 -3.33 33.89 -6.87
N THR B 440 -2.26 33.26 -7.35
CA THR B 440 -0.92 33.57 -6.85
C THR B 440 0.11 33.61 -7.96
N MET B 441 0.75 34.76 -8.16
CA MET B 441 1.88 34.83 -9.10
C MET B 441 3.09 34.15 -8.51
N ARG B 442 3.89 33.55 -9.40
CA ARG B 442 5.19 33.00 -9.07
C ARG B 442 6.13 33.62 -10.07
N ILE B 443 6.88 34.61 -9.61
CA ILE B 443 7.74 35.45 -10.45
C ILE B 443 9.21 35.09 -10.20
N GLY B 444 9.95 34.82 -11.28
CA GLY B 444 11.39 34.59 -11.20
C GLY B 444 12.08 35.07 -12.45
N ALA B 445 13.33 35.48 -12.32
CA ALA B 445 14.12 35.77 -13.51
C ALA B 445 15.51 35.20 -13.24
N SER B 446 16.47 35.39 -14.15
CA SER B 446 17.86 34.96 -13.90
C SER B 446 18.44 35.78 -12.75
N LEU B 447 19.43 35.23 -12.06
CA LEU B 447 20.05 35.94 -10.93
C LEU B 447 20.71 37.25 -11.37
N ASN B 448 21.18 37.28 -12.62
CA ASN B 448 21.80 38.49 -13.19
C ASN B 448 20.85 39.37 -14.04
N VAL B 449 19.54 39.22 -13.84
CA VAL B 449 18.54 40.06 -14.55
C VAL B 449 18.90 41.54 -14.35
N SER B 450 18.76 42.34 -15.40
CA SER B 450 19.06 43.76 -15.31
C SER B 450 17.90 44.49 -14.65
N ARG B 451 18.22 45.62 -14.01
CA ARG B 451 17.20 46.58 -13.55
C ARG B 451 16.22 46.97 -14.65
N GLY B 452 16.69 47.14 -15.88
CA GLY B 452 15.80 47.56 -16.95
C GLY B 452 14.76 46.49 -17.24
N ASP B 453 15.18 45.23 -17.14
CA ASP B 453 14.24 44.13 -17.41
C ASP B 453 13.23 43.98 -16.28
N ILE B 454 13.68 44.14 -15.04
CA ILE B 454 12.75 44.16 -13.89
C ILE B 454 11.70 45.27 -14.13
N ASP B 455 12.17 46.46 -14.54
CA ASP B 455 11.26 47.58 -14.81
C ASP B 455 10.25 47.22 -15.89
N LYS B 456 10.73 46.59 -16.96
CA LYS B 456 9.88 46.20 -18.08
C LYS B 456 8.80 45.18 -17.64
N ALA B 457 9.22 44.17 -16.86
CA ALA B 457 8.28 43.15 -16.34
C ALA B 457 7.22 43.77 -15.42
N MET B 458 7.64 44.65 -14.51
CA MET B 458 6.74 45.28 -13.54
C MET B 458 5.75 46.22 -14.24
N ASP B 459 6.22 46.92 -15.28
CA ASP B 459 5.34 47.76 -16.08
C ASP B 459 4.29 46.93 -16.81
N ALA B 460 4.66 45.72 -17.26
CA ALA B 460 3.67 44.83 -17.91
C ALA B 460 2.67 44.32 -16.87
N LEU B 461 3.17 44.03 -15.68
CA LEU B 461 2.29 43.57 -14.61
C LEU B 461 1.28 44.67 -14.24
N ASP B 462 1.77 45.91 -14.09
CA ASP B 462 0.94 47.10 -13.82
C ASP B 462 -0.20 47.16 -14.85
N TYR B 463 0.16 47.05 -16.13
CA TYR B 463 -0.79 47.01 -17.23
C TYR B 463 -1.84 45.91 -17.11
N ALA B 464 -1.38 44.68 -16.85
CA ALA B 464 -2.27 43.54 -16.68
C ALA B 464 -3.24 43.71 -15.50
N LEU B 465 -2.77 44.29 -14.40
CA LEU B 465 -3.62 44.50 -13.22
C LEU B 465 -4.65 45.62 -13.42
N ASP B 466 -4.30 46.64 -14.20
CA ASP B 466 -5.31 47.60 -14.66
C ASP B 466 -6.45 46.83 -15.31
N TYR B 467 -6.11 45.87 -16.17
CA TYR B 467 -7.13 45.10 -16.86
C TYR B 467 -7.92 44.19 -15.92
N LEU B 468 -7.20 43.45 -15.05
CA LEU B 468 -7.85 42.58 -14.08
C LEU B 468 -8.85 43.34 -13.23
N GLU B 469 -8.46 44.56 -12.83
CA GLU B 469 -9.24 45.38 -11.93
C GLU B 469 -10.42 46.06 -12.60
N SER B 470 -10.38 46.17 -13.94
CA SER B 470 -11.52 46.68 -14.72
C SER B 470 -12.68 45.67 -14.74
N GLY B 471 -12.38 44.38 -14.58
CA GLY B 471 -13.40 43.33 -14.50
C GLY B 471 -14.01 42.88 -15.83
N GLU B 472 -13.57 43.49 -16.94
CA GLU B 472 -14.09 43.19 -18.28
C GLU B 472 -13.98 41.71 -18.73
N TRP B 473 -13.04 40.99 -18.14
CA TRP B 473 -12.74 39.59 -18.50
C TRP B 473 -13.83 38.59 -18.12
N LYS C 7 -45.43 -18.82 19.69
CA LYS C 7 -46.31 -18.54 18.52
C LYS C 7 -45.60 -17.59 17.55
N ILE C 8 -45.38 -18.01 16.30
CA ILE C 8 -44.57 -17.20 15.35
C ILE C 8 -45.33 -16.88 14.07
N ASN C 9 -45.46 -15.60 13.75
CA ASN C 9 -46.01 -15.19 12.45
C ASN C 9 -44.88 -15.16 11.40
N TRP C 10 -44.74 -16.27 10.68
CA TRP C 10 -43.66 -16.43 9.70
C TRP C 10 -43.83 -15.57 8.46
N GLU C 11 -45.06 -15.15 8.17
CA GLU C 11 -45.32 -14.24 7.06
C GLU C 11 -44.73 -12.87 7.37
N GLN C 12 -44.87 -12.45 8.62
CA GLN C 12 -44.32 -11.21 9.08
C GLN C 12 -42.79 -11.32 9.15
N VAL C 13 -42.29 -12.47 9.59
CA VAL C 13 -40.84 -12.71 9.63
C VAL C 13 -40.24 -12.50 8.23
N LYS C 14 -40.85 -13.12 7.23
CA LYS C 14 -40.44 -12.95 5.85
C LYS C 14 -40.48 -11.48 5.37
N GLU C 15 -41.51 -10.75 5.77
CA GLU C 15 -41.67 -9.34 5.42
C GLU C 15 -40.52 -8.52 6.01
N TRP C 16 -40.23 -8.73 7.29
CA TRP C 16 -39.15 -8.05 8.00
C TRP C 16 -37.77 -8.40 7.44
N ASP C 17 -37.60 -9.69 7.09
CA ASP C 17 -36.37 -10.20 6.50
C ASP C 17 -36.11 -9.51 5.14
N ARG C 18 -37.12 -9.46 4.27
CA ARG C 18 -37.00 -8.73 2.99
C ARG C 18 -36.67 -7.25 3.20
N LYS C 19 -37.35 -6.61 4.14
CA LYS C 19 -37.34 -5.15 4.25
C LYS C 19 -36.10 -4.60 4.98
N TYR C 20 -35.66 -5.31 6.02
CA TYR C 20 -34.71 -4.76 6.99
C TYR C 20 -33.31 -5.38 6.98
N LEU C 21 -33.10 -6.43 6.20
CA LEU C 21 -31.81 -7.12 6.19
C LEU C 21 -31.07 -6.92 4.86
N MET C 22 -29.79 -6.58 4.95
CA MET C 22 -28.95 -6.49 3.75
C MET C 22 -28.85 -7.86 3.09
N ARG C 23 -28.98 -7.85 1.77
CA ARG C 23 -28.86 -9.04 0.94
C ARG C 23 -27.39 -9.39 0.70
N THR C 24 -27.10 -10.67 0.58
CA THR C 24 -25.83 -11.12 0.06
C THR C 24 -26.12 -12.17 -0.99
N PHE C 25 -25.29 -12.18 -2.04
CA PHE C 25 -25.40 -13.12 -3.19
C PHE C 25 -26.67 -13.01 -4.05
N SER C 26 -27.74 -12.42 -3.53
CA SER C 26 -28.98 -12.18 -4.28
C SER C 26 -29.34 -10.70 -4.32
N THR C 27 -29.82 -10.21 -5.46
CA THR C 27 -30.42 -8.86 -5.50
C THR C 27 -31.71 -8.85 -4.69
N GLN C 28 -32.14 -7.66 -4.23
CA GLN C 28 -33.44 -7.56 -3.56
C GLN C 28 -34.51 -8.07 -4.51
N ASN C 29 -34.42 -7.66 -5.77
CA ASN C 29 -35.43 -8.00 -6.77
C ASN C 29 -35.68 -9.51 -6.88
N GLU C 30 -34.63 -10.32 -6.91
CA GLU C 30 -34.73 -11.77 -7.13
C GLU C 30 -34.85 -12.58 -5.84
N TYR C 31 -34.61 -11.93 -4.71
CA TYR C 31 -34.55 -12.63 -3.42
C TYR C 31 -35.88 -13.28 -3.01
N GLN C 32 -35.81 -14.53 -2.58
CA GLN C 32 -36.94 -15.22 -1.93
C GLN C 32 -36.42 -15.73 -0.60
N PRO C 33 -36.94 -15.22 0.53
CA PRO C 33 -36.45 -15.73 1.83
C PRO C 33 -36.69 -17.23 1.94
N VAL C 34 -35.76 -17.96 2.58
CA VAL C 34 -35.93 -19.40 2.85
C VAL C 34 -35.91 -19.54 4.37
N PRO C 35 -37.09 -19.45 5.01
CA PRO C 35 -37.07 -19.52 6.48
C PRO C 35 -36.81 -20.94 7.02
N ILE C 36 -36.01 -21.01 8.08
CA ILE C 36 -35.80 -22.25 8.82
C ILE C 36 -36.23 -22.06 10.27
N GLU C 37 -37.16 -22.88 10.74
CA GLU C 37 -37.75 -22.72 12.07
C GLU C 37 -36.95 -23.42 13.17
N SER C 38 -36.34 -24.56 12.84
CA SER C 38 -35.56 -25.31 13.80
C SER C 38 -34.66 -26.25 13.05
N THR C 39 -33.69 -26.85 13.74
CA THR C 39 -32.79 -27.83 13.14
C THR C 39 -32.59 -29.02 14.06
N GLU C 40 -32.14 -30.13 13.49
CA GLU C 40 -31.89 -31.36 14.28
C GLU C 40 -31.03 -32.30 13.47
N GLY C 41 -29.91 -32.71 14.04
CA GLY C 41 -29.02 -33.68 13.40
C GLY C 41 -28.48 -33.11 12.09
N ASP C 42 -28.85 -33.76 10.98
CA ASP C 42 -28.48 -33.31 9.63
C ASP C 42 -29.59 -32.62 8.88
N TYR C 43 -30.66 -32.26 9.59
CA TYR C 43 -31.87 -31.72 8.96
C TYR C 43 -32.17 -30.30 9.37
N LEU C 44 -32.77 -29.58 8.43
CA LEU C 44 -33.30 -28.27 8.70
C LEU C 44 -34.81 -28.41 8.59
N ILE C 45 -35.56 -27.78 9.50
CA ILE C 45 -37.01 -27.84 9.47
C ILE C 45 -37.62 -26.48 9.06
N THR C 46 -38.43 -26.48 8.00
CA THR C 46 -39.10 -25.25 7.58
C THR C 46 -40.30 -24.97 8.49
N PRO C 47 -40.80 -23.71 8.48
CA PRO C 47 -41.98 -23.40 9.28
C PRO C 47 -43.16 -24.35 9.00
N GLY C 48 -43.33 -24.75 7.74
CA GLY C 48 -44.40 -25.64 7.32
C GLY C 48 -44.13 -27.09 7.66
N GLY C 49 -42.93 -27.38 8.18
CA GLY C 49 -42.59 -28.71 8.64
C GLY C 49 -41.84 -29.57 7.66
N THR C 50 -41.49 -29.03 6.49
CA THR C 50 -40.64 -29.74 5.54
C THR C 50 -39.25 -30.01 6.15
N ARG C 51 -38.80 -31.25 6.01
CA ARG C 51 -37.48 -31.65 6.49
C ARG C 51 -36.53 -31.67 5.31
N LEU C 52 -35.46 -30.90 5.43
CA LEU C 52 -34.44 -30.81 4.39
C LEU C 52 -33.15 -31.40 4.92
N LEU C 53 -32.65 -32.41 4.21
CA LEU C 53 -31.37 -33.02 4.51
C LEU C 53 -30.26 -32.09 4.01
N ASP C 54 -29.42 -31.64 4.93
CA ASP C 54 -28.42 -30.60 4.62
C ASP C 54 -27.05 -31.18 4.31
N PHE C 55 -26.80 -31.55 3.06
CA PHE C 55 -25.48 -31.99 2.64
C PHE C 55 -24.58 -30.82 2.14
N PHE C 56 -24.87 -29.64 2.69
CA PHE C 56 -23.87 -28.56 2.79
C PHE C 56 -23.30 -28.47 4.20
N ASN C 57 -23.97 -29.10 5.18
CA ASN C 57 -23.64 -28.93 6.62
C ASN C 57 -23.46 -27.43 6.92
N GLN C 58 -24.41 -26.64 6.39
CA GLN C 58 -24.37 -25.19 6.36
C GLN C 58 -23.19 -24.67 5.50
N LEU C 59 -22.04 -24.49 6.12
CA LEU C 59 -20.81 -24.11 5.42
C LEU C 59 -19.72 -25.08 5.88
N CYS C 60 -20.07 -26.37 5.91
CA CYS C 60 -19.18 -27.43 6.43
C CYS C 60 -18.70 -27.11 7.83
N CYS C 61 -19.64 -26.72 8.69
CA CYS C 61 -19.27 -26.10 9.95
C CYS C 61 -20.12 -26.54 11.13
N VAL C 62 -21.00 -27.51 10.93
CA VAL C 62 -21.83 -28.03 12.00
C VAL C 62 -21.39 -29.49 12.26
N ASN C 63 -20.12 -29.62 12.63
CA ASN C 63 -19.46 -30.94 12.61
C ASN C 63 -20.17 -31.97 13.50
N LEU C 64 -20.48 -31.55 14.72
CA LEU C 64 -21.16 -32.42 15.69
C LEU C 64 -22.61 -32.78 15.37
N GLY C 65 -23.22 -32.08 14.42
CA GLY C 65 -24.64 -32.26 14.15
C GLY C 65 -25.37 -31.04 14.71
N GLN C 66 -26.54 -30.76 14.14
CA GLN C 66 -27.35 -29.62 14.56
C GLN C 66 -27.94 -29.85 15.93
N LYS C 67 -27.81 -28.84 16.79
CA LYS C 67 -28.61 -28.74 18.04
C LYS C 67 -28.35 -29.95 18.93
N ASN C 68 -27.09 -30.20 19.21
CA ASN C 68 -26.71 -31.35 20.01
C ASN C 68 -27.15 -31.13 21.47
N GLN C 69 -27.89 -32.08 22.04
CA GLN C 69 -28.47 -31.89 23.38
C GLN C 69 -27.42 -31.71 24.48
N LYS C 70 -26.29 -32.44 24.39
CA LYS C 70 -25.22 -32.26 25.37
C LYS C 70 -24.59 -30.86 25.28
N VAL C 71 -24.34 -30.37 24.05
CA VAL C 71 -23.76 -29.02 23.90
C VAL C 71 -24.74 -27.98 24.45
N ASN C 72 -26.00 -28.03 24.02
CA ASN C 72 -27.03 -27.10 24.50
C ASN C 72 -27.21 -27.22 26.01
N ALA C 73 -27.16 -28.44 26.54
CA ALA C 73 -27.21 -28.60 28.00
C ALA C 73 -26.04 -27.85 28.68
N ALA C 74 -24.84 -27.96 28.10
CA ALA C 74 -23.64 -27.31 28.62
C ALA C 74 -23.73 -25.78 28.54
N ILE C 75 -24.30 -25.29 27.45
CA ILE C 75 -24.50 -23.84 27.29
C ILE C 75 -25.46 -23.32 28.36
N LYS C 76 -26.55 -24.03 28.58
CA LYS C 76 -27.50 -23.66 29.64
C LYS C 76 -26.86 -23.63 31.01
N GLU C 77 -26.03 -24.63 31.31
CA GLU C 77 -25.27 -24.67 32.56
C GLU C 77 -24.40 -23.42 32.72
N ALA C 78 -23.64 -23.04 31.68
CA ALA C 78 -22.78 -21.86 31.78
C ALA C 78 -23.61 -20.59 32.08
N LEU C 79 -24.82 -20.54 31.55
CA LEU C 79 -25.75 -19.41 31.76
C LEU C 79 -26.32 -19.27 33.17
N ASP C 80 -26.13 -20.28 34.02
CA ASP C 80 -26.40 -20.11 35.45
C ASP C 80 -25.31 -19.25 36.12
N ARG C 81 -24.10 -19.24 35.53
CA ARG C 81 -22.96 -18.51 36.11
C ARG C 81 -22.60 -17.20 35.37
N TYR C 82 -22.76 -17.18 34.05
CA TYR C 82 -22.37 -16.02 33.23
C TYR C 82 -23.55 -15.56 32.37
N GLY C 83 -23.60 -14.29 31.96
CA GLY C 83 -22.59 -13.28 32.26
C GLY C 83 -21.54 -13.12 31.17
N PHE C 84 -20.66 -12.13 31.34
CA PHE C 84 -19.57 -11.91 30.43
C PHE C 84 -18.34 -11.36 31.13
N VAL C 85 -17.18 -11.97 30.88
CA VAL C 85 -15.92 -11.29 31.21
C VAL C 85 -15.05 -11.32 29.95
N TRP C 86 -14.22 -10.29 29.78
CA TRP C 86 -13.25 -10.25 28.71
C TRP C 86 -11.94 -10.96 29.05
N ASP C 87 -11.03 -10.96 28.08
CA ASP C 87 -9.89 -11.89 28.06
C ASP C 87 -8.92 -11.71 29.23
N THR C 88 -8.98 -10.54 29.87
CA THR C 88 -8.14 -10.25 31.04
C THR C 88 -8.48 -11.12 32.26
N TYR C 89 -9.72 -11.64 32.28
CA TYR C 89 -10.17 -12.49 33.38
C TYR C 89 -10.12 -13.96 32.97
N ALA C 90 -9.81 -14.80 33.94
CA ALA C 90 -9.72 -16.23 33.71
C ALA C 90 -11.06 -16.88 34.04
N THR C 91 -11.43 -17.90 33.26
CA THR C 91 -12.59 -18.73 33.59
C THR C 91 -12.19 -20.19 33.44
N ASP C 92 -12.96 -21.07 34.08
CA ASP C 92 -12.79 -22.50 33.94
C ASP C 92 -12.97 -22.92 32.47
N TYR C 93 -14.03 -22.43 31.83
CA TYR C 93 -14.35 -22.79 30.45
C TYR C 93 -13.26 -22.38 29.46
N LYS C 94 -12.73 -21.18 29.61
CA LYS C 94 -11.66 -20.73 28.69
C LYS C 94 -10.40 -21.54 28.86
N ALA C 95 -9.98 -21.76 30.10
CA ALA C 95 -8.75 -22.52 30.37
C ALA C 95 -8.88 -23.99 29.96
N LYS C 96 -10.04 -24.57 30.24
CA LYS C 96 -10.29 -25.97 29.91
C LYS C 96 -10.29 -26.18 28.38
N ALA C 97 -10.85 -25.23 27.64
CA ALA C 97 -10.93 -25.38 26.19
C ALA C 97 -9.53 -25.39 25.59
N ALA C 98 -8.66 -24.50 26.08
CA ALA C 98 -7.27 -24.40 25.62
C ALA C 98 -6.53 -25.69 25.93
N LYS C 99 -6.72 -26.19 27.16
CA LYS C 99 -6.12 -27.45 27.63
C LYS C 99 -6.59 -28.64 26.79
N ILE C 100 -7.89 -28.73 26.50
CA ILE C 100 -8.41 -29.84 25.67
C ILE C 100 -7.70 -29.83 24.30
N ILE C 101 -7.52 -28.63 23.73
CA ILE C 101 -6.92 -28.50 22.41
C ILE C 101 -5.44 -28.90 22.44
N ILE C 102 -4.67 -28.38 23.40
CA ILE C 102 -3.23 -28.65 23.46
C ILE C 102 -2.94 -30.04 24.05
N GLU C 103 -3.54 -30.34 25.21
CA GLU C 103 -3.24 -31.59 25.93
C GLU C 103 -3.90 -32.84 25.36
N ASP C 104 -5.17 -32.73 24.96
CA ASP C 104 -5.97 -33.91 24.65
C ASP C 104 -6.05 -34.19 23.17
N ILE C 105 -6.45 -33.20 22.38
CA ILE C 105 -6.55 -33.41 20.92
C ILE C 105 -5.17 -33.46 20.26
N LEU C 106 -4.29 -32.51 20.61
CA LEU C 106 -2.94 -32.44 20.03
C LEU C 106 -1.87 -33.09 20.93
N GLY C 107 -2.32 -33.90 21.88
CA GLY C 107 -1.46 -34.46 22.92
C GLY C 107 -0.35 -35.33 22.38
N ASP C 108 -0.54 -35.90 21.20
CA ASP C 108 0.45 -36.75 20.57
C ASP C 108 1.59 -36.02 19.80
N GLU C 109 1.53 -34.69 19.75
CA GLU C 109 2.51 -33.90 18.99
C GLU C 109 3.14 -32.92 19.97
N ASP C 110 4.41 -32.60 19.83
CA ASP C 110 5.01 -31.71 20.81
C ASP C 110 5.34 -30.28 20.35
N TRP C 111 4.91 -29.92 19.16
CA TRP C 111 5.05 -28.56 18.65
C TRP C 111 4.07 -27.52 19.29
N PRO C 112 2.83 -27.92 19.66
CA PRO C 112 1.88 -26.87 20.08
C PRO C 112 2.19 -26.24 21.45
N GLY C 113 2.11 -24.90 21.52
CA GLY C 113 2.37 -24.21 22.75
C GLY C 113 1.15 -23.63 23.43
N LYS C 114 0.46 -22.73 22.75
CA LYS C 114 -0.57 -21.94 23.37
C LYS C 114 -1.71 -21.64 22.39
N VAL C 115 -2.83 -21.19 22.94
CA VAL C 115 -4.02 -20.90 22.15
C VAL C 115 -4.44 -19.44 22.41
N ARG C 116 -4.97 -18.77 21.38
CA ARG C 116 -5.77 -17.55 21.61
C ARG C 116 -7.15 -17.75 21.01
N PHE C 117 -8.16 -17.53 21.84
CA PHE C 117 -9.56 -17.58 21.40
C PHE C 117 -10.07 -16.24 20.90
N VAL C 118 -10.76 -16.27 19.74
CA VAL C 118 -11.49 -15.11 19.20
C VAL C 118 -12.90 -15.58 18.82
N SER C 119 -13.65 -14.82 18.02
CA SER C 119 -15.06 -15.18 17.78
C SER C 119 -15.35 -15.82 16.43
N THR C 120 -14.46 -15.65 15.46
CA THR C 120 -14.71 -16.13 14.08
C THR C 120 -13.41 -16.65 13.43
N GLY C 121 -13.57 -17.41 12.36
CA GLY C 121 -12.42 -17.90 11.58
C GLY C 121 -11.62 -16.77 10.96
N SER C 122 -12.30 -15.71 10.53
CA SER C 122 -11.60 -14.53 9.93
C SER C 122 -10.75 -13.88 11.02
N GLU C 123 -11.33 -13.66 12.19
CA GLU C 123 -10.54 -13.13 13.34
C GLU C 123 -9.32 -14.02 13.70
N ALA C 124 -9.48 -15.33 13.64
CA ALA C 124 -8.38 -16.28 13.86
C ALA C 124 -7.24 -16.07 12.82
N VAL C 125 -7.59 -16.00 11.54
CA VAL C 125 -6.61 -15.74 10.48
C VAL C 125 -5.94 -14.37 10.67
N GLU C 126 -6.73 -13.34 11.00
CA GLU C 126 -6.16 -12.03 11.31
C GLU C 126 -5.11 -12.17 12.42
N THR C 127 -5.48 -12.89 13.47
CA THR C 127 -4.57 -13.11 14.61
C THR C 127 -3.32 -13.86 14.19
N ALA C 128 -3.47 -14.91 13.38
CA ALA C 128 -2.33 -15.69 12.89
C ALA C 128 -1.40 -14.84 12.03
N LEU C 129 -1.98 -14.03 11.14
CA LEU C 129 -1.16 -13.12 10.29
C LEU C 129 -0.35 -12.17 11.14
N ASN C 130 -0.98 -11.57 12.15
CA ASN C 130 -0.28 -10.67 13.07
C ASN C 130 0.87 -11.35 13.79
N ILE C 131 0.58 -12.51 14.37
CA ILE C 131 1.60 -13.29 15.07
C ILE C 131 2.79 -13.66 14.16
N ALA C 132 2.52 -14.17 12.96
CA ALA C 132 3.57 -14.60 12.05
C ALA C 132 4.51 -13.42 11.72
N ARG C 133 3.92 -12.27 11.40
CA ARG C 133 4.68 -11.06 11.07
C ARG C 133 5.51 -10.53 12.26
N LEU C 134 4.90 -10.51 13.45
CA LEU C 134 5.60 -10.08 14.66
C LEU C 134 6.74 -11.03 15.05
N TYR C 135 6.48 -12.33 14.99
CA TYR C 135 7.48 -13.31 15.38
C TYR C 135 8.71 -13.23 14.47
N THR C 136 8.49 -13.19 13.17
CA THR C 136 9.61 -13.15 12.23
C THR C 136 10.17 -11.75 12.03
N ASN C 137 9.37 -10.73 12.38
CA ASN C 137 9.65 -9.32 12.04
C ASN C 137 9.78 -9.11 10.55
N ARG C 138 8.90 -9.77 9.80
CA ARG C 138 8.91 -9.72 8.33
C ARG C 138 7.52 -9.39 7.79
N PRO C 139 7.46 -8.60 6.70
CA PRO C 139 6.14 -8.12 6.26
C PRO C 139 5.34 -9.07 5.36
N LEU C 140 5.98 -9.85 4.49
CA LEU C 140 5.22 -10.54 3.43
C LEU C 140 4.64 -11.89 3.86
N VAL C 141 3.41 -12.14 3.42
CA VAL C 141 2.78 -13.46 3.58
C VAL C 141 2.43 -14.02 2.21
N VAL C 142 2.83 -15.28 1.97
CA VAL C 142 2.48 -15.95 0.72
C VAL C 142 1.15 -16.71 0.83
N THR C 143 0.29 -16.56 -0.16
CA THR C 143 -0.97 -17.33 -0.24
C THR C 143 -1.02 -18.08 -1.58
N ARG C 144 -2.11 -18.80 -1.87
CA ARG C 144 -2.26 -19.45 -3.19
C ARG C 144 -3.49 -18.99 -3.96
N GLU C 145 -3.41 -19.10 -5.30
CA GLU C 145 -4.56 -18.95 -6.19
C GLU C 145 -5.73 -19.79 -5.68
N HIS C 146 -6.90 -19.16 -5.59
CA HIS C 146 -8.17 -19.76 -5.15
C HIS C 146 -8.32 -20.07 -3.65
N ASP C 147 -7.34 -19.68 -2.82
CA ASP C 147 -7.46 -19.81 -1.36
C ASP C 147 -8.58 -18.92 -0.83
N TYR C 148 -9.31 -19.41 0.16
CA TYR C 148 -10.25 -18.58 0.90
C TYR C 148 -9.79 -18.61 2.36
N HIS C 149 -9.43 -17.45 2.93
CA HIS C 149 -9.03 -17.39 4.36
C HIS C 149 -9.90 -16.43 5.20
N GLY C 150 -11.03 -15.99 4.66
CA GLY C 150 -11.89 -15.09 5.39
C GLY C 150 -12.19 -13.82 4.64
N TRP C 151 -12.91 -12.91 5.29
CA TRP C 151 -13.47 -11.75 4.59
C TRP C 151 -13.04 -10.39 5.15
N THR C 152 -12.61 -10.35 6.42
CA THR C 152 -12.17 -9.14 7.08
C THR C 152 -10.86 -8.69 6.41
N GLY C 153 -10.53 -7.40 6.55
CA GLY C 153 -9.39 -6.78 5.86
C GLY C 153 -8.09 -7.58 5.66
N GLY C 154 -7.47 -8.05 6.74
CA GLY C 154 -6.26 -8.85 6.65
C GLY C 154 -6.49 -10.23 6.04
N ALA C 155 -7.54 -10.89 6.53
CA ALA C 155 -7.87 -12.23 6.06
C ALA C 155 -8.22 -12.15 4.56
N ALA C 156 -8.87 -11.07 4.13
CA ALA C 156 -9.19 -10.95 2.71
C ALA C 156 -7.95 -10.79 1.79
N THR C 157 -6.88 -10.17 2.31
CA THR C 157 -5.68 -9.95 1.49
C THR C 157 -5.07 -11.27 1.04
N VAL C 158 -5.27 -12.33 1.82
CA VAL C 158 -4.77 -13.65 1.43
C VAL C 158 -5.87 -14.52 0.79
N THR C 159 -7.05 -13.93 0.57
CA THR C 159 -8.11 -14.63 -0.15
C THR C 159 -7.99 -14.32 -1.64
N ARG C 160 -7.77 -15.37 -2.43
CA ARG C 160 -7.60 -15.19 -3.87
C ARG C 160 -8.74 -15.83 -4.66
N LEU C 161 -9.98 -15.44 -4.34
CA LEU C 161 -11.17 -15.83 -5.10
C LEU C 161 -11.95 -14.55 -5.36
N ARG C 162 -11.94 -14.10 -6.62
CA ARG C 162 -12.59 -12.84 -6.99
C ARG C 162 -14.14 -12.90 -6.86
N SER C 163 -14.70 -14.10 -6.65
CA SER C 163 -16.13 -14.28 -6.38
C SER C 163 -16.50 -14.17 -4.90
N PHE C 164 -15.51 -14.02 -4.01
CA PHE C 164 -15.77 -14.10 -2.57
C PHE C 164 -15.04 -13.00 -1.80
N ARG C 165 -14.72 -11.91 -2.49
CA ARG C 165 -13.97 -10.78 -1.91
C ARG C 165 -14.86 -9.57 -1.57
N SER C 166 -16.15 -9.83 -1.34
CA SER C 166 -17.09 -8.82 -0.82
C SER C 166 -17.35 -7.68 -1.79
N GLY C 167 -17.16 -7.95 -3.08
CA GLY C 167 -17.50 -6.99 -4.12
C GLY C 167 -18.91 -7.20 -4.62
N LEU C 168 -19.25 -6.51 -5.71
CA LEU C 168 -20.61 -6.45 -6.23
C LEU C 168 -20.67 -6.89 -7.68
N VAL C 169 -21.70 -7.67 -8.01
CA VAL C 169 -21.96 -8.05 -9.42
C VAL C 169 -23.44 -7.81 -9.72
N GLY C 170 -23.79 -7.79 -11.01
CA GLY C 170 -25.18 -7.55 -11.40
C GLY C 170 -26.03 -8.81 -11.38
N GLU C 171 -27.33 -8.63 -11.66
CA GLU C 171 -28.28 -9.74 -11.67
C GLU C 171 -28.33 -10.24 -13.11
N ASN C 172 -27.71 -11.39 -13.32
CA ASN C 172 -27.60 -11.98 -14.66
C ASN C 172 -27.03 -11.02 -15.70
N SER C 173 -26.01 -10.29 -15.30
CA SER C 173 -25.42 -9.27 -16.16
C SER C 173 -23.93 -9.18 -15.89
N GLU C 174 -23.15 -8.83 -16.92
CA GLU C 174 -21.74 -8.55 -16.70
C GLU C 174 -21.41 -7.06 -16.57
N SER C 175 -22.42 -6.20 -16.44
CA SER C 175 -22.21 -4.74 -16.58
C SER C 175 -22.18 -3.91 -15.31
N PHE C 176 -22.45 -4.52 -14.16
CA PHE C 176 -22.57 -3.77 -12.93
C PHE C 176 -21.63 -4.28 -11.85
N SER C 177 -20.43 -4.70 -12.24
CA SER C 177 -19.53 -5.33 -11.30
C SER C 177 -18.42 -4.39 -10.77
N ALA C 178 -18.03 -4.59 -9.49
CA ALA C 178 -17.00 -3.78 -8.83
C ALA C 178 -16.32 -4.59 -7.73
N GLN C 179 -15.03 -4.38 -7.57
CA GLN C 179 -14.39 -4.87 -6.35
C GLN C 179 -14.26 -3.68 -5.45
N ILE C 180 -14.02 -3.91 -4.17
CA ILE C 180 -13.94 -2.80 -3.23
C ILE C 180 -12.76 -1.85 -3.59
N PRO C 181 -13.04 -0.54 -3.81
CA PRO C 181 -11.95 0.45 -4.02
C PRO C 181 -10.88 0.36 -2.93
N GLY C 182 -9.61 0.41 -3.33
CA GLY C 182 -8.48 0.30 -2.43
C GLY C 182 -7.96 -1.12 -2.32
N SER C 183 -8.74 -2.07 -2.84
CA SER C 183 -8.41 -3.51 -2.91
C SER C 183 -9.48 -4.36 -2.28
N SER C 187 -0.75 -4.13 -0.37
CA SER C 187 -0.81 -5.33 0.46
C SER C 187 0.59 -5.94 0.62
N ALA C 188 0.83 -6.55 1.77
CA ALA C 188 2.06 -7.29 1.96
C ALA C 188 1.84 -8.78 1.63
N VAL C 189 1.26 -9.07 0.46
CA VAL C 189 0.92 -10.47 0.12
C VAL C 189 1.41 -10.91 -1.28
N LEU C 190 1.90 -12.14 -1.39
CA LEU C 190 2.32 -12.70 -2.67
C LEU C 190 1.41 -13.87 -2.96
N MET C 191 0.92 -13.96 -4.20
CA MET C 191 0.11 -15.12 -4.60
C MET C 191 0.95 -16.17 -5.31
N ALA C 192 1.08 -17.34 -4.70
CA ALA C 192 1.74 -18.49 -5.35
C ALA C 192 0.69 -19.38 -6.03
N PRO C 193 1.13 -20.25 -6.97
CA PRO C 193 0.20 -21.15 -7.66
C PRO C 193 -0.43 -22.08 -6.63
N SER C 194 -1.65 -22.53 -6.86
CA SER C 194 -2.17 -23.55 -5.94
C SER C 194 -1.52 -24.89 -6.27
N SER C 195 -1.72 -25.87 -5.38
CA SER C 195 -1.30 -27.25 -5.65
C SER C 195 -1.84 -27.77 -6.99
N ASN C 196 -2.93 -27.18 -7.47
CA ASN C 196 -3.62 -27.64 -8.68
C ASN C 196 -3.22 -26.90 -9.97
N THR C 197 -1.93 -26.62 -10.13
CA THR C 197 -1.42 -25.94 -11.33
C THR C 197 -0.32 -26.83 -11.92
N PHE C 198 -0.15 -26.75 -13.23
CA PHE C 198 0.94 -27.44 -13.93
C PHE C 198 0.69 -28.96 -14.03
N GLN C 199 -0.28 -29.29 -14.89
CA GLN C 199 -0.75 -30.67 -15.11
C GLN C 199 -0.34 -31.27 -16.46
N GLY C 203 -3.65 -35.89 -17.57
CA GLY C 203 -2.81 -34.85 -16.98
C GLY C 203 -2.52 -35.04 -15.50
N ASN C 204 -1.31 -35.50 -15.20
CA ASN C 204 -0.83 -35.58 -13.82
C ASN C 204 -0.05 -34.34 -13.44
N TYR C 205 0.38 -34.27 -12.18
CA TYR C 205 1.13 -33.13 -11.67
C TYR C 205 2.59 -33.22 -11.98
N LEU C 206 3.10 -32.19 -12.64
CA LEU C 206 4.49 -32.14 -13.03
C LEU C 206 5.40 -31.97 -11.83
N LYS C 207 6.48 -32.75 -11.84
CA LYS C 207 7.57 -32.61 -10.86
C LYS C 207 8.88 -32.33 -11.61
N ASP C 208 9.83 -31.65 -10.98
CA ASP C 208 11.16 -31.52 -11.58
C ASP C 208 11.96 -32.83 -11.44
N GLU C 209 13.23 -32.81 -11.83
CA GLU C 209 14.06 -34.01 -11.72
C GLU C 209 14.65 -34.11 -10.31
N ASN C 210 13.75 -34.33 -9.37
CA ASN C 210 14.01 -34.32 -7.92
C ASN C 210 12.71 -34.71 -7.22
N GLY C 211 11.64 -34.81 -8.00
CA GLY C 211 10.31 -35.12 -7.49
C GLY C 211 9.58 -33.91 -6.89
N GLU C 212 10.19 -32.72 -6.96
CA GLU C 212 9.56 -31.52 -6.40
C GLU C 212 8.48 -31.03 -7.38
N LEU C 213 7.24 -30.98 -6.92
CA LEU C 213 6.12 -30.41 -7.70
C LEU C 213 6.47 -29.01 -8.21
N LEU C 214 6.03 -28.70 -9.44
CA LEU C 214 6.35 -27.40 -10.04
C LEU C 214 5.65 -26.22 -9.37
N SER C 215 4.50 -26.47 -8.74
CA SER C 215 3.86 -25.44 -7.92
C SER C 215 4.75 -25.07 -6.74
N VAL C 216 5.33 -26.08 -6.09
CA VAL C 216 6.21 -25.84 -4.93
C VAL C 216 7.52 -25.18 -5.38
N LYS C 217 8.10 -25.73 -6.44
CA LYS C 217 9.35 -25.22 -7.00
C LYS C 217 9.21 -23.74 -7.31
N TYR C 218 8.10 -23.33 -7.93
CA TYR C 218 7.91 -21.93 -8.26
C TYR C 218 7.63 -21.10 -7.00
N THR C 219 6.95 -21.70 -6.02
CA THR C 219 6.68 -21.04 -4.73
C THR C 219 8.01 -20.71 -4.07
N ARG C 220 8.91 -21.69 -4.06
CA ARG C 220 10.28 -21.49 -3.57
C ARG C 220 10.98 -20.35 -4.31
N ARG C 221 10.91 -20.36 -5.65
CA ARG C 221 11.51 -19.30 -6.46
C ARG C 221 10.96 -17.91 -6.17
N MET C 222 9.66 -17.80 -5.92
CA MET C 222 9.08 -16.52 -5.55
C MET C 222 9.67 -15.99 -4.24
N ILE C 223 9.72 -16.86 -3.22
CA ILE C 223 10.29 -16.46 -1.92
C ILE C 223 11.75 -16.00 -2.08
N GLU C 224 12.53 -16.76 -2.84
CA GLU C 224 13.95 -16.44 -3.05
C GLU C 224 14.09 -15.13 -3.85
N ASN C 225 13.16 -14.89 -4.78
CA ASN C 225 13.17 -13.65 -5.56
C ASN C 225 12.96 -12.43 -4.68
N TYR C 226 11.98 -12.52 -3.77
CA TYR C 226 11.79 -11.44 -2.81
C TYR C 226 12.89 -11.39 -1.75
N GLY C 227 13.41 -12.57 -1.40
CA GLY C 227 14.33 -12.74 -0.29
C GLY C 227 13.60 -13.32 0.91
N PRO C 228 14.07 -14.48 1.41
CA PRO C 228 13.44 -15.14 2.57
C PRO C 228 13.34 -14.21 3.76
N GLU C 229 14.26 -13.26 3.88
CA GLU C 229 14.26 -12.32 5.00
C GLU C 229 13.06 -11.35 4.91
N GLN C 230 12.35 -11.35 3.78
CA GLN C 230 11.19 -10.46 3.62
C GLN C 230 9.87 -11.21 3.88
N VAL C 231 9.95 -12.54 4.02
CA VAL C 231 8.74 -13.38 4.03
C VAL C 231 8.49 -14.02 5.40
N ALA C 232 7.38 -13.61 6.03
CA ALA C 232 6.97 -14.15 7.33
C ALA C 232 6.48 -15.61 7.26
N ALA C 233 5.63 -15.89 6.27
CA ALA C 233 4.83 -17.13 6.32
C ALA C 233 4.20 -17.44 4.99
N VAL C 234 3.93 -18.74 4.79
CA VAL C 234 3.05 -19.20 3.75
C VAL C 234 1.78 -19.65 4.47
N ILE C 235 0.63 -19.09 4.09
CA ILE C 235 -0.63 -19.58 4.65
C ILE C 235 -1.30 -20.48 3.61
N THR C 236 -1.74 -21.67 4.02
CA THR C 236 -2.43 -22.58 3.10
C THR C 236 -3.76 -23.12 3.63
N GLU C 237 -4.54 -23.70 2.73
CA GLU C 237 -5.58 -24.70 3.09
C GLU C 237 -5.09 -26.06 2.59
N VAL C 238 -5.07 -27.03 3.51
CA VAL C 238 -4.64 -28.40 3.20
C VAL C 238 -5.52 -28.95 2.06
N SER C 239 -6.81 -28.60 2.10
CA SER C 239 -7.71 -28.81 0.96
C SER C 239 -8.45 -27.50 0.83
N GLN C 240 -8.49 -26.91 -0.36
CA GLN C 240 -9.21 -25.66 -0.56
C GLN C 240 -10.70 -25.85 -0.34
N GLY C 241 -11.27 -25.04 0.54
CA GLY C 241 -12.65 -25.20 0.97
C GLY C 241 -13.61 -24.60 -0.04
N VAL C 242 -13.80 -23.26 0.05
CA VAL C 242 -14.64 -22.56 -0.92
C VAL C 242 -14.14 -22.84 -2.37
N GLY C 243 -12.83 -22.72 -2.59
CA GLY C 243 -12.24 -22.92 -3.92
C GLY C 243 -12.29 -24.37 -4.39
N SER C 244 -12.58 -25.31 -3.46
CA SER C 244 -13.04 -26.67 -3.80
C SER C 244 -12.00 -27.46 -4.60
N THR C 245 -10.85 -27.75 -3.99
CA THR C 245 -9.87 -28.66 -4.58
C THR C 245 -9.28 -29.60 -3.56
N MET C 246 -8.59 -30.61 -4.09
CA MET C 246 -7.78 -31.53 -3.30
C MET C 246 -6.40 -31.49 -3.90
N PRO C 247 -5.36 -31.59 -3.06
CA PRO C 247 -3.99 -31.51 -3.54
C PRO C 247 -3.41 -32.88 -3.93
N PRO C 248 -2.35 -32.89 -4.77
CA PRO C 248 -1.58 -34.12 -4.94
C PRO C 248 -0.96 -34.46 -3.58
N TYR C 249 -0.70 -35.74 -3.31
CA TYR C 249 -0.26 -36.15 -1.97
C TYR C 249 0.99 -35.40 -1.48
N GLU C 250 1.96 -35.21 -2.37
CA GLU C 250 3.25 -34.67 -1.96
C GLU C 250 3.27 -33.15 -1.72
N TYR C 251 2.23 -32.45 -2.13
CA TYR C 251 2.20 -30.98 -1.97
C TYR C 251 2.39 -30.48 -0.53
N VAL C 252 1.55 -30.97 0.40
CA VAL C 252 1.62 -30.54 1.82
C VAL C 252 3.00 -30.81 2.43
N PRO C 253 3.53 -32.06 2.32
CA PRO C 253 4.89 -32.29 2.81
C PRO C 253 5.96 -31.39 2.17
N GLN C 254 5.86 -31.17 0.86
CA GLN C 254 6.88 -30.40 0.14
C GLN C 254 6.90 -28.92 0.54
N ILE C 255 5.71 -28.37 0.77
CA ILE C 255 5.57 -27.01 1.30
C ILE C 255 6.16 -26.92 2.71
N ARG C 256 5.88 -27.92 3.56
CA ARG C 256 6.43 -27.94 4.91
C ARG C 256 7.96 -27.92 4.88
N LYS C 257 8.52 -28.73 3.99
CA LYS C 257 9.95 -28.86 3.85
C LYS C 257 10.54 -27.58 3.26
N MET C 258 9.94 -27.07 2.17
CA MET C 258 10.41 -25.81 1.56
C MET C 258 10.46 -24.62 2.54
N THR C 259 9.39 -24.45 3.32
CA THR C 259 9.32 -23.36 4.30
C THR C 259 10.40 -23.51 5.36
N LYS C 260 10.58 -24.74 5.85
CA LYS C 260 11.57 -25.01 6.89
C LYS C 260 12.98 -24.64 6.40
N GLU C 261 13.30 -25.04 5.17
CA GLU C 261 14.59 -24.71 4.55
C GLU C 261 14.81 -23.21 4.35
N LEU C 262 13.76 -22.48 3.97
CA LEU C 262 13.89 -21.02 3.80
C LEU C 262 13.75 -20.21 5.08
N GLY C 263 13.47 -20.91 6.19
CA GLY C 263 13.21 -20.29 7.49
C GLY C 263 11.96 -19.43 7.52
N VAL C 264 10.89 -19.90 6.88
CA VAL C 264 9.64 -19.17 6.76
C VAL C 264 8.59 -20.00 7.52
N LEU C 265 7.63 -19.34 8.18
CA LEU C 265 6.55 -20.08 8.86
C LEU C 265 5.53 -20.68 7.91
N TRP C 266 4.87 -21.73 8.38
CA TRP C 266 3.71 -22.27 7.68
C TRP C 266 2.50 -22.23 8.62
N ILE C 267 1.49 -21.50 8.17
CA ILE C 267 0.16 -21.43 8.84
C ILE C 267 -0.78 -22.39 8.12
N SER C 268 -1.29 -23.40 8.82
CA SER C 268 -2.28 -24.26 8.21
C SER C 268 -3.61 -23.67 8.63
N ASP C 269 -4.38 -23.23 7.65
CA ASP C 269 -5.68 -22.66 7.94
C ASP C 269 -6.65 -23.82 7.99
N GLU C 270 -7.00 -24.21 9.21
CA GLU C 270 -7.82 -25.42 9.47
C GLU C 270 -9.22 -25.00 9.89
N VAL C 271 -9.62 -23.77 9.56
CA VAL C 271 -10.94 -23.29 9.96
C VAL C 271 -11.99 -24.24 9.42
N LEU C 272 -11.81 -24.71 8.17
CA LEU C 272 -12.76 -25.63 7.60
C LEU C 272 -12.35 -27.11 7.79
N THR C 273 -11.08 -27.42 7.54
CA THR C 273 -10.61 -28.82 7.63
C THR C 273 -10.44 -29.34 9.06
N GLY C 274 -10.53 -28.45 10.05
CA GLY C 274 -10.31 -28.78 11.45
C GLY C 274 -11.43 -29.59 12.10
N PHE C 275 -11.08 -30.28 13.18
CA PHE C 275 -12.04 -30.95 14.08
C PHE C 275 -12.86 -32.04 13.37
N GLY C 276 -12.14 -33.02 12.84
CA GLY C 276 -12.73 -34.24 12.32
C GLY C 276 -13.25 -34.22 10.89
N ARG C 277 -13.35 -33.03 10.30
CA ARG C 277 -13.92 -32.84 8.95
C ARG C 277 -13.37 -33.81 7.88
N THR C 278 -12.08 -34.13 7.96
CA THR C 278 -11.41 -34.92 6.94
C THR C 278 -11.03 -36.31 7.45
N GLY C 279 -11.53 -36.71 8.61
CA GLY C 279 -11.26 -38.06 9.09
C GLY C 279 -9.99 -38.19 9.91
N LYS C 280 -9.42 -37.05 10.29
CA LYS C 280 -8.38 -36.96 11.33
C LYS C 280 -8.75 -35.70 12.08
N TRP C 281 -8.12 -35.46 13.22
CA TRP C 281 -8.42 -34.25 13.95
C TRP C 281 -8.15 -33.03 13.06
N PHE C 282 -7.00 -33.01 12.38
CA PHE C 282 -6.73 -31.89 11.45
C PHE C 282 -6.32 -32.31 10.04
N GLY C 283 -6.59 -31.44 9.07
CA GLY C 283 -6.21 -31.73 7.68
C GLY C 283 -4.74 -32.09 7.53
N TYR C 284 -3.84 -31.35 8.17
CA TYR C 284 -2.40 -31.57 7.97
C TYR C 284 -1.94 -32.97 8.41
N GLN C 285 -2.70 -33.59 9.31
CA GLN C 285 -2.32 -34.89 9.90
C GLN C 285 -2.37 -36.08 8.96
N HIS C 286 -3.02 -35.91 7.80
CA HIS C 286 -2.91 -36.86 6.70
C HIS C 286 -1.50 -36.94 6.08
N TYR C 287 -0.62 -36.01 6.43
CA TYR C 287 0.59 -35.76 5.63
C TYR C 287 1.91 -35.90 6.37
N GLY C 288 1.87 -36.22 7.65
CA GLY C 288 3.10 -36.53 8.36
C GLY C 288 3.92 -35.31 8.69
N VAL C 289 3.29 -34.14 8.66
CA VAL C 289 3.99 -32.91 8.96
C VAL C 289 3.27 -32.15 10.07
N GLN C 290 3.91 -31.14 10.64
CA GLN C 290 3.28 -30.28 11.63
C GLN C 290 3.45 -28.80 11.25
N PRO C 291 2.39 -27.99 11.40
CA PRO C 291 2.49 -26.55 11.10
C PRO C 291 3.18 -25.76 12.21
N ASP C 292 3.39 -24.46 11.98
CA ASP C 292 3.90 -23.55 13.02
C ASP C 292 2.74 -22.89 13.74
N ILE C 293 1.63 -22.72 13.03
CA ILE C 293 0.42 -22.03 13.52
C ILE C 293 -0.79 -22.66 12.85
N ILE C 294 -1.86 -22.87 13.62
CA ILE C 294 -3.16 -23.30 13.06
C ILE C 294 -4.20 -22.23 13.34
N THR C 295 -5.02 -21.92 12.34
CA THR C 295 -6.22 -21.15 12.54
C THR C 295 -7.44 -22.06 12.58
N MET C 296 -8.39 -21.70 13.46
CA MET C 296 -9.57 -22.51 13.77
C MET C 296 -10.88 -21.70 13.79
N GLY C 297 -11.97 -22.40 13.46
CA GLY C 297 -13.35 -21.89 13.52
C GLY C 297 -14.29 -23.07 13.26
N LYS C 298 -15.51 -22.79 12.76
CA LYS C 298 -16.43 -23.87 12.26
C LYS C 298 -16.57 -25.01 13.31
N GLY C 299 -15.93 -26.15 13.06
CA GLY C 299 -15.99 -27.32 13.96
C GLY C 299 -15.39 -27.15 15.34
N LEU C 300 -14.71 -26.01 15.57
CA LEU C 300 -14.22 -25.68 16.89
C LEU C 300 -15.36 -25.69 17.92
N SER C 301 -16.52 -25.18 17.51
CA SER C 301 -17.71 -25.20 18.34
C SER C 301 -18.87 -25.89 17.61
N SER C 302 -18.60 -26.47 16.44
CA SER C 302 -19.64 -26.92 15.49
C SER C 302 -20.77 -25.91 15.29
N SER C 303 -20.39 -24.62 15.25
CA SER C 303 -21.33 -23.47 15.06
C SER C 303 -22.35 -23.28 16.17
N SER C 304 -22.18 -23.96 17.29
CA SER C 304 -23.17 -23.88 18.35
C SER C 304 -23.23 -22.44 18.84
N LEU C 305 -22.05 -21.84 19.03
CA LEU C 305 -21.91 -20.41 19.33
C LEU C 305 -20.64 -19.94 18.58
N PRO C 306 -20.56 -18.63 18.25
CA PRO C 306 -19.36 -18.12 17.54
C PRO C 306 -18.07 -18.32 18.34
N ALA C 307 -17.12 -19.02 17.74
CA ALA C 307 -15.77 -19.15 18.30
C ALA C 307 -14.77 -19.33 17.15
N GLY C 308 -13.58 -18.75 17.34
CA GLY C 308 -12.40 -19.01 16.51
C GLY C 308 -11.22 -19.17 17.44
N ALA C 309 -10.10 -19.65 16.91
CA ALA C 309 -8.88 -19.83 17.70
C ALA C 309 -7.65 -19.88 16.80
N VAL C 310 -6.53 -19.54 17.41
CA VAL C 310 -5.25 -19.82 16.82
C VAL C 310 -4.41 -20.69 17.78
N VAL C 311 -3.69 -21.67 17.24
CA VAL C 311 -2.70 -22.42 18.02
C VAL C 311 -1.33 -22.06 17.48
N VAL C 312 -0.43 -21.66 18.38
CA VAL C 312 0.94 -21.32 17.99
C VAL C 312 1.93 -22.34 18.58
N SER C 313 3.05 -22.57 17.89
CA SER C 313 4.09 -23.50 18.36
C SER C 313 4.70 -23.04 19.70
N LYS C 314 5.43 -23.93 20.38
CA LYS C 314 6.14 -23.55 21.60
C LYS C 314 7.13 -22.41 21.40
N GLU C 315 7.97 -22.50 20.34
CA GLU C 315 8.87 -21.41 19.91
C GLU C 315 8.14 -20.06 19.83
N ILE C 316 7.06 -20.01 19.04
CA ILE C 316 6.27 -18.79 18.89
C ILE C 316 5.67 -18.32 20.21
N ALA C 317 5.03 -19.23 20.96
CA ALA C 317 4.49 -18.85 22.30
C ALA C 317 5.54 -18.26 23.24
N ALA C 318 6.75 -18.85 23.26
CA ALA C 318 7.84 -18.37 24.12
C ALA C 318 8.24 -16.94 23.76
N PHE C 319 8.34 -16.63 22.46
CA PHE C 319 8.57 -15.25 22.01
C PHE C 319 7.45 -14.31 22.46
N MET C 320 6.19 -14.64 22.19
CA MET C 320 5.07 -13.75 22.51
C MET C 320 4.97 -13.51 24.03
N ASP C 321 5.20 -14.58 24.82
CA ASP C 321 5.27 -14.54 26.31
C ASP C 321 6.26 -13.55 26.89
N LYS C 322 7.30 -13.19 26.14
CA LYS C 322 8.30 -12.24 26.60
C LYS C 322 7.91 -10.76 26.41
N HIS C 323 6.71 -10.51 25.88
CA HIS C 323 6.29 -9.16 25.48
C HIS C 323 4.92 -8.87 26.04
N ARG C 324 4.60 -7.59 26.17
CA ARG C 324 3.22 -7.17 26.39
C ARG C 324 2.58 -6.95 25.00
N TRP C 325 1.58 -7.76 24.69
CA TRP C 325 0.87 -7.68 23.38
C TRP C 325 -0.35 -6.74 23.45
N GLU C 326 -0.32 -5.68 22.65
CA GLU C 326 -1.30 -4.60 22.75
C GLU C 326 -2.54 -4.86 21.89
N SER C 327 -3.22 -5.97 22.15
CA SER C 327 -4.32 -6.43 21.29
C SER C 327 -5.52 -6.77 22.16
N VAL C 328 -6.62 -6.06 21.92
CA VAL C 328 -7.90 -6.39 22.56
C VAL C 328 -9.02 -6.65 21.55
N SER C 329 -9.77 -7.71 21.80
CA SER C 329 -11.00 -8.03 21.07
C SER C 329 -12.03 -8.25 22.17
N THR C 330 -13.13 -7.49 22.11
CA THR C 330 -14.09 -7.48 23.21
C THR C 330 -14.56 -8.90 23.59
N TYR C 331 -15.04 -9.65 22.61
CA TYR C 331 -15.65 -10.95 22.89
C TYR C 331 -14.68 -12.14 22.89
N ALA C 332 -13.39 -11.89 22.63
CA ALA C 332 -12.40 -12.98 22.64
C ALA C 332 -12.42 -13.71 23.99
N GLY C 333 -12.58 -15.01 23.96
CA GLY C 333 -12.62 -15.82 25.21
C GLY C 333 -13.98 -15.90 25.87
N HIS C 334 -15.01 -15.34 25.24
CA HIS C 334 -16.35 -15.26 25.82
C HIS C 334 -16.70 -16.57 26.57
N PRO C 335 -16.96 -16.49 27.90
CA PRO C 335 -17.01 -17.74 28.69
C PRO C 335 -18.14 -18.71 28.30
N VAL C 336 -19.27 -18.20 27.81
CA VAL C 336 -20.36 -19.04 27.37
C VAL C 336 -19.99 -19.72 26.03
N ALA C 337 -19.33 -18.98 25.14
CA ALA C 337 -18.83 -19.58 23.89
C ALA C 337 -17.82 -20.68 24.22
N MET C 338 -17.02 -20.45 25.26
CA MET C 338 -15.97 -21.41 25.67
C MET C 338 -16.61 -22.68 26.25
N ALA C 339 -17.67 -22.50 27.03
CA ALA C 339 -18.41 -23.67 27.54
C ALA C 339 -18.91 -24.50 26.37
N ALA C 340 -19.41 -23.83 25.32
CA ALA C 340 -19.89 -24.51 24.14
C ALA C 340 -18.75 -25.22 23.47
N VAL C 341 -17.59 -24.56 23.34
CA VAL C 341 -16.40 -25.22 22.78
C VAL C 341 -16.01 -26.47 23.59
N CYS C 342 -15.92 -26.32 24.92
CA CYS C 342 -15.62 -27.47 25.76
C CYS C 342 -16.52 -28.66 25.50
N ALA C 343 -17.83 -28.43 25.50
CA ALA C 343 -18.77 -29.53 25.38
C ALA C 343 -18.65 -30.15 23.98
N ASN C 344 -18.53 -29.30 22.96
CA ASN C 344 -18.39 -29.76 21.57
C ASN C 344 -17.21 -30.73 21.46
N LEU C 345 -16.05 -30.32 22.00
CA LEU C 345 -14.83 -31.11 21.86
C LEU C 345 -14.91 -32.38 22.70
N GLU C 346 -15.52 -32.30 23.89
CA GLU C 346 -15.69 -33.50 24.72
C GLU C 346 -16.56 -34.55 24.06
N VAL C 347 -17.66 -34.12 23.46
CA VAL C 347 -18.53 -35.01 22.71
C VAL C 347 -17.78 -35.63 21.53
N MET C 348 -17.07 -34.77 20.78
CA MET C 348 -16.26 -35.24 19.69
C MET C 348 -15.29 -36.33 20.12
N MET C 349 -14.66 -36.15 21.27
CA MET C 349 -13.72 -37.15 21.74
C MET C 349 -14.44 -38.42 22.20
N GLU C 350 -15.41 -38.27 23.10
CA GLU C 350 -16.11 -39.42 23.70
C GLU C 350 -16.83 -40.28 22.65
N GLU C 351 -17.40 -39.65 21.63
CA GLU C 351 -18.09 -40.40 20.58
C GLU C 351 -17.15 -40.89 19.50
N ASN C 352 -15.85 -40.57 19.61
CA ASN C 352 -14.87 -40.90 18.56
C ASN C 352 -15.39 -40.54 17.14
N LEU C 353 -15.85 -39.29 16.99
CA LEU C 353 -16.36 -38.81 15.71
C LEU C 353 -15.29 -38.70 14.61
N VAL C 354 -14.02 -38.62 14.99
CA VAL C 354 -12.94 -38.59 13.99
C VAL C 354 -12.91 -39.92 13.21
N GLU C 355 -12.89 -41.03 13.95
CA GLU C 355 -12.86 -42.34 13.31
C GLU C 355 -14.15 -42.59 12.57
N GLN C 356 -15.26 -42.16 13.14
CA GLN C 356 -16.55 -42.28 12.47
C GLN C 356 -16.61 -41.50 11.16
N ALA C 357 -16.00 -40.31 11.16
CA ALA C 357 -15.84 -39.49 9.95
C ALA C 357 -15.03 -40.26 8.90
N LYS C 358 -13.89 -40.80 9.33
CA LYS C 358 -13.05 -41.56 8.44
C LYS C 358 -13.85 -42.68 7.77
N ASN C 359 -14.58 -43.46 8.58
CA ASN C 359 -15.33 -44.60 8.04
C ASN C 359 -16.44 -44.17 7.12
N SER C 360 -17.17 -43.11 7.50
CA SER C 360 -18.21 -42.58 6.62
C SER C 360 -17.64 -42.06 5.29
N GLY C 361 -16.46 -41.42 5.32
CA GLY C 361 -15.83 -40.99 4.07
C GLY C 361 -15.53 -42.17 3.15
N GLU C 362 -15.00 -43.26 3.72
CA GLU C 362 -14.75 -44.46 2.91
C GLU C 362 -16.05 -44.96 2.26
N TYR C 363 -17.14 -44.99 3.02
CA TYR C 363 -18.44 -45.31 2.49
C TYR C 363 -18.83 -44.38 1.34
N ILE C 364 -18.65 -43.06 1.54
CA ILE C 364 -18.98 -42.06 0.52
C ILE C 364 -18.17 -42.27 -0.77
N ARG C 365 -16.88 -42.59 -0.63
CA ARG C 365 -16.07 -42.93 -1.79
C ARG C 365 -16.77 -44.00 -2.66
N SER C 366 -17.20 -45.10 -2.05
CA SER C 366 -17.90 -46.20 -2.76
C SER C 366 -19.14 -45.74 -3.49
N LYS C 367 -19.92 -44.87 -2.85
CA LYS C 367 -21.13 -44.33 -3.44
C LYS C 367 -20.79 -43.46 -4.66
N LEU C 368 -19.73 -42.65 -4.55
CA LEU C 368 -19.31 -41.76 -5.64
C LEU C 368 -18.72 -42.51 -6.84
N GLU C 369 -18.02 -43.61 -6.57
CA GLU C 369 -17.51 -44.51 -7.61
C GLU C 369 -18.65 -45.04 -8.46
N LEU C 370 -19.74 -45.46 -7.82
CA LEU C 370 -20.92 -45.94 -8.53
C LEU C 370 -21.61 -44.82 -9.30
N LEU C 371 -21.66 -43.64 -8.70
CA LEU C 371 -22.26 -42.49 -9.37
C LEU C 371 -21.43 -42.09 -10.60
N GLN C 372 -20.11 -42.22 -10.50
CA GLN C 372 -19.26 -41.87 -11.63
C GLN C 372 -19.35 -42.90 -12.75
N GLU C 373 -19.39 -44.18 -12.40
CA GLU C 373 -19.66 -45.25 -13.38
C GLU C 373 -20.95 -44.98 -14.14
N LYS C 374 -21.95 -44.49 -13.44
CA LYS C 374 -23.25 -44.21 -14.02
C LYS C 374 -23.37 -42.85 -14.74
N HIS C 375 -22.66 -41.83 -14.25
CA HIS C 375 -22.84 -40.46 -14.74
C HIS C 375 -21.56 -39.87 -15.33
N LYS C 376 -21.54 -39.71 -16.65
CA LYS C 376 -20.33 -39.23 -17.35
C LYS C 376 -20.08 -37.74 -17.11
N SER C 377 -21.08 -37.04 -16.56
CA SER C 377 -20.90 -35.65 -16.17
C SER C 377 -20.00 -35.48 -14.93
N ILE C 378 -19.72 -36.58 -14.22
CA ILE C 378 -18.71 -36.59 -13.15
C ILE C 378 -17.33 -36.78 -13.77
N GLY C 379 -16.59 -35.66 -13.87
CA GLY C 379 -15.25 -35.70 -14.44
C GLY C 379 -14.26 -36.30 -13.47
N ASN C 380 -14.45 -36.00 -12.19
CA ASN C 380 -13.47 -36.37 -11.18
C ASN C 380 -14.10 -36.16 -9.80
N PHE C 381 -13.68 -36.94 -8.81
CA PHE C 381 -14.03 -36.65 -7.42
C PHE C 381 -12.88 -37.01 -6.51
N ASP C 382 -12.84 -36.39 -5.34
CA ASP C 382 -11.82 -36.69 -4.33
C ASP C 382 -12.25 -36.09 -3.00
N GLY C 383 -11.57 -36.50 -1.94
CA GLY C 383 -11.84 -36.01 -0.61
C GLY C 383 -11.56 -37.03 0.47
N TYR C 384 -12.23 -36.88 1.61
CA TYR C 384 -11.94 -37.66 2.80
C TYR C 384 -12.88 -37.26 3.94
N GLY C 385 -13.20 -38.21 4.81
CA GLY C 385 -14.12 -37.92 5.93
C GLY C 385 -15.41 -37.35 5.39
N LEU C 386 -15.83 -36.19 5.90
CA LEU C 386 -17.03 -35.53 5.42
C LEU C 386 -16.71 -34.25 4.64
N LEU C 387 -15.72 -34.33 3.76
CA LEU C 387 -15.33 -33.23 2.87
C LEU C 387 -14.98 -33.76 1.47
N TRP C 388 -15.83 -33.50 0.48
CA TRP C 388 -15.70 -34.08 -0.86
C TRP C 388 -15.88 -33.04 -1.95
N ILE C 389 -15.06 -33.14 -2.98
CA ILE C 389 -15.33 -32.39 -4.21
C ILE C 389 -15.72 -33.30 -5.35
N VAL C 390 -16.60 -32.80 -6.22
CA VAL C 390 -16.99 -33.52 -7.42
C VAL C 390 -16.95 -32.52 -8.58
N ASP C 391 -15.97 -32.72 -9.46
CA ASP C 391 -15.81 -31.89 -10.66
C ASP C 391 -16.81 -32.32 -11.74
N ILE C 392 -17.63 -31.38 -12.18
CA ILE C 392 -18.67 -31.66 -13.17
C ILE C 392 -18.23 -31.18 -14.58
N VAL C 393 -18.41 -32.06 -15.57
CA VAL C 393 -18.11 -31.73 -16.97
C VAL C 393 -19.33 -31.97 -17.86
N ASN C 394 -19.32 -31.33 -19.03
CA ASN C 394 -20.23 -31.72 -20.11
C ASN C 394 -19.90 -33.17 -20.43
N ALA C 395 -20.91 -34.04 -20.39
CA ALA C 395 -20.69 -35.47 -20.64
C ALA C 395 -20.31 -35.72 -22.10
N LYS C 396 -20.74 -34.83 -23.00
CA LYS C 396 -20.36 -34.92 -24.42
C LYS C 396 -18.93 -34.41 -24.66
N THR C 397 -18.72 -33.11 -24.44
CA THR C 397 -17.43 -32.47 -24.74
C THR C 397 -16.31 -32.85 -23.76
N LYS C 398 -16.67 -33.38 -22.59
CA LYS C 398 -15.69 -33.68 -21.52
C LYS C 398 -15.02 -32.42 -20.93
N THR C 399 -15.62 -31.25 -21.16
CA THR C 399 -15.05 -29.99 -20.64
C THR C 399 -16.07 -29.32 -19.71
N PRO C 400 -15.60 -28.40 -18.83
CA PRO C 400 -16.54 -27.79 -17.90
C PRO C 400 -17.50 -26.85 -18.61
N TYR C 401 -18.75 -26.75 -18.14
CA TYR C 401 -19.71 -25.84 -18.75
C TYR C 401 -19.32 -24.37 -18.58
N VAL C 402 -18.76 -24.03 -17.42
CA VAL C 402 -18.45 -22.64 -17.14
C VAL C 402 -16.95 -22.48 -17.28
N LYS C 403 -16.54 -21.82 -18.36
CA LYS C 403 -15.13 -21.71 -18.72
C LYS C 403 -14.29 -21.04 -17.64
N LEU C 404 -14.78 -19.96 -17.05
CA LEU C 404 -13.98 -19.25 -16.06
C LEU C 404 -13.75 -20.07 -14.78
N ASP C 405 -14.60 -21.09 -14.59
CA ASP C 405 -14.40 -22.06 -13.50
C ASP C 405 -14.24 -21.32 -12.16
N ARG C 406 -13.17 -21.62 -11.44
CA ARG C 406 -12.94 -21.03 -10.13
C ARG C 406 -12.61 -19.52 -10.12
N ASN C 407 -12.42 -18.94 -11.31
CA ASN C 407 -12.21 -17.49 -11.47
C ASN C 407 -13.45 -16.76 -11.97
N PHE C 408 -14.61 -17.43 -11.83
CA PHE C 408 -15.91 -16.84 -12.15
C PHE C 408 -16.29 -15.75 -11.14
N ARG C 409 -17.35 -15.00 -11.44
CA ARG C 409 -18.04 -14.23 -10.41
C ARG C 409 -19.55 -14.50 -10.48
N HIS C 410 -20.30 -14.02 -9.49
CA HIS C 410 -21.71 -14.39 -9.35
C HIS C 410 -22.66 -13.55 -10.25
N GLY C 411 -22.10 -12.85 -11.24
CA GLY C 411 -22.92 -12.09 -12.17
C GLY C 411 -23.63 -12.96 -13.21
N MET C 412 -23.17 -14.19 -13.37
CA MET C 412 -23.78 -15.18 -14.27
C MET C 412 -25.19 -15.60 -13.86
N ASN C 413 -26.01 -15.98 -14.85
CA ASN C 413 -27.31 -16.57 -14.56
C ASN C 413 -27.15 -17.96 -13.94
N PRO C 414 -27.74 -18.20 -12.74
CA PRO C 414 -27.76 -19.49 -12.07
C PRO C 414 -28.27 -20.64 -12.93
N ASN C 415 -29.20 -20.38 -13.84
CA ASN C 415 -29.68 -21.47 -14.72
C ASN C 415 -28.65 -21.93 -15.76
N GLN C 416 -27.46 -21.31 -15.77
CA GLN C 416 -26.35 -21.77 -16.62
C GLN C 416 -25.28 -22.50 -15.81
N ILE C 417 -25.43 -22.49 -14.48
CA ILE C 417 -24.39 -23.01 -13.60
C ILE C 417 -24.73 -24.44 -13.16
N PRO C 418 -23.86 -25.41 -13.48
CA PRO C 418 -24.12 -26.82 -13.16
C PRO C 418 -24.39 -27.09 -11.67
N THR C 419 -23.60 -26.51 -10.77
CA THR C 419 -23.81 -26.75 -9.35
C THR C 419 -25.13 -26.14 -8.83
N GLN C 420 -25.62 -25.12 -9.53
CA GLN C 420 -26.92 -24.53 -9.22
C GLN C 420 -28.06 -25.43 -9.70
N ILE C 421 -27.90 -25.98 -10.90
CA ILE C 421 -28.92 -26.84 -11.50
C ILE C 421 -29.04 -28.15 -10.72
N ILE C 422 -27.90 -28.65 -10.28
CA ILE C 422 -27.88 -29.85 -9.44
C ILE C 422 -28.59 -29.59 -8.10
N MET C 423 -28.35 -28.42 -7.50
CA MET C 423 -28.99 -28.03 -6.25
C MET C 423 -30.51 -27.92 -6.39
N GLU C 424 -30.98 -27.30 -7.47
CA GLU C 424 -32.42 -27.10 -7.63
C GLU C 424 -33.16 -28.42 -7.82
N LYS C 425 -32.57 -29.33 -8.58
CA LYS C 425 -33.16 -30.67 -8.75
C LYS C 425 -33.12 -31.50 -7.49
N ALA C 426 -31.94 -31.62 -6.87
CA ALA C 426 -31.81 -32.34 -5.61
C ALA C 426 -32.83 -31.87 -4.59
N LEU C 427 -33.23 -30.59 -4.68
CA LEU C 427 -34.18 -30.00 -3.72
C LEU C 427 -35.54 -30.67 -3.81
N GLU C 428 -35.91 -31.09 -5.02
CA GLU C 428 -37.16 -31.84 -5.28
C GLU C 428 -37.21 -33.15 -4.49
N LYS C 429 -36.05 -33.71 -4.18
CA LYS C 429 -35.95 -34.84 -3.26
C LYS C 429 -35.77 -34.47 -1.78
N GLY C 430 -35.95 -33.20 -1.43
CA GLY C 430 -35.80 -32.76 -0.03
C GLY C 430 -34.36 -32.82 0.43
N VAL C 431 -33.45 -32.63 -0.51
CA VAL C 431 -32.02 -32.69 -0.21
C VAL C 431 -31.35 -31.38 -0.63
N LEU C 432 -30.51 -30.85 0.27
CA LEU C 432 -29.67 -29.69 -0.02
C LEU C 432 -28.27 -30.14 -0.37
N ILE C 433 -27.88 -29.98 -1.63
CA ILE C 433 -26.57 -30.40 -2.09
C ILE C 433 -26.13 -29.56 -3.30
N GLY C 434 -24.83 -29.32 -3.43
CA GLY C 434 -24.32 -28.45 -4.50
C GLY C 434 -22.90 -28.01 -4.26
N GLY C 435 -22.63 -26.73 -4.48
CA GLY C 435 -21.27 -26.22 -4.26
C GLY C 435 -21.19 -24.72 -4.42
N ALA C 436 -20.05 -24.16 -4.04
CA ALA C 436 -19.81 -22.73 -4.17
C ALA C 436 -19.28 -22.41 -5.58
N MET C 437 -18.43 -23.29 -6.12
CA MET C 437 -17.83 -23.09 -7.46
C MET C 437 -18.80 -23.56 -8.54
N PRO C 438 -18.69 -23.01 -9.78
CA PRO C 438 -19.74 -23.34 -10.75
C PRO C 438 -19.67 -24.76 -11.30
N ASN C 439 -18.49 -25.35 -11.37
CA ASN C 439 -18.28 -26.68 -11.96
C ASN C 439 -17.92 -27.75 -10.94
N THR C 440 -17.94 -27.41 -9.65
CA THR C 440 -17.48 -28.33 -8.62
C THR C 440 -18.41 -28.37 -7.42
N MET C 441 -18.82 -29.59 -7.06
CA MET C 441 -19.59 -29.85 -5.84
C MET C 441 -18.69 -29.73 -4.64
N ARG C 442 -19.24 -29.25 -3.53
CA ARG C 442 -18.53 -29.31 -2.26
C ARG C 442 -19.52 -29.94 -1.32
N ILE C 443 -19.26 -31.18 -0.94
CA ILE C 443 -20.27 -31.98 -0.23
C ILE C 443 -19.76 -32.22 1.19
N GLY C 444 -20.60 -31.94 2.18
CA GLY C 444 -20.22 -32.15 3.56
C GLY C 444 -21.45 -32.45 4.39
N ALA C 445 -21.31 -33.31 5.40
CA ALA C 445 -22.37 -33.47 6.39
C ALA C 445 -21.77 -33.51 7.79
N SER C 446 -22.59 -33.76 8.80
CA SER C 446 -22.10 -33.84 10.17
C SER C 446 -21.19 -35.08 10.24
N LEU C 447 -20.26 -35.13 11.19
CA LEU C 447 -19.34 -36.27 11.26
C LEU C 447 -20.08 -37.56 11.66
N ASN C 448 -21.22 -37.38 12.34
CA ASN C 448 -22.03 -38.51 12.77
C ASN C 448 -23.25 -38.79 11.85
N VAL C 449 -23.17 -38.31 10.61
CA VAL C 449 -24.26 -38.51 9.64
C VAL C 449 -24.47 -40.01 9.49
N SER C 450 -25.71 -40.44 9.25
CA SER C 450 -25.99 -41.86 9.15
C SER C 450 -25.84 -42.35 7.72
N ARG C 451 -25.58 -43.65 7.55
CA ARG C 451 -25.54 -44.27 6.23
C ARG C 451 -26.80 -44.00 5.44
N GLY C 452 -27.95 -44.02 6.13
CA GLY C 452 -29.22 -43.81 5.45
C GLY C 452 -29.35 -42.42 4.87
N ASP C 453 -28.80 -41.42 5.59
CA ASP C 453 -28.84 -40.06 5.05
C ASP C 453 -27.82 -39.92 3.92
N ILE C 454 -26.65 -40.55 4.06
CA ILE C 454 -25.70 -40.65 2.94
C ILE C 454 -26.41 -41.21 1.68
N ASP C 455 -27.16 -42.32 1.85
CA ASP C 455 -27.89 -42.95 0.73
C ASP C 455 -28.93 -42.03 0.12
N LYS C 456 -29.70 -41.35 0.99
CA LYS C 456 -30.69 -40.36 0.56
C LYS C 456 -30.05 -39.25 -0.28
N ALA C 457 -28.96 -38.70 0.22
CA ALA C 457 -28.28 -37.61 -0.47
C ALA C 457 -27.68 -38.09 -1.82
N MET C 458 -27.03 -39.24 -1.83
CA MET C 458 -26.46 -39.80 -3.06
C MET C 458 -27.51 -40.13 -4.14
N ASP C 459 -28.65 -40.68 -3.72
CA ASP C 459 -29.81 -40.89 -4.59
C ASP C 459 -30.34 -39.58 -5.17
N ALA C 460 -30.32 -38.51 -4.36
CA ALA C 460 -30.80 -37.22 -4.83
C ALA C 460 -29.84 -36.66 -5.88
N LEU C 461 -28.54 -36.83 -5.64
CA LEU C 461 -27.51 -36.38 -6.55
C LEU C 461 -27.61 -37.16 -7.87
N ASP C 462 -27.87 -38.46 -7.75
CA ASP C 462 -28.14 -39.34 -8.88
C ASP C 462 -29.28 -38.79 -9.76
N TYR C 463 -30.39 -38.44 -9.13
CA TYR C 463 -31.55 -37.81 -9.78
C TYR C 463 -31.23 -36.45 -10.42
N ALA C 464 -30.52 -35.59 -9.70
CA ALA C 464 -30.06 -34.33 -10.27
C ALA C 464 -29.15 -34.54 -11.50
N LEU C 465 -28.23 -35.49 -11.41
CA LEU C 465 -27.33 -35.75 -12.55
C LEU C 465 -28.04 -36.28 -13.81
N ASP C 466 -28.97 -37.23 -13.65
CA ASP C 466 -29.88 -37.59 -14.75
C ASP C 466 -30.35 -36.31 -15.42
N TYR C 467 -30.91 -35.39 -14.62
CA TYR C 467 -31.50 -34.18 -15.18
C TYR C 467 -30.46 -33.31 -15.90
N LEU C 468 -29.31 -33.13 -15.27
CA LEU C 468 -28.21 -32.36 -15.86
C LEU C 468 -27.77 -32.95 -17.20
N GLU C 469 -27.61 -34.27 -17.23
CA GLU C 469 -27.17 -34.98 -18.41
C GLU C 469 -28.25 -35.11 -19.48
N SER C 470 -29.47 -34.73 -19.14
CA SER C 470 -30.61 -34.82 -20.04
C SER C 470 -30.76 -33.59 -20.95
N GLY C 471 -30.02 -32.52 -20.68
CA GLY C 471 -30.33 -31.21 -21.26
C GLY C 471 -31.75 -30.91 -20.82
N GLU C 472 -32.35 -29.84 -21.32
CA GLU C 472 -33.70 -29.48 -20.88
C GLU C 472 -33.59 -28.34 -19.85
N TRP C 473 -32.41 -27.74 -19.77
CA TRP C 473 -32.16 -26.62 -18.87
C TRP C 473 -31.38 -25.51 -19.58
N LYS D 7 -17.85 -29.65 40.33
CA LYS D 7 -16.85 -29.25 41.37
C LYS D 7 -15.53 -28.77 40.77
N ILE D 8 -15.40 -27.45 40.64
CA ILE D 8 -14.31 -26.83 39.90
C ILE D 8 -13.01 -26.69 40.72
N ASN D 9 -11.93 -27.26 40.21
CA ASN D 9 -10.59 -27.03 40.74
C ASN D 9 -9.97 -25.74 40.17
N TRP D 10 -10.09 -24.63 40.90
CA TRP D 10 -9.65 -23.32 40.41
C TRP D 10 -8.14 -23.14 40.41
N GLU D 11 -7.45 -23.88 41.27
CA GLU D 11 -6.00 -23.92 41.20
C GLU D 11 -5.55 -24.49 39.85
N GLN D 12 -6.21 -25.56 39.40
CA GLN D 12 -5.86 -26.14 38.10
C GLN D 12 -6.31 -25.26 36.92
N VAL D 13 -7.46 -24.60 37.04
CA VAL D 13 -7.87 -23.60 36.05
C VAL D 13 -6.78 -22.52 35.87
N LYS D 14 -6.26 -21.97 36.97
CA LYS D 14 -5.19 -20.98 36.88
C LYS D 14 -3.90 -21.51 36.24
N GLU D 15 -3.62 -22.79 36.50
CA GLU D 15 -2.48 -23.50 35.92
C GLU D 15 -2.64 -23.61 34.40
N TRP D 16 -3.82 -24.04 33.96
CA TRP D 16 -4.09 -24.16 32.53
C TRP D 16 -4.10 -22.81 31.84
N ASP D 17 -4.55 -21.79 32.57
CA ASP D 17 -4.70 -20.44 32.04
C ASP D 17 -3.30 -19.83 31.78
N ARG D 18 -2.40 -19.97 32.74
CA ARG D 18 -1.02 -19.54 32.58
C ARG D 18 -0.31 -20.29 31.45
N LYS D 19 -0.52 -21.61 31.38
CA LYS D 19 0.26 -22.50 30.50
C LYS D 19 -0.15 -22.45 29.02
N TYR D 20 -1.45 -22.36 28.76
CA TYR D 20 -2.01 -22.71 27.46
C TYR D 20 -2.66 -21.54 26.72
N LEU D 21 -2.77 -20.38 27.36
CA LEU D 21 -3.42 -19.22 26.75
C LEU D 21 -2.42 -18.14 26.48
N MET D 22 -2.52 -17.57 25.28
CA MET D 22 -1.66 -16.44 24.89
C MET D 22 -1.95 -15.21 25.76
N ARG D 23 -0.87 -14.54 26.17
CA ARG D 23 -0.99 -13.38 27.04
C ARG D 23 -1.39 -12.18 26.18
N THR D 24 -2.16 -11.27 26.76
CA THR D 24 -2.25 -9.91 26.21
C THR D 24 -2.02 -8.88 27.31
N PHE D 25 -1.33 -7.78 26.96
CA PHE D 25 -1.00 -6.66 27.87
C PHE D 25 0.00 -6.98 29.01
N SER D 26 0.18 -8.27 29.29
CA SER D 26 1.05 -8.75 30.36
C SER D 26 2.04 -9.74 29.81
N THR D 27 3.30 -9.63 30.22
CA THR D 27 4.23 -10.71 29.90
C THR D 27 3.83 -11.93 30.74
N GLN D 28 4.26 -13.11 30.31
CA GLN D 28 4.04 -14.34 31.06
C GLN D 28 4.71 -14.22 32.45
N ASN D 29 5.89 -13.60 32.46
CA ASN D 29 6.65 -13.38 33.71
C ASN D 29 5.87 -12.63 34.79
N GLU D 30 5.17 -11.57 34.40
CA GLU D 30 4.50 -10.71 35.39
C GLU D 30 3.02 -11.08 35.62
N TYR D 31 2.52 -12.04 34.83
CA TYR D 31 1.09 -12.34 34.80
C TYR D 31 0.56 -13.07 36.05
N GLN D 32 -0.57 -12.61 36.55
CA GLN D 32 -1.30 -13.35 37.59
C GLN D 32 -2.75 -13.51 37.13
N PRO D 33 -3.21 -14.76 36.92
CA PRO D 33 -4.61 -14.91 36.50
C PRO D 33 -5.54 -14.27 37.53
N VAL D 34 -6.66 -13.72 37.07
CA VAL D 34 -7.69 -13.20 37.96
C VAL D 34 -8.95 -13.96 37.58
N PRO D 35 -9.17 -15.13 38.22
CA PRO D 35 -10.35 -15.91 37.84
C PRO D 35 -11.64 -15.29 38.35
N ILE D 36 -12.66 -15.30 37.50
CA ILE D 36 -14.00 -14.87 37.86
C ILE D 36 -14.91 -16.10 37.73
N GLU D 37 -15.58 -16.44 38.82
CA GLU D 37 -16.38 -17.65 38.87
C GLU D 37 -17.79 -17.44 38.35
N SER D 38 -18.34 -16.26 38.55
CA SER D 38 -19.66 -15.92 38.07
C SER D 38 -19.87 -14.42 38.16
N THR D 39 -20.98 -13.93 37.63
CA THR D 39 -21.26 -12.49 37.64
C THR D 39 -22.75 -12.27 37.87
N GLU D 40 -23.12 -11.05 38.26
CA GLU D 40 -24.50 -10.63 38.51
C GLU D 40 -24.61 -9.10 38.67
N GLY D 41 -25.56 -8.50 37.95
CA GLY D 41 -25.75 -7.07 37.97
C GLY D 41 -24.47 -6.33 37.67
N ASP D 42 -23.96 -5.58 38.64
CA ASP D 42 -22.71 -4.84 38.47
C ASP D 42 -21.54 -5.51 39.14
N TYR D 43 -21.69 -6.80 39.50
CA TYR D 43 -20.68 -7.53 40.26
C TYR D 43 -20.05 -8.76 39.59
N LEU D 44 -18.74 -8.88 39.81
CA LEU D 44 -17.99 -10.08 39.46
C LEU D 44 -17.72 -10.84 40.75
N ILE D 45 -17.80 -12.17 40.70
CA ILE D 45 -17.65 -12.97 41.93
C ILE D 45 -16.49 -13.92 41.73
N THR D 46 -15.50 -13.82 42.60
CA THR D 46 -14.32 -14.66 42.51
C THR D 46 -14.65 -16.05 43.02
N PRO D 47 -13.78 -17.04 42.74
CA PRO D 47 -14.00 -18.41 43.24
C PRO D 47 -14.13 -18.43 44.77
N GLY D 48 -13.33 -17.60 45.44
CA GLY D 48 -13.44 -17.42 46.90
C GLY D 48 -14.78 -16.84 47.36
N GLY D 49 -15.52 -16.20 46.45
CA GLY D 49 -16.79 -15.56 46.82
C GLY D 49 -16.68 -14.06 47.04
N THR D 50 -15.52 -13.48 46.75
CA THR D 50 -15.36 -12.04 46.87
C THR D 50 -16.19 -11.36 45.79
N ARG D 51 -16.94 -10.34 46.18
CA ARG D 51 -17.76 -9.59 45.24
C ARG D 51 -17.10 -8.28 44.83
N LEU D 52 -16.98 -8.07 43.51
CA LEU D 52 -16.20 -6.98 42.98
C LEU D 52 -17.11 -6.05 42.19
N LEU D 53 -17.23 -4.80 42.63
CA LEU D 53 -18.04 -3.81 41.93
C LEU D 53 -17.30 -3.38 40.64
N ASP D 54 -17.89 -3.67 39.48
CA ASP D 54 -17.19 -3.46 38.20
C ASP D 54 -17.51 -2.09 37.60
N PHE D 55 -16.70 -1.09 37.95
CA PHE D 55 -16.91 0.23 37.33
C PHE D 55 -16.04 0.48 36.07
N PHE D 56 -15.65 -0.63 35.43
CA PHE D 56 -15.29 -0.67 33.99
C PHE D 56 -16.47 -1.19 33.14
N ASN D 57 -17.46 -1.85 33.78
CA ASN D 57 -18.53 -2.59 33.08
C ASN D 57 -17.88 -3.50 32.03
N GLN D 58 -16.81 -4.20 32.45
CA GLN D 58 -15.92 -4.96 31.57
C GLN D 58 -15.19 -4.01 30.58
N LEU D 59 -15.74 -3.83 29.38
CA LEU D 59 -15.19 -2.89 28.40
C LEU D 59 -16.33 -1.97 27.99
N CYS D 60 -17.08 -1.46 28.99
CA CYS D 60 -18.29 -0.65 28.73
C CYS D 60 -19.22 -1.36 27.73
N CYS D 61 -19.50 -2.64 27.97
CA CYS D 61 -20.19 -3.47 27.01
C CYS D 61 -21.27 -4.39 27.61
N VAL D 62 -21.47 -4.32 28.93
CA VAL D 62 -22.48 -5.17 29.59
C VAL D 62 -23.60 -4.21 30.03
N ASN D 63 -24.17 -3.53 29.03
CA ASN D 63 -25.10 -2.42 29.25
C ASN D 63 -26.32 -2.77 30.15
N LEU D 64 -26.91 -3.92 29.89
CA LEU D 64 -28.11 -4.39 30.60
C LEU D 64 -27.80 -4.84 32.03
N GLY D 65 -26.52 -5.02 32.36
CA GLY D 65 -26.16 -5.69 33.59
C GLY D 65 -25.72 -7.12 33.35
N GLN D 66 -24.92 -7.66 34.25
CA GLN D 66 -24.43 -9.03 34.12
C GLN D 66 -25.54 -10.05 34.34
N LYS D 67 -25.60 -11.02 33.43
CA LYS D 67 -26.39 -12.25 33.63
C LYS D 67 -27.85 -11.90 33.90
N ASN D 68 -28.46 -11.15 32.97
CA ASN D 68 -29.87 -10.82 33.06
C ASN D 68 -30.69 -12.08 32.93
N GLN D 69 -31.67 -12.26 33.82
CA GLN D 69 -32.41 -13.54 33.84
C GLN D 69 -33.32 -13.72 32.64
N LYS D 70 -33.90 -12.63 32.16
CA LYS D 70 -34.77 -12.69 30.99
C LYS D 70 -33.98 -12.93 29.71
N VAL D 71 -32.81 -12.28 29.58
CA VAL D 71 -31.94 -12.54 28.43
C VAL D 71 -31.52 -14.00 28.44
N ASN D 72 -31.07 -14.51 29.58
CA ASN D 72 -30.60 -15.89 29.65
C ASN D 72 -31.71 -16.91 29.40
N ALA D 73 -32.90 -16.63 29.92
CA ALA D 73 -34.07 -17.45 29.64
C ALA D 73 -34.40 -17.49 28.13
N ALA D 74 -34.25 -16.35 27.45
CA ALA D 74 -34.50 -16.26 26.00
C ALA D 74 -33.46 -17.06 25.18
N ILE D 75 -32.21 -17.04 25.62
CA ILE D 75 -31.17 -17.86 24.97
C ILE D 75 -31.51 -19.35 25.14
N LYS D 76 -31.91 -19.73 26.35
CA LYS D 76 -32.32 -21.11 26.62
C LYS D 76 -33.46 -21.57 25.71
N GLU D 77 -34.46 -20.72 25.52
CA GLU D 77 -35.55 -21.01 24.60
C GLU D 77 -35.07 -21.20 23.18
N ALA D 78 -34.20 -20.30 22.70
CA ALA D 78 -33.70 -20.40 21.33
C ALA D 78 -33.05 -21.76 21.10
N LEU D 79 -32.33 -22.25 22.12
CA LEU D 79 -31.59 -23.52 22.07
C LEU D 79 -32.48 -24.77 21.99
N ASP D 80 -33.79 -24.60 22.20
CA ASP D 80 -34.76 -25.65 21.95
C ASP D 80 -34.95 -25.84 20.47
N ARG D 81 -34.65 -24.79 19.69
CA ARG D 81 -34.99 -24.79 18.26
C ARG D 81 -33.72 -24.81 17.40
N TYR D 82 -32.66 -24.17 17.90
CA TYR D 82 -31.39 -24.03 17.19
C TYR D 82 -30.21 -24.52 18.06
N GLY D 83 -29.13 -25.01 17.45
CA GLY D 83 -28.95 -25.14 16.01
C GLY D 83 -28.17 -23.97 15.40
N PHE D 84 -27.90 -24.06 14.10
CA PHE D 84 -27.20 -22.99 13.38
C PHE D 84 -27.62 -22.98 11.94
N VAL D 85 -28.04 -21.83 11.45
CA VAL D 85 -28.09 -21.64 9.99
C VAL D 85 -27.29 -20.38 9.69
N TRP D 86 -26.67 -20.34 8.50
CA TRP D 86 -25.98 -19.13 8.03
C TRP D 86 -26.91 -18.14 7.34
N ASP D 87 -26.36 -17.02 6.90
CA ASP D 87 -27.14 -15.80 6.62
C ASP D 87 -28.09 -15.98 5.46
N THR D 88 -27.85 -17.01 4.63
CA THR D 88 -28.71 -17.30 3.50
C THR D 88 -30.13 -17.73 3.92
N TYR D 89 -30.26 -18.27 5.14
CA TYR D 89 -31.55 -18.75 5.67
C TYR D 89 -32.16 -17.71 6.57
N ALA D 90 -33.46 -17.55 6.50
CA ALA D 90 -34.17 -16.56 7.35
C ALA D 90 -34.59 -17.20 8.66
N THR D 91 -34.49 -16.45 9.76
CA THR D 91 -35.05 -16.88 11.05
C THR D 91 -35.87 -15.74 11.67
N ASP D 92 -36.78 -16.13 12.59
CA ASP D 92 -37.54 -15.15 13.33
C ASP D 92 -36.61 -14.21 14.14
N TYR D 93 -35.67 -14.77 14.88
CA TYR D 93 -34.78 -13.96 15.73
C TYR D 93 -34.00 -12.91 14.90
N LYS D 94 -33.44 -13.32 13.77
CA LYS D 94 -32.66 -12.39 12.94
C LYS D 94 -33.52 -11.26 12.36
N ALA D 95 -34.69 -11.61 11.79
CA ALA D 95 -35.60 -10.59 11.25
C ALA D 95 -36.13 -9.68 12.35
N LYS D 96 -36.51 -10.26 13.47
CA LYS D 96 -37.04 -9.47 14.57
C LYS D 96 -35.98 -8.49 15.11
N ALA D 97 -34.73 -8.94 15.26
CA ALA D 97 -33.67 -8.07 15.80
C ALA D 97 -33.49 -6.83 14.89
N ALA D 98 -33.51 -7.06 13.59
CA ALA D 98 -33.40 -5.97 12.60
C ALA D 98 -34.59 -5.02 12.71
N LYS D 99 -35.79 -5.61 12.81
CA LYS D 99 -37.02 -4.83 12.96
C LYS D 99 -36.99 -4.02 14.25
N ILE D 100 -36.53 -4.59 15.36
CA ILE D 100 -36.40 -3.83 16.63
C ILE D 100 -35.52 -2.58 16.43
N ILE D 101 -34.35 -2.77 15.83
CA ILE D 101 -33.43 -1.65 15.58
C ILE D 101 -34.07 -0.57 14.67
N ILE D 102 -34.60 -0.99 13.54
CA ILE D 102 -35.07 -0.03 12.53
C ILE D 102 -36.39 0.61 12.92
N GLU D 103 -37.36 -0.22 13.28
CA GLU D 103 -38.71 0.24 13.56
C GLU D 103 -38.92 0.77 14.96
N ASP D 104 -38.36 0.09 15.97
CA ASP D 104 -38.61 0.49 17.37
C ASP D 104 -37.61 1.49 17.94
N ILE D 105 -36.33 1.14 17.95
CA ILE D 105 -35.32 2.01 18.53
C ILE D 105 -35.12 3.29 17.68
N LEU D 106 -34.98 3.14 16.37
CA LEU D 106 -34.74 4.28 15.46
C LEU D 106 -36.01 4.73 14.71
N GLY D 107 -37.19 4.34 15.21
CA GLY D 107 -38.46 4.53 14.50
C GLY D 107 -38.82 5.98 14.24
N ASP D 108 -38.32 6.86 15.11
CA ASP D 108 -38.55 8.29 14.99
C ASP D 108 -37.62 8.97 13.97
N GLU D 109 -36.67 8.22 13.41
CA GLU D 109 -35.75 8.78 12.40
C GLU D 109 -36.00 8.12 11.04
N ASP D 110 -35.90 8.85 9.94
CA ASP D 110 -36.23 8.15 8.68
C ASP D 110 -35.07 7.87 7.72
N TRP D 111 -33.84 8.15 8.15
CA TRP D 111 -32.66 7.80 7.36
C TRP D 111 -32.31 6.26 7.36
N PRO D 112 -32.61 5.53 8.47
CA PRO D 112 -32.17 4.12 8.50
C PRO D 112 -32.90 3.23 7.47
N GLY D 113 -32.16 2.35 6.80
CA GLY D 113 -32.75 1.49 5.78
C GLY D 113 -32.70 0.01 6.17
N LYS D 114 -31.49 -0.51 6.35
CA LYS D 114 -31.26 -1.95 6.53
C LYS D 114 -30.10 -2.22 7.49
N VAL D 115 -30.00 -3.49 7.92
CA VAL D 115 -29.07 -3.94 8.95
C VAL D 115 -28.33 -5.16 8.41
N ARG D 116 -27.04 -5.26 8.70
CA ARG D 116 -26.33 -6.53 8.51
C ARG D 116 -25.73 -6.93 9.84
N PHE D 117 -26.06 -8.14 10.29
CA PHE D 117 -25.49 -8.63 11.56
C PHE D 117 -24.19 -9.40 11.29
N VAL D 118 -23.21 -9.22 12.17
CA VAL D 118 -21.95 -9.99 12.15
C VAL D 118 -21.68 -10.36 13.61
N SER D 119 -20.47 -10.75 13.97
CA SER D 119 -20.25 -11.26 15.32
C SER D 119 -19.52 -10.36 16.29
N THR D 120 -18.76 -9.36 15.80
CA THR D 120 -18.00 -8.48 16.66
C THR D 120 -18.07 -7.01 16.18
N GLY D 121 -17.68 -6.08 17.05
CA GLY D 121 -17.61 -4.64 16.67
C GLY D 121 -16.60 -4.40 15.55
N SER D 122 -15.47 -5.13 15.59
CA SER D 122 -14.44 -5.01 14.53
C SER D 122 -15.01 -5.48 13.19
N GLU D 123 -15.70 -6.63 13.19
CA GLU D 123 -16.41 -7.10 11.98
C GLU D 123 -17.43 -6.08 11.47
N ALA D 124 -18.10 -5.38 12.39
CA ALA D 124 -19.07 -4.34 12.00
C ALA D 124 -18.37 -3.17 11.28
N VAL D 125 -17.22 -2.75 11.83
CA VAL D 125 -16.45 -1.66 11.22
C VAL D 125 -15.90 -2.06 9.84
N GLU D 126 -15.39 -3.30 9.71
CA GLU D 126 -14.95 -3.85 8.43
C GLU D 126 -16.06 -3.77 7.42
N THR D 127 -17.25 -4.22 7.81
CA THR D 127 -18.43 -4.20 6.95
C THR D 127 -18.76 -2.76 6.50
N ALA D 128 -18.81 -1.81 7.45
CA ALA D 128 -19.10 -0.39 7.15
C ALA D 128 -18.08 0.24 6.19
N LEU D 129 -16.81 -0.11 6.33
CA LEU D 129 -15.75 0.43 5.46
C LEU D 129 -15.96 -0.10 4.05
N ASN D 130 -16.24 -1.40 3.93
CA ASN D 130 -16.52 -2.05 2.64
C ASN D 130 -17.71 -1.38 1.94
N ILE D 131 -18.81 -1.21 2.69
CA ILE D 131 -20.03 -0.57 2.14
C ILE D 131 -19.82 0.89 1.72
N ALA D 132 -19.18 1.68 2.59
CA ALA D 132 -18.88 3.09 2.26
C ALA D 132 -18.06 3.23 0.95
N ARG D 133 -17.03 2.37 0.81
CA ARG D 133 -16.16 2.41 -0.36
C ARG D 133 -16.93 1.94 -1.61
N LEU D 134 -17.71 0.87 -1.48
CA LEU D 134 -18.47 0.37 -2.62
C LEU D 134 -19.52 1.39 -3.05
N TYR D 135 -20.29 1.90 -2.10
CA TYR D 135 -21.36 2.87 -2.38
C TYR D 135 -20.83 4.11 -3.11
N THR D 136 -19.74 4.69 -2.60
CA THR D 136 -19.17 5.88 -3.23
C THR D 136 -18.27 5.59 -4.43
N ASN D 137 -17.81 4.34 -4.58
CA ASN D 137 -16.73 3.98 -5.50
C ASN D 137 -15.41 4.75 -5.27
N ARG D 138 -15.11 5.03 -4.00
CA ARG D 138 -13.92 5.81 -3.64
C ARG D 138 -13.09 5.04 -2.61
N PRO D 139 -11.75 5.16 -2.69
CA PRO D 139 -10.82 4.40 -1.82
C PRO D 139 -10.57 4.96 -0.42
N LEU D 140 -10.57 6.28 -0.24
CA LEU D 140 -10.04 6.82 1.02
C LEU D 140 -11.09 6.91 2.12
N VAL D 141 -10.65 6.60 3.36
CA VAL D 141 -11.45 6.80 4.56
C VAL D 141 -10.65 7.66 5.55
N VAL D 142 -11.31 8.70 6.06
CA VAL D 142 -10.76 9.61 7.02
C VAL D 142 -11.10 9.13 8.46
N THR D 143 -10.08 9.07 9.30
CA THR D 143 -10.25 8.79 10.74
C THR D 143 -9.64 9.96 11.52
N ARG D 144 -9.59 9.87 12.85
CA ARG D 144 -9.00 10.91 13.66
C ARG D 144 -7.97 10.34 14.62
N GLU D 145 -7.02 11.19 14.94
CA GLU D 145 -6.03 10.96 15.96
C GLU D 145 -6.71 10.42 17.25
N HIS D 146 -6.15 9.34 17.80
CA HIS D 146 -6.66 8.66 19.02
C HIS D 146 -7.94 7.85 18.87
N ASP D 147 -8.48 7.74 17.65
CA ASP D 147 -9.67 6.90 17.43
C ASP D 147 -9.32 5.42 17.61
N TYR D 148 -10.28 4.68 18.13
CA TYR D 148 -10.21 3.22 18.22
C TYR D 148 -11.44 2.65 17.53
N HIS D 149 -11.24 1.92 16.44
CA HIS D 149 -12.35 1.28 15.74
C HIS D 149 -12.27 -0.25 15.59
N GLY D 150 -11.37 -0.89 16.34
CA GLY D 150 -11.25 -2.33 16.30
C GLY D 150 -9.84 -2.79 15.97
N TRP D 151 -9.65 -4.10 15.87
CA TRP D 151 -8.28 -4.66 15.82
C TRP D 151 -7.96 -5.45 14.53
N THR D 152 -8.98 -5.89 13.82
CA THR D 152 -8.81 -6.66 12.58
C THR D 152 -8.28 -5.72 11.49
N GLY D 153 -7.72 -6.27 10.42
CA GLY D 153 -7.06 -5.45 9.37
C GLY D 153 -7.63 -4.09 8.99
N GLY D 154 -8.86 -4.05 8.46
CA GLY D 154 -9.45 -2.79 8.00
C GLY D 154 -9.77 -1.87 9.17
N ALA D 155 -10.37 -2.42 10.23
CA ALA D 155 -10.70 -1.60 11.42
C ALA D 155 -9.45 -1.02 12.05
N ALA D 156 -8.34 -1.75 11.99
CA ALA D 156 -7.09 -1.30 12.57
C ALA D 156 -6.49 -0.14 11.75
N THR D 157 -6.67 -0.14 10.43
CA THR D 157 -6.13 0.94 9.58
C THR D 157 -6.73 2.31 10.00
N VAL D 158 -7.95 2.31 10.53
CA VAL D 158 -8.60 3.54 11.01
C VAL D 158 -8.42 3.75 12.52
N THR D 159 -7.67 2.86 13.15
CA THR D 159 -7.33 3.04 14.57
C THR D 159 -6.01 3.79 14.72
N ARG D 160 -6.06 4.94 15.42
CA ARG D 160 -4.89 5.82 15.58
C ARG D 160 -4.45 5.95 17.05
N LEU D 161 -4.29 4.79 17.69
CA LEU D 161 -3.71 4.69 19.04
C LEU D 161 -2.60 3.66 18.93
N ARG D 162 -1.36 4.14 19.07
CA ARG D 162 -0.18 3.27 18.90
C ARG D 162 0.00 2.23 20.00
N SER D 163 -0.75 2.41 21.10
CA SER D 163 -0.83 1.47 22.23
C SER D 163 -1.86 0.36 22.08
N PHE D 164 -2.65 0.39 21.00
CA PHE D 164 -3.74 -0.60 20.81
C PHE D 164 -3.82 -1.15 19.38
N ARG D 165 -2.66 -1.15 18.70
CA ARG D 165 -2.58 -1.63 17.30
C ARG D 165 -2.00 -3.06 17.20
N SER D 166 -2.09 -3.80 18.29
CA SER D 166 -1.71 -5.22 18.35
C SER D 166 -0.23 -5.43 18.12
N GLY D 167 0.57 -4.40 18.39
CA GLY D 167 2.02 -4.53 18.39
C GLY D 167 2.55 -5.08 19.73
N LEU D 168 3.86 -5.14 19.86
CA LEU D 168 4.49 -5.65 21.08
C LEU D 168 5.34 -4.60 21.81
N VAL D 169 5.33 -4.66 23.13
CA VAL D 169 6.28 -3.86 23.89
C VAL D 169 6.94 -4.73 24.97
N GLY D 170 8.04 -4.24 25.53
CA GLY D 170 8.73 -4.98 26.55
C GLY D 170 8.12 -4.80 27.94
N GLU D 171 8.70 -5.51 28.91
CA GLU D 171 8.29 -5.41 30.31
C GLU D 171 9.04 -4.30 31.04
N ASN D 172 8.36 -3.17 31.27
CA ASN D 172 9.00 -2.00 31.86
C ASN D 172 10.29 -1.62 31.12
N SER D 173 10.20 -1.57 29.79
CA SER D 173 11.35 -1.29 28.95
C SER D 173 10.91 -0.66 27.62
N GLU D 174 11.79 0.16 27.04
CA GLU D 174 11.61 0.73 25.71
C GLU D 174 12.36 -0.03 24.62
N SER D 175 13.00 -1.14 24.98
CA SER D 175 13.91 -1.84 24.06
C SER D 175 13.33 -3.00 23.24
N PHE D 176 12.06 -3.31 23.44
CA PHE D 176 11.45 -4.46 22.75
C PHE D 176 10.13 -4.08 22.06
N SER D 177 10.08 -2.83 21.57
CA SER D 177 8.88 -2.27 20.96
C SER D 177 8.84 -2.55 19.45
N ALA D 178 7.70 -3.05 18.98
CA ALA D 178 7.50 -3.27 17.56
C ALA D 178 6.05 -3.11 17.22
N GLN D 179 5.77 -2.47 16.09
CA GLN D 179 4.44 -2.57 15.50
C GLN D 179 4.48 -3.72 14.47
N ILE D 180 3.31 -4.16 14.02
CA ILE D 180 3.24 -5.29 13.11
C ILE D 180 3.90 -4.86 11.79
N PRO D 181 4.87 -5.65 11.30
CA PRO D 181 5.50 -5.31 10.02
C PRO D 181 4.48 -5.19 8.88
N GLY D 182 4.63 -4.17 8.05
CA GLY D 182 3.72 -3.95 6.92
C GLY D 182 2.62 -3.01 7.34
N SER D 183 2.64 -2.70 8.64
CA SER D 183 1.93 -1.62 9.33
C SER D 183 1.09 -2.07 10.51
N SER D 187 -2.94 3.36 4.77
CA SER D 187 -2.95 2.76 3.44
C SER D 187 -4.42 2.71 3.03
N ALA D 188 -4.81 3.68 2.22
CA ALA D 188 -6.20 4.05 1.92
C ALA D 188 -6.91 4.79 3.07
N VAL D 189 -6.15 5.25 4.06
CA VAL D 189 -6.71 5.98 5.20
C VAL D 189 -6.01 7.34 5.40
N LEU D 190 -6.76 8.36 5.81
CA LEU D 190 -6.18 9.65 6.18
C LEU D 190 -6.52 9.94 7.65
N MET D 191 -5.52 10.37 8.41
CA MET D 191 -5.78 10.78 9.80
C MET D 191 -5.97 12.29 9.86
N ALA D 192 -7.14 12.68 10.36
CA ALA D 192 -7.46 14.08 10.59
C ALA D 192 -7.27 14.34 12.10
N PRO D 193 -7.21 15.62 12.53
CA PRO D 193 -7.10 15.91 13.96
C PRO D 193 -8.31 15.40 14.73
N SER D 194 -8.13 15.04 15.99
CA SER D 194 -9.31 14.76 16.80
C SER D 194 -10.02 16.09 17.14
N SER D 195 -11.24 16.00 17.67
CA SER D 195 -11.96 17.19 18.13
C SER D 195 -11.19 17.91 19.23
N ASN D 196 -10.31 17.20 19.94
CA ASN D 196 -9.54 17.81 21.04
C ASN D 196 -8.21 18.37 20.56
N THR D 197 -8.26 19.32 19.63
CA THR D 197 -7.04 19.91 19.08
C THR D 197 -7.35 21.37 18.88
N PHE D 198 -6.30 22.21 18.90
CA PHE D 198 -6.42 23.66 18.63
C PHE D 198 -7.23 24.43 19.65
N GLN D 199 -6.60 24.67 20.80
CA GLN D 199 -7.19 25.41 21.91
C GLN D 199 -6.46 26.68 22.31
N ASP D 200 -7.16 27.52 23.07
CA ASP D 200 -6.59 28.63 23.84
C ASP D 200 -5.53 28.19 24.81
N GLY D 203 -8.56 27.84 27.81
CA GLY D 203 -8.52 26.57 27.08
C GLY D 203 -9.71 26.31 26.15
N ASN D 204 -10.20 27.36 25.50
CA ASN D 204 -11.35 27.24 24.58
C ASN D 204 -10.94 26.77 23.18
N TYR D 205 -11.85 26.05 22.51
CA TYR D 205 -11.57 25.57 21.16
C TYR D 205 -11.58 26.70 20.15
N LEU D 206 -10.51 26.77 19.38
CA LEU D 206 -10.36 27.81 18.39
C LEU D 206 -11.33 27.61 17.23
N LYS D 207 -11.89 28.71 16.74
CA LYS D 207 -12.79 28.71 15.59
C LYS D 207 -12.33 29.74 14.54
N ASP D 208 -12.71 29.54 13.28
CA ASP D 208 -12.42 30.56 12.26
C ASP D 208 -13.50 31.65 12.39
N GLU D 209 -13.53 32.62 11.47
CA GLU D 209 -14.50 33.74 11.55
C GLU D 209 -15.98 33.36 11.35
N ASN D 210 -16.23 32.33 10.55
CA ASN D 210 -17.53 31.67 10.59
C ASN D 210 -17.59 30.78 11.85
N GLY D 211 -18.56 29.89 11.95
CA GLY D 211 -18.62 29.05 13.16
C GLY D 211 -17.47 28.06 13.39
N GLU D 212 -16.68 27.79 12.36
CA GLU D 212 -16.01 26.49 12.26
C GLU D 212 -14.82 26.25 13.19
N LEU D 213 -14.91 25.16 13.94
CA LEU D 213 -13.81 24.68 14.77
C LEU D 213 -12.60 24.41 13.87
N LEU D 214 -11.42 24.79 14.33
CA LEU D 214 -10.22 24.58 13.51
C LEU D 214 -9.96 23.09 13.21
N SER D 215 -10.35 22.19 14.12
CA SER D 215 -10.19 20.74 13.87
C SER D 215 -11.00 20.35 12.64
N VAL D 216 -12.23 20.85 12.59
CA VAL D 216 -13.10 20.61 11.44
C VAL D 216 -12.60 21.30 10.17
N LYS D 217 -12.18 22.56 10.30
CA LYS D 217 -11.74 23.32 9.15
C LYS D 217 -10.53 22.65 8.49
N TYR D 218 -9.62 22.15 9.32
CA TYR D 218 -8.45 21.48 8.78
C TYR D 218 -8.82 20.14 8.16
N THR D 219 -9.80 19.43 8.75
CA THR D 219 -10.32 18.18 8.19
C THR D 219 -10.93 18.44 6.79
N ARG D 220 -11.65 19.55 6.67
CA ARG D 220 -12.19 19.97 5.40
C ARG D 220 -11.04 20.20 4.40
N ARG D 221 -10.05 20.98 4.80
CA ARG D 221 -8.90 21.29 3.92
C ARG D 221 -8.16 20.03 3.48
N MET D 222 -8.11 19.04 4.37
CA MET D 222 -7.47 17.77 4.08
C MET D 222 -8.17 17.00 2.99
N ILE D 223 -9.48 16.86 3.14
CA ILE D 223 -10.30 16.22 2.13
C ILE D 223 -10.22 16.99 0.78
N GLU D 224 -10.21 18.32 0.85
CA GLU D 224 -10.06 19.15 -0.36
C GLU D 224 -8.68 18.97 -0.99
N ASN D 225 -7.65 18.75 -0.16
CA ASN D 225 -6.31 18.53 -0.68
C ASN D 225 -6.17 17.23 -1.49
N TYR D 226 -6.76 16.14 -0.99
CA TYR D 226 -6.78 14.89 -1.74
C TYR D 226 -7.81 14.92 -2.86
N GLY D 227 -8.85 15.72 -2.67
CA GLY D 227 -9.96 15.80 -3.60
C GLY D 227 -11.12 14.98 -3.04
N PRO D 228 -12.31 15.61 -2.90
CA PRO D 228 -13.50 14.92 -2.36
C PRO D 228 -13.88 13.66 -3.15
N GLU D 229 -13.58 13.66 -4.45
CA GLU D 229 -13.87 12.53 -5.33
C GLU D 229 -13.02 11.30 -4.95
N GLN D 230 -11.99 11.49 -4.12
CA GLN D 230 -11.16 10.37 -3.67
C GLN D 230 -11.62 9.79 -2.32
N VAL D 231 -12.49 10.51 -1.63
CA VAL D 231 -12.82 10.22 -0.21
C VAL D 231 -14.23 9.64 -0.02
N ALA D 232 -14.27 8.38 0.40
CA ALA D 232 -15.53 7.66 0.64
C ALA D 232 -16.29 8.17 1.88
N ALA D 233 -15.56 8.35 2.98
CA ALA D 233 -16.19 8.49 4.29
C ALA D 233 -15.23 9.05 5.31
N VAL D 234 -15.81 9.70 6.32
CA VAL D 234 -15.17 10.01 7.61
C VAL D 234 -15.82 9.08 8.62
N ILE D 235 -14.99 8.34 9.35
CA ILE D 235 -15.49 7.49 10.44
C ILE D 235 -15.09 8.20 11.75
N THR D 236 -16.03 8.32 12.67
CA THR D 236 -15.75 8.97 13.96
C THR D 236 -16.26 8.10 15.10
N GLU D 237 -15.83 8.45 16.31
CA GLU D 237 -16.52 8.10 17.56
C GLU D 237 -17.08 9.41 18.08
N VAL D 238 -18.36 9.45 18.40
CA VAL D 238 -18.91 10.72 18.90
C VAL D 238 -18.23 11.11 20.23
N SER D 239 -17.82 10.10 21.01
CA SER D 239 -16.93 10.30 22.15
C SER D 239 -15.84 9.23 22.08
N GLN D 240 -14.57 9.60 21.98
CA GLN D 240 -13.53 8.56 21.88
C GLN D 240 -13.53 7.63 23.10
N GLY D 241 -13.62 6.32 22.84
CA GLY D 241 -13.81 5.31 23.88
C GLY D 241 -12.52 4.92 24.58
N VAL D 242 -11.75 4.03 23.96
CA VAL D 242 -10.43 3.67 24.46
C VAL D 242 -9.57 4.94 24.60
N GLY D 243 -9.61 5.79 23.57
CA GLY D 243 -8.89 7.08 23.58
C GLY D 243 -9.34 8.10 24.64
N SER D 244 -10.53 7.90 25.20
CA SER D 244 -10.96 8.63 26.42
C SER D 244 -11.05 10.16 26.28
N THR D 245 -11.90 10.63 25.36
CA THR D 245 -12.15 12.05 25.26
C THR D 245 -13.63 12.35 25.06
N MET D 246 -13.99 13.62 25.22
CA MET D 246 -15.32 14.12 24.87
C MET D 246 -15.12 15.30 23.92
N PRO D 247 -16.03 15.49 22.94
CA PRO D 247 -15.85 16.61 21.99
C PRO D 247 -16.42 17.95 22.49
N PRO D 248 -15.96 19.09 21.93
CA PRO D 248 -16.78 20.29 22.15
C PRO D 248 -18.10 20.07 21.43
N TYR D 249 -19.17 20.64 21.97
CA TYR D 249 -20.51 20.39 21.45
C TYR D 249 -20.63 20.54 19.93
N GLU D 250 -19.97 21.54 19.35
CA GLU D 250 -20.17 21.83 17.93
C GLU D 250 -19.48 20.84 16.99
N TYR D 251 -18.53 20.06 17.51
CA TYR D 251 -17.82 19.15 16.63
C TYR D 251 -18.69 18.24 15.79
N VAL D 252 -19.64 17.54 16.44
CA VAL D 252 -20.37 16.48 15.76
C VAL D 252 -21.30 17.05 14.67
N PRO D 253 -22.03 18.14 14.98
CA PRO D 253 -22.83 18.78 13.91
C PRO D 253 -21.95 19.36 12.79
N GLN D 254 -20.82 19.96 13.15
CA GLN D 254 -19.92 20.54 12.14
C GLN D 254 -19.31 19.49 11.19
N ILE D 255 -18.86 18.35 11.73
CA ILE D 255 -18.49 17.21 10.88
C ILE D 255 -19.66 16.69 10.00
N ARG D 256 -20.87 16.60 10.54
CA ARG D 256 -22.00 16.19 9.70
C ARG D 256 -22.21 17.15 8.53
N LYS D 257 -22.15 18.46 8.81
CA LYS D 257 -22.33 19.49 7.80
C LYS D 257 -21.18 19.50 6.78
N MET D 258 -19.94 19.44 7.27
CA MET D 258 -18.77 19.35 6.37
C MET D 258 -18.89 18.17 5.40
N THR D 259 -19.12 16.96 5.93
CA THR D 259 -19.21 15.79 5.06
C THR D 259 -20.33 15.94 4.00
N LYS D 260 -21.48 16.44 4.42
CA LYS D 260 -22.59 16.74 3.47
C LYS D 260 -22.18 17.67 2.35
N GLU D 261 -21.54 18.78 2.74
CA GLU D 261 -21.10 19.77 1.76
C GLU D 261 -20.11 19.17 0.76
N LEU D 262 -19.24 18.27 1.21
CA LEU D 262 -18.22 17.65 0.33
C LEU D 262 -18.70 16.37 -0.41
N GLY D 263 -19.93 15.92 -0.15
CA GLY D 263 -20.44 14.68 -0.74
C GLY D 263 -19.77 13.41 -0.21
N VAL D 264 -19.46 13.40 1.08
CA VAL D 264 -18.68 12.34 1.72
C VAL D 264 -19.59 11.73 2.80
N LEU D 265 -19.50 10.43 3.00
CA LEU D 265 -20.31 9.78 4.02
C LEU D 265 -19.79 10.04 5.44
N TRP D 266 -20.68 9.91 6.41
CA TRP D 266 -20.31 9.87 7.81
C TRP D 266 -20.73 8.54 8.43
N ILE D 267 -19.73 7.82 8.93
CA ILE D 267 -19.92 6.59 9.72
C ILE D 267 -19.78 6.96 11.19
N SER D 268 -20.87 6.82 11.95
CA SER D 268 -20.75 6.99 13.38
C SER D 268 -20.44 5.61 13.96
N ASP D 269 -19.24 5.43 14.50
CA ASP D 269 -18.90 4.14 15.08
C ASP D 269 -19.46 4.16 16.49
N GLU D 270 -20.63 3.54 16.64
CA GLU D 270 -21.35 3.50 17.92
C GLU D 270 -21.17 2.16 18.66
N VAL D 271 -20.15 1.36 18.30
CA VAL D 271 -19.88 0.11 19.02
C VAL D 271 -19.92 0.33 20.53
N LEU D 272 -19.25 1.38 21.00
CA LEU D 272 -19.21 1.67 22.46
C LEU D 272 -20.34 2.62 22.90
N THR D 273 -20.58 3.69 22.15
CA THR D 273 -21.55 4.72 22.58
C THR D 273 -23.00 4.31 22.31
N GLY D 274 -23.22 3.20 21.63
CA GLY D 274 -24.58 2.79 21.27
C GLY D 274 -25.37 2.14 22.41
N PHE D 275 -26.69 2.02 22.23
CA PHE D 275 -27.57 1.25 23.14
C PHE D 275 -27.52 1.77 24.57
N GLY D 276 -27.76 3.08 24.72
CA GLY D 276 -27.98 3.69 26.03
C GLY D 276 -26.77 4.12 26.84
N ARG D 277 -25.57 3.81 26.33
CA ARG D 277 -24.34 4.09 27.04
C ARG D 277 -24.24 5.57 27.45
N THR D 278 -24.71 6.47 26.59
CA THR D 278 -24.55 7.91 26.80
C THR D 278 -25.86 8.57 27.28
N GLY D 279 -26.87 7.76 27.58
CA GLY D 279 -28.16 8.30 28.06
C GLY D 279 -29.07 8.80 26.96
N LYS D 280 -28.79 8.33 25.74
CA LYS D 280 -29.65 8.36 24.59
C LYS D 280 -29.50 6.96 23.99
N TRP D 281 -30.35 6.58 23.06
CA TRP D 281 -30.14 5.32 22.33
C TRP D 281 -28.77 5.29 21.64
N PHE D 282 -28.39 6.40 20.99
CA PHE D 282 -27.08 6.48 20.35
C PHE D 282 -26.40 7.79 20.67
N GLY D 283 -25.08 7.76 20.70
CA GLY D 283 -24.25 8.93 20.98
C GLY D 283 -24.55 10.10 20.06
N TYR D 284 -24.75 9.81 18.76
CA TYR D 284 -24.97 10.89 17.81
C TYR D 284 -26.25 11.70 18.12
N GLN D 285 -27.19 11.06 18.80
CA GLN D 285 -28.47 11.67 19.12
C GLN D 285 -28.38 12.85 20.09
N HIS D 286 -27.26 13.05 20.78
CA HIS D 286 -27.08 14.28 21.55
C HIS D 286 -26.94 15.54 20.69
N TYR D 287 -26.77 15.40 19.38
CA TYR D 287 -26.26 16.50 18.55
C TYR D 287 -27.17 16.91 17.41
N GLY D 288 -28.38 16.35 17.36
CA GLY D 288 -29.41 16.70 16.38
C GLY D 288 -29.02 16.43 14.93
N VAL D 289 -28.18 15.41 14.73
CA VAL D 289 -27.74 15.01 13.38
C VAL D 289 -27.99 13.52 13.18
N GLN D 290 -27.89 13.07 11.93
CA GLN D 290 -28.03 11.65 11.60
C GLN D 290 -26.88 11.20 10.71
N PRO D 291 -26.30 10.02 11.00
CA PRO D 291 -25.19 9.54 10.15
C PRO D 291 -25.70 8.81 8.89
N ASP D 292 -24.78 8.39 8.02
CA ASP D 292 -25.14 7.58 6.86
C ASP D 292 -25.10 6.09 7.20
N ILE D 293 -24.16 5.73 8.09
CA ILE D 293 -23.93 4.36 8.53
C ILE D 293 -23.54 4.38 10.03
N ILE D 294 -24.03 3.39 10.79
CA ILE D 294 -23.66 3.19 12.20
C ILE D 294 -23.07 1.78 12.31
N THR D 295 -22.00 1.64 13.10
CA THR D 295 -21.49 0.31 13.49
C THR D 295 -21.80 0.04 14.97
N MET D 296 -22.06 -1.24 15.27
CA MET D 296 -22.63 -1.67 16.55
C MET D 296 -21.92 -2.92 17.07
N GLY D 297 -21.88 -3.03 18.39
CA GLY D 297 -21.52 -4.26 19.09
C GLY D 297 -21.79 -3.99 20.57
N LYS D 298 -20.98 -4.55 21.45
CA LYS D 298 -21.03 -4.24 22.90
C LYS D 298 -22.46 -4.27 23.40
N GLY D 299 -23.07 -3.11 23.61
CA GLY D 299 -24.46 -3.03 24.07
C GLY D 299 -25.55 -3.57 23.16
N LEU D 300 -25.23 -3.85 21.90
CA LEU D 300 -26.12 -4.56 21.00
C LEU D 300 -26.69 -5.85 21.62
N SER D 301 -25.84 -6.63 22.29
CA SER D 301 -26.30 -7.82 22.99
C SER D 301 -25.99 -7.72 24.50
N SER D 302 -25.53 -6.54 24.91
CA SER D 302 -24.88 -6.35 26.22
C SER D 302 -23.90 -7.47 26.55
N SER D 303 -23.17 -7.98 25.55
CA SER D 303 -22.15 -9.02 25.72
C SER D 303 -22.71 -10.39 26.10
N SER D 304 -24.03 -10.54 26.05
CA SER D 304 -24.66 -11.82 26.41
C SER D 304 -24.15 -12.93 25.48
N LEU D 305 -24.07 -12.65 24.19
CA LEU D 305 -23.43 -13.51 23.19
C LEU D 305 -22.80 -12.63 22.11
N PRO D 306 -21.81 -13.15 21.36
CA PRO D 306 -21.13 -12.25 20.42
C PRO D 306 -22.04 -11.77 19.30
N ALA D 307 -22.15 -10.45 19.14
CA ALA D 307 -22.91 -9.87 18.01
C ALA D 307 -22.36 -8.49 17.70
N GLY D 308 -22.29 -8.19 16.40
CA GLY D 308 -22.03 -6.86 15.90
C GLY D 308 -23.06 -6.57 14.81
N ALA D 309 -23.12 -5.32 14.37
CA ALA D 309 -24.00 -4.96 13.26
C ALA D 309 -23.64 -3.66 12.59
N VAL D 310 -24.13 -3.50 11.37
CA VAL D 310 -24.07 -2.24 10.69
C VAL D 310 -25.50 -1.83 10.29
N VAL D 311 -25.86 -0.58 10.52
CA VAL D 311 -27.09 0.00 9.95
C VAL D 311 -26.70 0.98 8.83
N VAL D 312 -27.28 0.80 7.64
CA VAL D 312 -27.04 1.71 6.52
C VAL D 312 -28.28 2.52 6.18
N SER D 313 -28.06 3.74 5.68
CA SER D 313 -29.19 4.61 5.30
C SER D 313 -30.04 3.98 4.18
N LYS D 314 -31.24 4.53 3.96
CA LYS D 314 -32.11 4.06 2.90
C LYS D 314 -31.45 4.12 1.53
N GLU D 315 -30.76 5.22 1.23
CA GLU D 315 -30.07 5.37 -0.06
C GLU D 315 -28.97 4.32 -0.24
N ILE D 316 -28.24 4.04 0.82
CA ILE D 316 -27.18 3.05 0.76
C ILE D 316 -27.76 1.65 0.63
N ALA D 317 -28.80 1.34 1.41
CA ALA D 317 -29.52 0.06 1.24
C ALA D 317 -30.03 -0.13 -0.19
N ALA D 318 -30.64 0.93 -0.75
CA ALA D 318 -31.19 0.85 -2.11
C ALA D 318 -30.11 0.46 -3.13
N PHE D 319 -28.92 1.06 -2.99
CA PHE D 319 -27.82 0.77 -3.91
C PHE D 319 -27.36 -0.70 -3.79
N MET D 320 -27.12 -1.13 -2.55
CA MET D 320 -26.62 -2.49 -2.31
C MET D 320 -27.65 -3.53 -2.79
N ASP D 321 -28.93 -3.23 -2.52
CA ASP D 321 -30.08 -4.07 -2.98
C ASP D 321 -30.10 -4.37 -4.48
N LYS D 322 -29.53 -3.46 -5.29
CA LYS D 322 -29.45 -3.65 -6.74
C LYS D 322 -28.40 -4.64 -7.20
N HIS D 323 -27.59 -5.14 -6.28
CA HIS D 323 -26.43 -5.96 -6.66
C HIS D 323 -26.43 -7.24 -5.88
N ARG D 324 -25.74 -8.24 -6.43
CA ARG D 324 -25.36 -9.44 -5.69
C ARG D 324 -24.05 -9.16 -4.92
N TRP D 325 -24.12 -9.19 -3.60
CA TRP D 325 -22.96 -8.86 -2.76
C TRP D 325 -22.21 -10.13 -2.40
N GLU D 326 -20.96 -10.24 -2.83
CA GLU D 326 -20.17 -11.46 -2.74
C GLU D 326 -19.42 -11.59 -1.40
N SER D 327 -20.17 -11.51 -0.31
CA SER D 327 -19.59 -11.49 1.03
C SER D 327 -20.27 -12.54 1.92
N VAL D 328 -19.45 -13.42 2.50
CA VAL D 328 -19.95 -14.39 3.48
C VAL D 328 -19.10 -14.34 4.76
N SER D 329 -19.81 -14.29 5.89
CA SER D 329 -19.24 -14.48 7.22
C SER D 329 -19.96 -15.69 7.82
N THR D 330 -19.25 -16.76 8.20
CA THR D 330 -19.92 -18.00 8.66
C THR D 330 -21.01 -17.70 9.72
N TYR D 331 -20.61 -17.00 10.79
CA TYR D 331 -21.49 -16.83 11.95
C TYR D 331 -22.37 -15.56 11.91
N ALA D 332 -22.27 -14.80 10.83
CA ALA D 332 -23.09 -13.61 10.65
C ALA D 332 -24.56 -14.03 10.75
N GLY D 333 -25.30 -13.42 11.68
CA GLY D 333 -26.75 -13.62 11.83
C GLY D 333 -27.12 -14.83 12.68
N HIS D 334 -26.10 -15.48 13.26
CA HIS D 334 -26.28 -16.66 14.12
C HIS D 334 -27.57 -16.59 14.93
N PRO D 335 -28.51 -17.54 14.72
CA PRO D 335 -29.85 -17.39 15.29
C PRO D 335 -29.90 -17.30 16.81
N VAL D 336 -28.98 -17.97 17.50
CA VAL D 336 -28.97 -17.91 18.98
C VAL D 336 -28.42 -16.57 19.45
N ALA D 337 -27.41 -16.03 18.77
CA ALA D 337 -26.94 -14.70 19.08
C ALA D 337 -28.06 -13.67 18.81
N MET D 338 -28.83 -13.87 17.75
CA MET D 338 -29.93 -12.92 17.41
C MET D 338 -31.03 -12.99 18.48
N ALA D 339 -31.26 -14.19 19.02
CA ALA D 339 -32.23 -14.32 20.12
C ALA D 339 -31.82 -13.52 21.32
N ALA D 340 -30.52 -13.60 21.65
CA ALA D 340 -29.96 -12.78 22.72
C ALA D 340 -30.11 -11.28 22.43
N VAL D 341 -29.92 -10.88 21.17
CA VAL D 341 -30.03 -9.47 20.81
C VAL D 341 -31.47 -9.02 21.02
N CYS D 342 -32.42 -9.82 20.55
CA CYS D 342 -33.83 -9.46 20.71
C CYS D 342 -34.19 -9.26 22.19
N ALA D 343 -33.74 -10.18 23.04
CA ALA D 343 -34.12 -10.16 24.45
C ALA D 343 -33.44 -8.99 25.14
N ASN D 344 -32.16 -8.79 24.84
CA ASN D 344 -31.42 -7.64 25.35
C ASN D 344 -32.12 -6.31 25.04
N LEU D 345 -32.47 -6.10 23.78
CA LEU D 345 -33.13 -4.87 23.32
C LEU D 345 -34.52 -4.70 23.95
N GLU D 346 -35.30 -5.77 24.04
CA GLU D 346 -36.64 -5.67 24.66
C GLU D 346 -36.59 -5.34 26.14
N VAL D 347 -35.61 -5.88 26.87
CA VAL D 347 -35.44 -5.54 28.29
C VAL D 347 -34.98 -4.06 28.43
N MET D 348 -34.07 -3.63 27.56
CA MET D 348 -33.66 -2.23 27.54
C MET D 348 -34.84 -1.29 27.35
N MET D 349 -35.70 -1.61 26.38
CA MET D 349 -36.86 -0.79 26.06
C MET D 349 -37.87 -0.79 27.21
N GLU D 350 -38.28 -1.98 27.63
CA GLU D 350 -39.29 -2.10 28.68
C GLU D 350 -38.84 -1.55 30.05
N GLU D 351 -37.58 -1.74 30.44
CA GLU D 351 -37.09 -1.15 31.70
C GLU D 351 -36.77 0.34 31.55
N ASN D 352 -36.98 0.88 30.35
CA ASN D 352 -36.51 2.22 30.00
C ASN D 352 -35.09 2.53 30.54
N LEU D 353 -34.14 1.66 30.19
CA LEU D 353 -32.75 1.81 30.63
C LEU D 353 -32.07 3.07 30.07
N VAL D 354 -32.48 3.51 28.87
CA VAL D 354 -31.96 4.78 28.33
C VAL D 354 -32.15 5.95 29.32
N GLU D 355 -33.37 6.07 29.85
CA GLU D 355 -33.68 7.13 30.85
C GLU D 355 -32.93 6.91 32.15
N GLN D 356 -32.88 5.67 32.61
CA GLN D 356 -32.10 5.33 33.79
C GLN D 356 -30.66 5.76 33.61
N ALA D 357 -30.12 5.59 32.39
CA ALA D 357 -28.73 5.94 32.14
C ALA D 357 -28.58 7.47 32.20
N LYS D 358 -29.51 8.19 31.58
CA LYS D 358 -29.51 9.65 31.59
C LYS D 358 -29.50 10.21 33.03
N ASN D 359 -30.42 9.71 33.85
CA ASN D 359 -30.52 10.14 35.25
C ASN D 359 -29.29 9.82 36.10
N SER D 360 -28.74 8.60 35.99
CA SER D 360 -27.54 8.25 36.74
C SER D 360 -26.35 9.08 36.30
N GLY D 361 -26.33 9.45 35.02
CA GLY D 361 -25.29 10.34 34.51
C GLY D 361 -25.34 11.69 35.20
N GLU D 362 -26.54 12.26 35.29
CA GLU D 362 -26.74 13.52 36.01
C GLU D 362 -26.31 13.40 37.46
N TYR D 363 -26.61 12.25 38.07
CA TYR D 363 -26.20 11.96 39.42
C TYR D 363 -24.66 11.86 39.53
N ILE D 364 -24.04 11.10 38.61
CA ILE D 364 -22.58 10.96 38.60
C ILE D 364 -21.89 12.31 38.40
N ARG D 365 -22.49 13.19 37.58
CA ARG D 365 -21.92 14.51 37.36
C ARG D 365 -21.72 15.24 38.70
N SER D 366 -22.74 15.21 39.54
CA SER D 366 -22.72 15.92 40.81
C SER D 366 -21.73 15.29 41.78
N LYS D 367 -21.64 13.96 41.77
CA LYS D 367 -20.63 13.25 42.55
C LYS D 367 -19.21 13.64 42.11
N LEU D 368 -19.01 13.74 40.79
CA LEU D 368 -17.70 14.15 40.26
C LEU D 368 -17.35 15.61 40.54
N GLU D 369 -18.33 16.52 40.48
CA GLU D 369 -18.13 17.91 40.93
C GLU D 369 -17.59 18.00 42.36
N LEU D 370 -18.21 17.25 43.28
CA LEU D 370 -17.73 17.14 44.68
C LEU D 370 -16.32 16.52 44.76
N LEU D 371 -16.08 15.45 44.01
CA LEU D 371 -14.73 14.88 43.97
C LEU D 371 -13.67 15.84 43.40
N GLN D 372 -14.00 16.59 42.35
CA GLN D 372 -13.08 17.61 41.81
C GLN D 372 -12.76 18.73 42.85
N GLU D 373 -13.77 19.16 43.60
CA GLU D 373 -13.60 20.13 44.69
C GLU D 373 -12.59 19.62 45.72
N LYS D 374 -12.72 18.34 46.05
CA LYS D 374 -11.88 17.67 47.04
C LYS D 374 -10.48 17.37 46.50
N HIS D 375 -10.35 17.22 45.17
CA HIS D 375 -9.14 16.65 44.58
C HIS D 375 -8.54 17.46 43.44
N LYS D 376 -7.39 18.07 43.72
CA LYS D 376 -6.70 18.91 42.74
C LYS D 376 -6.05 18.09 41.63
N SER D 377 -5.99 16.77 41.82
CA SER D 377 -5.52 15.86 40.76
C SER D 377 -6.60 15.57 39.70
N ILE D 378 -7.83 16.04 39.92
CA ILE D 378 -8.84 16.01 38.85
C ILE D 378 -8.79 17.32 38.08
N GLY D 379 -8.15 17.27 36.91
CA GLY D 379 -8.03 18.46 36.07
C GLY D 379 -9.33 18.82 35.38
N ASN D 380 -10.08 17.79 34.98
CA ASN D 380 -11.23 17.93 34.10
C ASN D 380 -12.00 16.63 34.17
N PHE D 381 -13.32 16.70 34.03
CA PHE D 381 -14.09 15.48 33.84
C PHE D 381 -15.22 15.85 32.92
N ASP D 382 -15.75 14.87 32.20
CA ASP D 382 -16.87 15.09 31.30
C ASP D 382 -17.48 13.76 30.88
N GLY D 383 -18.67 13.81 30.30
CA GLY D 383 -19.36 12.58 29.94
C GLY D 383 -20.86 12.73 29.98
N TYR D 384 -21.55 11.59 30.02
CA TYR D 384 -23.02 11.52 29.99
C TYR D 384 -23.42 10.06 30.23
N GLY D 385 -24.67 9.80 30.62
CA GLY D 385 -25.10 8.42 30.88
C GLY D 385 -24.11 7.65 31.74
N LEU D 386 -23.67 6.49 31.25
CA LEU D 386 -22.69 5.69 32.00
C LEU D 386 -21.35 5.61 31.26
N LEU D 387 -20.91 6.77 30.78
CA LEU D 387 -19.64 6.92 30.07
C LEU D 387 -18.95 8.22 30.48
N TRP D 388 -17.89 8.09 31.26
CA TRP D 388 -17.26 9.25 31.88
C TRP D 388 -15.76 9.25 31.67
N ILE D 389 -15.20 10.41 31.37
CA ILE D 389 -13.75 10.59 31.45
C ILE D 389 -13.40 11.47 32.63
N VAL D 390 -12.25 11.19 33.25
CA VAL D 390 -11.72 12.02 34.30
C VAL D 390 -10.24 12.20 34.00
N ASP D 391 -9.86 13.40 33.59
CA ASP D 391 -8.44 13.68 33.33
C ASP D 391 -7.75 13.98 34.65
N ILE D 392 -6.63 13.29 34.86
CA ILE D 392 -5.85 13.29 36.10
C ILE D 392 -4.58 14.08 35.88
N VAL D 393 -4.25 14.93 36.85
CA VAL D 393 -3.03 15.72 36.80
C VAL D 393 -2.24 15.59 38.10
N ASN D 394 -0.94 15.85 38.02
CA ASN D 394 -0.12 16.05 39.20
C ASN D 394 -0.65 17.32 39.87
N ALA D 395 -1.18 17.19 41.10
CA ALA D 395 -1.89 18.27 41.79
C ALA D 395 -1.05 19.54 42.04
N LYS D 396 0.27 19.37 42.10
CA LYS D 396 1.18 20.50 42.28
C LYS D 396 1.38 21.24 40.96
N THR D 397 1.98 20.52 40.00
CA THR D 397 2.35 21.06 38.70
C THR D 397 1.17 21.34 37.76
N LYS D 398 0.02 20.71 38.05
CA LYS D 398 -1.20 20.85 37.24
C LYS D 398 -1.11 20.26 35.81
N THR D 399 -0.04 19.50 35.56
CA THR D 399 0.26 18.87 34.27
C THR D 399 0.09 17.36 34.42
N PRO D 400 -0.21 16.65 33.31
CA PRO D 400 -0.25 15.20 33.39
C PRO D 400 1.07 14.61 33.89
N TYR D 401 0.99 13.50 34.61
CA TYR D 401 2.17 12.80 35.06
C TYR D 401 2.90 12.17 33.86
N VAL D 402 2.15 11.48 33.01
CA VAL D 402 2.73 10.78 31.88
C VAL D 402 2.66 11.70 30.66
N LYS D 403 3.84 12.12 30.23
CA LYS D 403 4.01 13.15 29.24
C LYS D 403 3.42 12.73 27.87
N LEU D 404 3.72 11.51 27.43
CA LEU D 404 3.23 11.05 26.11
C LEU D 404 1.71 10.93 26.04
N ASP D 405 1.07 10.89 27.22
CA ASP D 405 -0.39 10.91 27.34
C ASP D 405 -1.04 9.81 26.44
N ARG D 406 -1.94 10.20 25.54
CA ARG D 406 -2.67 9.24 24.70
C ARG D 406 -1.83 8.66 23.55
N ASN D 407 -0.59 9.16 23.39
CA ASN D 407 0.40 8.59 22.46
C ASN D 407 1.43 7.68 23.16
N PHE D 408 1.12 7.32 24.41
CA PHE D 408 1.90 6.35 25.18
C PHE D 408 1.86 4.96 24.52
N ARG D 409 2.75 4.08 24.96
CA ARG D 409 2.58 2.64 24.76
C ARG D 409 2.77 1.91 26.09
N HIS D 410 2.47 0.60 26.11
CA HIS D 410 2.45 -0.18 27.37
C HIS D 410 3.83 -0.68 27.86
N GLY D 411 4.92 -0.18 27.28
CA GLY D 411 6.29 -0.51 27.75
C GLY D 411 6.58 0.10 29.13
N MET D 412 5.87 1.17 29.46
CA MET D 412 5.97 1.86 30.75
C MET D 412 5.69 0.97 31.94
N ASN D 413 6.33 1.29 33.06
CA ASN D 413 6.06 0.64 34.34
C ASN D 413 4.70 1.12 34.87
N PRO D 414 3.74 0.19 35.09
CA PRO D 414 2.43 0.51 35.66
C PRO D 414 2.48 1.28 36.99
N ASN D 415 3.57 1.12 37.76
CA ASN D 415 3.77 1.93 38.99
C ASN D 415 3.96 3.43 38.73
N GLN D 416 4.17 3.82 37.45
CA GLN D 416 4.32 5.23 37.03
C GLN D 416 3.01 5.81 36.47
N ILE D 417 2.01 4.95 36.29
CA ILE D 417 0.80 5.32 35.57
C ILE D 417 -0.33 5.65 36.53
N PRO D 418 -0.75 6.94 36.59
CA PRO D 418 -1.85 7.35 37.48
C PRO D 418 -3.09 6.45 37.46
N THR D 419 -3.59 6.05 36.29
CA THR D 419 -4.82 5.24 36.26
C THR D 419 -4.61 3.80 36.77
N GLN D 420 -3.37 3.33 36.70
CA GLN D 420 -2.99 2.06 37.28
C GLN D 420 -2.93 2.13 38.81
N ILE D 421 -2.34 3.20 39.31
CA ILE D 421 -2.23 3.43 40.75
C ILE D 421 -3.61 3.58 41.37
N ILE D 422 -4.45 4.38 40.73
CA ILE D 422 -5.83 4.58 41.11
C ILE D 422 -6.58 3.24 41.15
N MET D 423 -6.42 2.42 40.10
CA MET D 423 -7.05 1.12 40.04
C MET D 423 -6.61 0.19 41.16
N GLU D 424 -5.32 0.13 41.44
CA GLU D 424 -4.79 -0.75 42.49
C GLU D 424 -5.38 -0.35 43.84
N LYS D 425 -5.44 0.95 44.11
CA LYS D 425 -5.87 1.44 45.42
C LYS D 425 -7.37 1.23 45.60
N ALA D 426 -8.15 1.60 44.58
CA ALA D 426 -9.61 1.38 44.55
C ALA D 426 -9.97 -0.08 44.82
N LEU D 427 -9.12 -0.99 44.33
CA LEU D 427 -9.31 -2.43 44.52
C LEU D 427 -9.34 -2.83 45.99
N GLU D 428 -8.67 -2.05 46.85
CA GLU D 428 -8.71 -2.32 48.31
C GLU D 428 -10.12 -2.18 48.88
N LYS D 429 -10.95 -1.41 48.18
CA LYS D 429 -12.33 -1.21 48.56
C LYS D 429 -13.29 -2.13 47.82
N GLY D 430 -12.75 -3.16 47.16
CA GLY D 430 -13.57 -4.05 46.32
C GLY D 430 -14.22 -3.36 45.12
N VAL D 431 -13.59 -2.29 44.62
CA VAL D 431 -14.11 -1.61 43.41
C VAL D 431 -13.07 -1.68 42.27
N LEU D 432 -13.56 -2.03 41.07
CA LEU D 432 -12.75 -2.02 39.83
C LEU D 432 -13.07 -0.72 39.10
N ILE D 433 -12.07 0.14 38.94
CA ILE D 433 -12.24 1.44 38.34
C ILE D 433 -10.84 1.93 37.91
N GLY D 434 -10.77 2.65 36.79
CA GLY D 434 -9.46 3.04 36.24
C GLY D 434 -9.64 3.57 34.83
N GLY D 435 -8.72 3.22 33.94
CA GLY D 435 -8.81 3.61 32.53
C GLY D 435 -7.81 2.89 31.65
N ALA D 436 -8.00 3.03 30.34
CA ALA D 436 -7.04 2.52 29.35
C ALA D 436 -5.87 3.47 29.16
N MET D 437 -6.14 4.78 29.19
CA MET D 437 -5.12 5.82 28.97
C MET D 437 -4.40 6.14 30.29
N PRO D 438 -3.13 6.60 30.22
CA PRO D 438 -2.36 6.72 31.47
C PRO D 438 -2.85 7.85 32.40
N ASN D 439 -3.37 8.94 31.83
CA ASN D 439 -3.76 10.13 32.59
C ASN D 439 -5.27 10.35 32.65
N THR D 440 -6.07 9.37 32.22
CA THR D 440 -7.50 9.59 32.03
C THR D 440 -8.31 8.35 32.43
N MET D 441 -9.20 8.53 33.40
CA MET D 441 -10.09 7.43 33.78
C MET D 441 -11.13 7.25 32.69
N ARG D 442 -11.59 6.01 32.50
CA ARG D 442 -12.76 5.75 31.66
C ARG D 442 -13.73 4.97 32.52
N ILE D 443 -14.77 5.65 32.99
CA ILE D 443 -15.67 5.08 33.98
C ILE D 443 -17.00 4.66 33.36
N GLY D 444 -17.39 3.41 33.59
CA GLY D 444 -18.74 3.03 33.26
C GLY D 444 -19.30 1.89 34.09
N ALA D 445 -20.63 1.84 34.17
CA ALA D 445 -21.32 0.70 34.77
C ALA D 445 -22.50 0.31 33.92
N SER D 446 -23.32 -0.62 34.42
CA SER D 446 -24.55 -1.02 33.74
C SER D 446 -25.49 0.18 33.73
N LEU D 447 -26.39 0.21 32.75
CA LEU D 447 -27.31 1.34 32.58
C LEU D 447 -28.20 1.48 33.81
N ASN D 448 -28.50 0.33 34.42
CA ASN D 448 -29.36 0.22 35.59
C ASN D 448 -28.60 0.16 36.92
N VAL D 449 -27.34 0.62 36.95
CA VAL D 449 -26.54 0.69 38.18
C VAL D 449 -27.28 1.45 39.29
N SER D 450 -27.32 0.89 40.50
CA SER D 450 -28.01 1.55 41.62
C SER D 450 -27.22 2.77 42.11
N ARG D 451 -27.89 3.71 42.77
CA ARG D 451 -27.21 4.84 43.41
C ARG D 451 -26.22 4.37 44.46
N GLY D 452 -26.59 3.32 45.21
CA GLY D 452 -25.71 2.78 46.26
C GLY D 452 -24.38 2.33 45.66
N ASP D 453 -24.42 1.66 44.51
CA ASP D 453 -23.17 1.25 43.86
C ASP D 453 -22.37 2.44 43.32
N ILE D 454 -23.06 3.45 42.78
CA ILE D 454 -22.38 4.70 42.34
C ILE D 454 -21.63 5.34 43.51
N ASP D 455 -22.34 5.54 44.63
CA ASP D 455 -21.71 6.05 45.87
C ASP D 455 -20.50 5.22 46.29
N LYS D 456 -20.63 3.90 46.23
CA LYS D 456 -19.54 2.98 46.61
C LYS D 456 -18.36 3.10 45.66
N ALA D 457 -18.64 3.21 44.37
CA ALA D 457 -17.55 3.44 43.41
C ALA D 457 -16.86 4.79 43.63
N MET D 458 -17.65 5.83 43.85
CA MET D 458 -17.13 7.19 44.03
C MET D 458 -16.35 7.35 45.35
N ASP D 459 -16.76 6.61 46.39
CA ASP D 459 -16.01 6.58 47.64
C ASP D 459 -14.65 5.94 47.41
N ALA D 460 -14.63 4.83 46.67
CA ALA D 460 -13.36 4.14 46.37
C ALA D 460 -12.41 5.00 45.54
N LEU D 461 -12.97 5.82 44.64
CA LEU D 461 -12.19 6.77 43.83
C LEU D 461 -11.60 7.90 44.69
N ASP D 462 -12.44 8.46 45.56
CA ASP D 462 -12.04 9.44 46.59
C ASP D 462 -10.81 8.92 47.35
N TYR D 463 -10.95 7.71 47.86
CA TYR D 463 -9.91 7.02 48.59
C TYR D 463 -8.65 6.86 47.77
N ALA D 464 -8.77 6.41 46.51
CA ALA D 464 -7.61 6.24 45.62
C ALA D 464 -6.92 7.58 45.32
N LEU D 465 -7.71 8.63 45.13
CA LEU D 465 -7.17 9.97 44.84
C LEU D 465 -6.41 10.61 46.00
N ASP D 466 -6.86 10.35 47.23
CA ASP D 466 -6.08 10.70 48.44
C ASP D 466 -4.69 10.06 48.36
N TYR D 467 -4.65 8.77 48.02
CA TYR D 467 -3.37 8.08 47.89
C TYR D 467 -2.49 8.63 46.77
N LEU D 468 -3.09 8.88 45.60
CA LEU D 468 -2.34 9.46 44.48
C LEU D 468 -1.73 10.78 44.94
N GLU D 469 -2.56 11.61 45.56
CA GLU D 469 -2.20 12.95 45.97
C GLU D 469 -1.24 12.98 47.15
N SER D 470 -1.17 11.88 47.90
CA SER D 470 -0.19 11.76 48.98
C SER D 470 1.24 11.54 48.46
N GLY D 471 1.36 11.07 47.21
CA GLY D 471 2.67 10.76 46.64
C GLY D 471 3.41 9.58 47.24
N GLU D 472 2.75 8.86 48.16
CA GLU D 472 3.34 7.71 48.83
C GLU D 472 3.78 6.63 47.85
N TRP D 473 3.12 6.56 46.70
CA TRP D 473 3.59 5.75 45.58
C TRP D 473 4.76 6.49 44.93
#